data_4N0W
#
_entry.id   4N0W
#
_cell.length_a   65.580
_cell.length_b   178.650
_cell.length_c   75.660
_cell.angle_alpha   90.000
_cell.angle_beta   114.700
_cell.angle_gamma   90.000
#
_symmetry.space_group_name_H-M   'P 1 21 1'
#
loop_
_entity.id
_entity.type
_entity.pdbx_description
1 polymer 'Serine hydroxymethyltransferase'
2 non-polymer "PYRIDOXAL-5'-PHOSPHATE"
3 non-polymer 'SULFATE ION'
4 water water
#
_entity_poly.entity_id   1
_entity_poly.type   'polypeptide(L)'
_entity_poly.pdbx_seq_one_letter_code
;MAHHHHHHSMFDRAQSTIANVDPEIFAAIEQENRRQEDHIELIASENYTSPAVMAAQGSQLTNKYAEGYPGKRYYGGCEY
VDVVEQLAIDRVKQLFGAEAANVQPNSGSQANQGVFFAMLKPGDTIMGMSLAHGGHLTHGSPVNMSGKWFNVVSYGLNEN
EDIDYDAAEKLANEHKPKLIVAGASAFALKIDFERLAKIAKSVGAYLMVDMAHYAGLIAAGVYPNPVPHADFVTTTTHKS
LRGPRGGVILMKAEYEKPINSAIFPGIQGGPLMHVIAAKAVAFKEALSPEFKEYQQKVVENARVLAETLVKRGLRIVSGR
TESHVMLVDLRAKHITGKAAEAALGAAHITVNKNAIPNDPEKPFVTSGIRLGSPAMTTRGFGPAEAEQVGNLIADVLENP
EDAATIERVRAQVAELTKRFPVYR
;
_entity_poly.pdbx_strand_id   A,B,C,D
#
loop_
_chem_comp.id
_chem_comp.type
_chem_comp.name
_chem_comp.formula
PLP non-polymer PYRIDOXAL-5'-PHOSPHATE 'C8 H10 N O6 P'
SO4 non-polymer 'SULFATE ION' 'O4 S -2'
#
# COMPACT_ATOMS: atom_id res chain seq x y z
N SER A 9 -0.57 -31.57 -4.70
CA SER A 9 0.56 -31.66 -5.65
C SER A 9 1.75 -30.93 -5.05
N MET A 10 2.86 -30.90 -5.78
CA MET A 10 4.07 -30.24 -5.30
C MET A 10 3.89 -28.72 -5.09
N PHE A 11 2.85 -28.11 -5.68
CA PHE A 11 2.57 -26.65 -5.58
C PHE A 11 1.17 -26.30 -5.07
N ASP A 12 0.55 -27.29 -4.43
CA ASP A 12 -0.71 -27.11 -3.72
C ASP A 12 -0.32 -26.87 -2.26
N ARG A 13 -0.72 -25.71 -1.72
CA ARG A 13 -0.33 -25.33 -0.35
C ARG A 13 -0.95 -26.26 0.70
N ALA A 14 -2.07 -26.92 0.33
CA ALA A 14 -2.67 -27.96 1.20
C ALA A 14 -1.73 -29.16 1.39
N GLN A 15 -1.07 -29.59 0.31
CA GLN A 15 -0.23 -30.79 0.32
C GLN A 15 1.26 -30.54 0.54
N SER A 16 1.76 -29.43 -0.01
CA SER A 16 3.17 -29.08 0.14
C SER A 16 3.44 -28.37 1.48
N THR A 17 3.47 -29.15 2.54
CA THR A 17 3.79 -28.66 3.87
C THR A 17 5.11 -29.30 4.25
N ILE A 18 5.85 -28.71 5.17
CA ILE A 18 7.11 -29.31 5.55
C ILE A 18 6.87 -30.74 6.08
N ALA A 19 5.85 -30.90 6.91
CA ALA A 19 5.56 -32.20 7.52
C ALA A 19 5.31 -33.28 6.49
N ASN A 20 4.60 -32.96 5.41
CA ASN A 20 4.30 -33.96 4.38
C ASN A 20 5.48 -34.21 3.46
N VAL A 21 6.15 -33.15 3.08
CA VAL A 21 7.22 -33.24 2.06
C VAL A 21 8.52 -33.76 2.65
N ASP A 22 8.81 -33.36 3.88
CA ASP A 22 10.11 -33.60 4.48
C ASP A 22 9.94 -33.77 5.98
N PRO A 23 9.43 -34.95 6.37
CA PRO A 23 9.20 -35.21 7.81
C PRO A 23 10.45 -35.03 8.67
N GLU A 24 11.64 -35.38 8.14
CA GLU A 24 12.86 -35.26 8.90
C GLU A 24 13.18 -33.80 9.23
N ILE A 25 13.07 -32.94 8.22
CA ILE A 25 13.28 -31.52 8.45
C ILE A 25 12.20 -30.93 9.33
N PHE A 26 10.95 -31.31 9.11
CA PHE A 26 9.87 -30.90 10.00
C PHE A 26 10.16 -31.22 11.47
N ALA A 27 10.58 -32.45 11.73
CA ALA A 27 10.84 -32.89 13.10
C ALA A 27 11.96 -32.04 13.72
N ALA A 28 13.01 -31.78 12.95
CA ALA A 28 14.14 -30.96 13.44
C ALA A 28 13.71 -29.54 13.76
N ILE A 29 12.89 -28.95 12.88
CA ILE A 29 12.37 -27.61 13.14
C ILE A 29 11.52 -27.56 14.41
N GLU A 30 10.64 -28.54 14.58
CA GLU A 30 9.81 -28.58 15.77
C GLU A 30 10.66 -28.66 17.04
N GLN A 31 11.72 -29.44 16.99
CA GLN A 31 12.65 -29.55 18.12
C GLN A 31 13.37 -28.24 18.37
N GLU A 32 13.77 -27.55 17.31
CA GLU A 32 14.39 -26.23 17.48
C GLU A 32 13.41 -25.22 18.10
N ASN A 33 12.15 -25.24 17.66
CA ASN A 33 11.13 -24.35 18.26
C ASN A 33 11.04 -24.59 19.78
N ARG A 34 11.04 -25.86 20.17
CA ARG A 34 10.99 -26.27 21.58
C ARG A 34 12.26 -25.84 22.34
N ARG A 35 13.43 -26.02 21.69
CA ARG A 35 14.69 -25.61 22.28
C ARG A 35 14.71 -24.11 22.59
N GLN A 36 14.18 -23.32 21.67
CA GLN A 36 14.11 -21.89 21.86
C GLN A 36 13.26 -21.54 23.08
N GLU A 37 12.15 -22.23 23.24
CA GLU A 37 11.31 -22.03 24.43
C GLU A 37 12.00 -22.42 25.68
N ASP A 38 12.72 -23.54 25.66
CA ASP A 38 13.14 -24.21 26.92
C ASP A 38 14.48 -23.78 27.51
N HIS A 39 15.19 -22.90 26.83
CA HIS A 39 16.43 -22.35 27.37
C HIS A 39 16.34 -20.85 27.52
N ILE A 40 17.02 -20.32 28.52
CA ILE A 40 17.20 -18.87 28.65
C ILE A 40 18.45 -18.50 27.84
N GLU A 41 18.23 -17.75 26.77
CA GLU A 41 19.28 -17.35 25.84
C GLU A 41 19.91 -16.05 26.29
N LEU A 42 21.18 -16.11 26.68
CA LEU A 42 21.95 -14.92 27.06
C LEU A 42 23.10 -14.63 26.09
N ILE A 43 23.13 -15.32 24.97
CA ILE A 43 24.11 -14.96 23.95
C ILE A 43 23.73 -13.59 23.38
N ALA A 44 24.68 -12.65 23.43
CA ALA A 44 24.35 -11.25 23.26
C ALA A 44 24.01 -10.87 21.83
N SER A 45 24.39 -11.75 20.89
CA SER A 45 24.06 -11.59 19.46
C SER A 45 22.73 -12.25 19.05
N GLU A 46 22.03 -12.89 19.98
CA GLU A 46 20.80 -13.61 19.67
C GLU A 46 19.55 -12.80 20.02
N ASN A 47 18.47 -13.07 19.31
CA ASN A 47 17.21 -12.47 19.62
C ASN A 47 16.11 -13.37 19.02
N TYR A 48 14.86 -13.02 19.23
CA TYR A 48 13.72 -13.70 18.63
C TYR A 48 12.96 -12.69 17.77
N THR A 49 12.84 -12.96 16.48
CA THR A 49 12.18 -11.99 15.60
C THR A 49 10.69 -12.32 15.53
N SER A 50 9.92 -11.33 15.08
CA SER A 50 8.47 -11.45 15.16
C SER A 50 7.86 -12.42 14.16
N PRO A 51 6.64 -12.92 14.44
CA PRO A 51 5.95 -13.71 13.45
C PRO A 51 5.76 -12.98 12.12
N ALA A 52 5.50 -11.67 12.16
CA ALA A 52 5.35 -10.92 10.91
C ALA A 52 6.63 -10.88 10.06
N VAL A 53 7.79 -10.73 10.71
CA VAL A 53 9.07 -10.75 10.03
C VAL A 53 9.28 -12.12 9.37
N MET A 54 9.04 -13.19 10.13
CA MET A 54 9.19 -14.55 9.59
C MET A 54 8.25 -14.77 8.41
N ALA A 55 7.00 -14.31 8.54
CA ALA A 55 6.02 -14.49 7.47
C ALA A 55 6.50 -13.81 6.17
N ALA A 56 7.08 -12.62 6.30
CA ALA A 56 7.60 -11.92 5.11
C ALA A 56 8.67 -12.70 4.41
N GLN A 57 9.58 -13.29 5.17
CA GLN A 57 10.64 -14.05 4.50
C GLN A 57 10.23 -15.44 4.08
N GLY A 58 9.04 -15.89 4.53
CA GLY A 58 8.38 -17.06 3.98
C GLY A 58 7.48 -16.80 2.77
N SER A 59 7.59 -15.61 2.16
CA SER A 59 6.66 -15.20 1.09
C SER A 59 7.16 -15.58 -0.30
N GLN A 60 6.31 -15.34 -1.28
CA GLN A 60 6.62 -15.59 -2.70
C GLN A 60 7.66 -14.62 -3.28
N LEU A 61 8.09 -13.62 -2.52
CA LEU A 61 9.14 -12.71 -3.00
C LEU A 61 10.47 -13.44 -3.25
N THR A 62 10.63 -14.64 -2.70
CA THR A 62 11.79 -15.47 -3.05
C THR A 62 11.85 -15.83 -4.54
N ASN A 63 10.72 -15.75 -5.24
CA ASN A 63 10.66 -16.05 -6.66
C ASN A 63 11.13 -14.96 -7.58
N LYS A 64 11.40 -13.77 -7.09
CA LYS A 64 11.69 -12.66 -7.98
C LYS A 64 13.21 -12.33 -8.07
N TYR A 65 13.72 -12.30 -9.30
CA TYR A 65 15.09 -11.81 -9.61
C TYR A 65 14.99 -10.32 -9.81
N ALA A 66 15.67 -9.55 -8.98
CA ALA A 66 15.55 -8.10 -9.02
C ALA A 66 16.90 -7.43 -8.92
N GLU A 67 17.85 -7.92 -9.69
CA GLU A 67 19.17 -7.26 -9.78
C GLU A 67 19.02 -5.78 -10.16
N GLY A 68 19.84 -4.98 -9.52
CA GLY A 68 19.78 -3.53 -9.64
C GLY A 68 19.10 -2.91 -8.44
N TYR A 69 18.53 -1.73 -8.66
CA TYR A 69 17.95 -0.94 -7.57
C TYR A 69 16.56 -0.45 -7.98
N PRO A 70 15.79 0.06 -7.02
CA PRO A 70 14.41 0.48 -7.34
C PRO A 70 14.36 1.47 -8.49
N GLY A 71 13.53 1.16 -9.48
CA GLY A 71 13.41 1.99 -10.69
C GLY A 71 14.59 1.92 -11.64
N LYS A 72 15.56 1.05 -11.32
CA LYS A 72 16.79 0.92 -12.08
C LYS A 72 17.18 -0.57 -12.07
N ARG A 73 16.24 -1.40 -12.51
CA ARG A 73 16.43 -2.87 -12.48
C ARG A 73 16.84 -3.38 -13.83
N TYR A 74 17.51 -4.54 -13.84
CA TYR A 74 17.90 -5.18 -15.10
C TYR A 74 16.64 -5.77 -15.79
N TYR A 75 15.75 -6.36 -15.01
CA TYR A 75 14.55 -7.06 -15.54
C TYR A 75 13.28 -6.28 -15.28
N GLY A 76 12.25 -6.59 -16.07
CA GLY A 76 10.94 -6.03 -15.84
C GLY A 76 10.20 -6.68 -14.69
N GLY A 77 9.00 -6.17 -14.44
CA GLY A 77 8.11 -6.76 -13.45
C GLY A 77 8.47 -6.47 -12.01
N CYS A 78 9.29 -5.43 -11.75
CA CYS A 78 9.76 -5.16 -10.41
C CYS A 78 8.97 -4.07 -9.70
N GLU A 79 7.78 -3.71 -10.19
CA GLU A 79 7.01 -2.62 -9.58
CA GLU A 79 6.99 -2.63 -9.57
C GLU A 79 6.80 -2.82 -8.08
N TYR A 80 6.47 -4.03 -7.66
CA TYR A 80 6.08 -4.27 -6.28
C TYR A 80 7.26 -4.53 -5.39
N VAL A 81 8.28 -5.23 -5.89
CA VAL A 81 9.51 -5.38 -5.13
C VAL A 81 10.23 -4.03 -4.98
N ASP A 82 10.03 -3.10 -5.92
CA ASP A 82 10.55 -1.76 -5.81
C ASP A 82 9.89 -1.04 -4.62
N VAL A 83 8.59 -1.20 -4.45
CA VAL A 83 7.88 -0.59 -3.32
C VAL A 83 8.49 -1.13 -2.01
N VAL A 84 8.66 -2.44 -1.94
CA VAL A 84 9.26 -3.11 -0.77
C VAL A 84 10.64 -2.59 -0.45
N GLU A 85 11.53 -2.56 -1.43
CA GLU A 85 12.89 -2.15 -1.16
C GLU A 85 12.96 -0.68 -0.78
N GLN A 86 12.22 0.15 -1.46
CA GLN A 86 12.24 1.57 -1.14
C GLN A 86 11.69 1.86 0.25
N LEU A 87 10.66 1.11 0.67
CA LEU A 87 10.19 1.23 2.05
C LEU A 87 11.30 0.87 3.04
N ALA A 88 11.99 -0.24 2.77
CA ALA A 88 13.12 -0.63 3.63
C ALA A 88 14.16 0.45 3.69
N ILE A 89 14.53 1.01 2.53
CA ILE A 89 15.52 2.08 2.50
C ILE A 89 15.04 3.29 3.30
N ASP A 90 13.81 3.72 3.01
CA ASP A 90 13.31 4.94 3.64
C ASP A 90 13.22 4.78 5.16
N ARG A 91 12.74 3.63 5.60
CA ARG A 91 12.57 3.40 7.03
C ARG A 91 13.89 3.32 7.76
N VAL A 92 14.90 2.67 7.17
CA VAL A 92 16.17 2.54 7.85
C VAL A 92 16.90 3.89 7.88
N LYS A 93 16.74 4.70 6.83
CA LYS A 93 17.25 6.09 6.85
C LYS A 93 16.59 6.87 7.99
N GLN A 94 15.28 6.68 8.14
CA GLN A 94 14.53 7.40 9.19
C GLN A 94 14.96 6.95 10.58
N LEU A 95 15.15 5.65 10.77
CA LEU A 95 15.58 5.10 12.03
C LEU A 95 16.88 5.68 12.54
N PHE A 96 17.84 5.86 11.64
CA PHE A 96 19.19 6.22 12.05
C PHE A 96 19.63 7.64 11.64
N GLY A 97 18.77 8.33 10.89
CA GLY A 97 19.11 9.63 10.36
C GLY A 97 20.18 9.59 9.27
N ALA A 98 20.22 8.51 8.50
CA ALA A 98 21.25 8.32 7.50
C ALA A 98 20.89 9.05 6.22
N GLU A 99 21.92 9.52 5.51
CA GLU A 99 21.72 10.20 4.23
C GLU A 99 21.35 9.26 3.10
N ALA A 100 21.84 8.03 3.17
CA ALA A 100 21.56 7.00 2.14
C ALA A 100 21.71 5.64 2.78
N ALA A 101 21.12 4.64 2.15
CA ALA A 101 21.21 3.27 2.62
C ALA A 101 21.14 2.29 1.50
N ASN A 102 21.73 1.12 1.76
CA ASN A 102 21.64 -0.03 0.88
C ASN A 102 21.15 -1.18 1.76
N VAL A 103 20.00 -1.75 1.41
CA VAL A 103 19.37 -2.77 2.20
C VAL A 103 19.52 -4.18 1.60
N GLN A 104 20.36 -4.29 0.56
CA GLN A 104 20.60 -5.57 -0.10
C GLN A 104 21.62 -6.52 0.55
N PRO A 105 22.53 -6.04 1.45
CA PRO A 105 23.53 -7.03 1.89
C PRO A 105 22.93 -8.30 2.47
N ASN A 106 23.48 -9.44 2.04
CA ASN A 106 23.00 -10.74 2.46
C ASN A 106 23.26 -11.03 3.95
N SER A 107 24.14 -10.26 4.57
CA SER A 107 24.58 -10.53 5.92
C SER A 107 25.34 -9.31 6.43
N GLY A 108 25.69 -9.29 7.72
CA GLY A 108 26.61 -8.30 8.23
C GLY A 108 27.97 -8.35 7.58
N SER A 109 28.45 -9.58 7.36
CA SER A 109 29.72 -9.78 6.66
C SER A 109 29.73 -9.16 5.27
N GLN A 110 28.67 -9.36 4.50
CA GLN A 110 28.57 -8.76 3.15
C GLN A 110 28.42 -7.25 3.20
N ALA A 111 27.76 -6.73 4.24
CA ALA A 111 27.68 -5.28 4.39
C ALA A 111 29.10 -4.69 4.55
N ASN A 112 29.92 -5.28 5.43
CA ASN A 112 31.28 -4.84 5.61
C ASN A 112 32.10 -4.97 4.34
N GLN A 113 31.95 -6.10 3.66
CA GLN A 113 32.69 -6.37 2.44
C GLN A 113 32.32 -5.39 1.34
N GLY A 114 31.05 -4.95 1.31
CA GLY A 114 30.61 -3.92 0.35
C GLY A 114 31.35 -2.63 0.51
N VAL A 115 31.50 -2.16 1.75
CA VAL A 115 32.28 -0.96 2.03
C VAL A 115 33.74 -1.14 1.58
N PHE A 116 34.35 -2.28 1.94
CA PHE A 116 35.74 -2.52 1.58
C PHE A 116 35.93 -2.57 0.05
N PHE A 117 35.04 -3.24 -0.66
CA PHE A 117 35.11 -3.36 -2.11
C PHE A 117 34.94 -1.99 -2.78
N ALA A 118 34.05 -1.16 -2.22
CA ALA A 118 33.82 0.18 -2.75
C ALA A 118 35.02 1.09 -2.58
N MET A 119 35.66 1.04 -1.42
CA MET A 119 36.57 2.11 -0.99
C MET A 119 38.05 1.76 -0.98
N LEU A 120 38.37 0.46 -0.97
CA LEU A 120 39.72 -0.01 -0.80
C LEU A 120 40.18 -0.88 -1.96
N LYS A 121 41.48 -1.16 -1.99
CA LYS A 121 42.05 -2.16 -2.88
C LYS A 121 42.84 -3.13 -2.01
N PRO A 122 42.96 -4.40 -2.44
CA PRO A 122 43.80 -5.34 -1.69
C PRO A 122 45.18 -4.78 -1.35
N GLY A 123 45.62 -5.05 -0.11
CA GLY A 123 46.85 -4.56 0.39
C GLY A 123 46.78 -3.25 1.14
N ASP A 124 45.67 -2.53 1.04
CA ASP A 124 45.52 -1.28 1.75
C ASP A 124 45.56 -1.53 3.27
N THR A 125 45.95 -0.49 4.00
CA THR A 125 46.03 -0.56 5.45
C THR A 125 44.71 -0.12 6.05
N ILE A 126 44.21 -0.90 7.01
CA ILE A 126 43.03 -0.53 7.78
C ILE A 126 43.34 -0.66 9.26
N MET A 127 42.58 0.04 10.09
CA MET A 127 42.66 -0.11 11.55
C MET A 127 41.34 -0.65 12.02
N GLY A 128 41.39 -1.53 13.03
CA GLY A 128 40.17 -2.03 13.64
C GLY A 128 40.41 -2.33 15.09
N MET A 129 39.35 -2.52 15.85
CA MET A 129 39.51 -2.87 17.26
C MET A 129 40.05 -4.30 17.37
N SER A 130 41.02 -4.50 18.24
CA SER A 130 41.61 -5.80 18.50
C SER A 130 40.52 -6.87 18.81
N LEU A 131 40.61 -8.03 18.15
N LEU A 131 40.61 -8.01 18.15
CA LEU A 131 39.71 -9.16 18.46
CA LEU A 131 39.73 -9.13 18.44
C LEU A 131 39.86 -9.62 19.91
C LEU A 131 39.87 -9.62 19.90
N ALA A 132 41.08 -9.62 20.41
CA ALA A 132 41.35 -10.00 21.79
C ALA A 132 40.66 -9.07 22.80
N HIS A 133 40.29 -7.86 22.37
CA HIS A 133 39.73 -6.85 23.26
C HIS A 133 38.29 -6.49 22.96
N GLY A 134 37.68 -7.22 22.05
CA GLY A 134 36.25 -7.09 21.83
C GLY A 134 35.82 -6.81 20.40
N GLY A 135 36.80 -6.65 19.50
CA GLY A 135 36.52 -6.49 18.09
C GLY A 135 36.00 -7.78 17.48
N HIS A 136 35.38 -7.66 16.33
CA HIS A 136 34.76 -8.80 15.61
C HIS A 136 35.73 -9.35 14.56
N LEU A 137 35.51 -10.62 14.22
CA LEU A 137 36.23 -11.31 13.16
C LEU A 137 36.39 -10.49 11.87
N THR A 138 35.34 -9.76 11.54
CA THR A 138 35.26 -9.00 10.30
C THR A 138 35.99 -7.66 10.39
N HIS A 139 36.66 -7.40 11.50
CA HIS A 139 37.37 -6.14 11.71
C HIS A 139 38.87 -6.34 11.56
N GLY A 140 39.27 -7.40 10.86
CA GLY A 140 40.68 -7.61 10.52
C GLY A 140 41.32 -8.94 10.86
N SER A 141 40.53 -9.98 11.21
CA SER A 141 41.12 -11.32 11.48
C SER A 141 41.90 -11.82 10.26
N PRO A 142 43.07 -12.42 10.48
CA PRO A 142 43.88 -12.87 9.32
C PRO A 142 43.26 -14.05 8.55
N VAL A 143 42.26 -14.70 9.13
CA VAL A 143 41.57 -15.81 8.43
C VAL A 143 40.22 -15.39 7.88
N ASN A 144 39.91 -14.10 8.03
CA ASN A 144 38.74 -13.50 7.43
C ASN A 144 39.21 -12.63 6.29
N MET A 145 38.30 -12.32 5.39
CA MET A 145 38.73 -11.51 4.28
C MET A 145 39.35 -10.21 4.74
N SER A 146 38.73 -9.61 5.75
CA SER A 146 39.13 -8.31 6.28
C SER A 146 40.64 -8.24 6.61
N GLY A 147 41.23 -9.35 7.03
CA GLY A 147 42.61 -9.38 7.43
C GLY A 147 43.49 -10.14 6.48
N LYS A 148 42.94 -11.05 5.68
CA LYS A 148 43.78 -11.86 4.81
C LYS A 148 44.27 -11.06 3.61
N TRP A 149 43.40 -10.22 3.06
CA TRP A 149 43.70 -9.46 1.86
C TRP A 149 44.05 -7.99 2.13
N PHE A 150 44.06 -7.58 3.39
CA PHE A 150 44.40 -6.19 3.76
C PHE A 150 45.43 -6.18 4.87
N ASN A 151 46.10 -5.04 5.04
CA ASN A 151 47.09 -4.88 6.09
C ASN A 151 46.40 -4.28 7.30
N VAL A 152 46.34 -5.05 8.39
CA VAL A 152 45.55 -4.67 9.55
C VAL A 152 46.41 -4.22 10.73
N VAL A 153 46.06 -3.06 11.26
CA VAL A 153 46.61 -2.56 12.49
C VAL A 153 45.47 -2.46 13.50
N SER A 154 45.66 -3.01 14.69
CA SER A 154 44.59 -3.03 15.68
CA SER A 154 44.59 -3.03 15.66
C SER A 154 44.86 -2.10 16.85
N TYR A 155 43.77 -1.59 17.42
CA TYR A 155 43.82 -0.78 18.61
C TYR A 155 42.97 -1.48 19.66
N GLY A 156 43.30 -1.25 20.92
CA GLY A 156 42.55 -1.91 21.98
C GLY A 156 42.20 -1.02 23.16
N LEU A 157 42.15 -1.65 24.34
CA LEU A 157 41.77 -1.01 25.57
C LEU A 157 42.96 -0.49 26.36
N ASN A 158 42.70 0.49 27.22
CA ASN A 158 43.66 0.95 28.19
C ASN A 158 43.55 0.15 29.49
N GLU A 159 44.28 0.55 30.53
CA GLU A 159 44.29 -0.14 31.83
C GLU A 159 42.91 -0.15 32.51
N ASN A 160 42.07 0.84 32.20
CA ASN A 160 40.72 0.95 32.76
C ASN A 160 39.72 0.12 31.98
N GLU A 161 40.20 -0.56 30.93
CA GLU A 161 39.36 -1.38 30.07
C GLU A 161 38.30 -0.58 29.28
N ASP A 162 38.67 0.66 28.95
CA ASP A 162 37.93 1.46 27.99
C ASP A 162 38.84 1.57 26.75
N ILE A 163 38.28 2.02 25.64
CA ILE A 163 39.08 2.15 24.42
C ILE A 163 40.17 3.17 24.63
N ASP A 164 41.38 2.84 24.19
CA ASP A 164 42.53 3.72 24.35
C ASP A 164 42.57 4.63 23.14
N TYR A 165 41.84 5.74 23.22
CA TYR A 165 41.71 6.66 22.07
C TYR A 165 43.05 7.31 21.77
N ASP A 166 43.81 7.64 22.80
CA ASP A 166 45.14 8.23 22.62
C ASP A 166 46.04 7.29 21.83
N ALA A 167 46.02 6.01 22.20
CA ALA A 167 46.81 5.03 21.48
C ALA A 167 46.31 4.83 20.05
N ALA A 168 45.00 4.86 19.85
CA ALA A 168 44.43 4.71 18.50
C ALA A 168 44.90 5.88 17.64
N GLU A 169 44.93 7.06 18.22
CA GLU A 169 45.35 8.26 17.48
C GLU A 169 46.81 8.14 17.07
N LYS A 170 47.67 7.69 17.98
CA LYS A 170 49.10 7.50 17.66
C LYS A 170 49.29 6.45 16.57
N LEU A 171 48.54 5.34 16.65
CA LEU A 171 48.60 4.32 15.60
C LEU A 171 48.16 4.86 14.25
N ALA A 172 47.08 5.64 14.24
CA ALA A 172 46.59 6.21 12.99
C ALA A 172 47.63 7.13 12.34
N ASN A 173 48.29 7.93 13.17
CA ASN A 173 49.32 8.80 12.65
C ASN A 173 50.54 8.03 12.16
N GLU A 174 50.88 6.95 12.83
CA GLU A 174 52.02 6.11 12.42
C GLU A 174 51.75 5.37 11.11
N HIS A 175 50.59 4.74 11.01
CA HIS A 175 50.31 3.78 9.93
C HIS A 175 49.50 4.35 8.77
N LYS A 176 48.90 5.52 8.94
CA LYS A 176 48.14 6.17 7.89
C LYS A 176 47.12 5.24 7.24
N PRO A 177 46.18 4.68 8.01
CA PRO A 177 45.23 3.77 7.43
C PRO A 177 44.32 4.49 6.45
N LYS A 178 43.90 3.80 5.41
CA LYS A 178 42.93 4.32 4.47
C LYS A 178 41.53 4.39 5.11
N LEU A 179 41.29 3.48 6.04
CA LEU A 179 39.96 3.32 6.63
C LEU A 179 40.16 2.84 8.08
N ILE A 180 39.42 3.42 8.99
CA ILE A 180 39.38 3.00 10.39
C ILE A 180 38.01 2.35 10.65
N VAL A 181 38.03 1.15 11.22
CA VAL A 181 36.82 0.45 11.65
C VAL A 181 36.66 0.65 13.14
N ALA A 182 35.44 0.99 13.55
CA ALA A 182 35.07 1.03 14.94
C ALA A 182 33.82 0.18 15.14
N GLY A 183 33.54 -0.14 16.40
CA GLY A 183 32.47 -1.09 16.70
C GLY A 183 33.09 -2.36 17.28
N ALA A 184 32.24 -3.21 17.85
CA ALA A 184 32.72 -4.32 18.66
C ALA A 184 31.63 -5.34 18.80
N SER A 185 32.01 -6.57 19.11
CA SER A 185 31.05 -7.59 19.44
C SER A 185 31.04 -7.97 20.95
N ALA A 186 32.04 -7.54 21.71
CA ALA A 186 32.10 -7.81 23.14
C ALA A 186 32.70 -6.61 23.88
N PHE A 187 32.01 -5.50 23.86
CA PHE A 187 32.46 -4.30 24.57
C PHE A 187 31.22 -3.60 25.10
N ALA A 188 31.22 -3.34 26.40
CA ALA A 188 30.02 -2.95 27.10
C ALA A 188 29.74 -1.44 27.12
N LEU A 189 30.76 -0.63 26.87
CA LEU A 189 30.63 0.79 27.06
C LEU A 189 30.20 1.50 25.79
N LYS A 190 29.80 2.76 25.98
CA LYS A 190 29.56 3.66 24.87
C LYS A 190 30.90 3.93 24.20
N ILE A 191 30.93 3.78 22.88
CA ILE A 191 32.10 4.13 22.08
C ILE A 191 31.97 5.61 21.65
N ASP A 192 33.09 6.34 21.74
CA ASP A 192 33.12 7.74 21.39
C ASP A 192 33.35 7.90 19.87
N PHE A 193 32.26 7.84 19.12
CA PHE A 193 32.33 7.90 17.66
C PHE A 193 32.81 9.27 17.16
N GLU A 194 32.39 10.33 17.83
CA GLU A 194 32.84 11.69 17.50
C GLU A 194 34.37 11.76 17.56
N ARG A 195 34.94 11.20 18.62
CA ARG A 195 36.40 11.22 18.81
CA ARG A 195 36.40 11.22 18.80
C ARG A 195 37.10 10.40 17.73
N LEU A 196 36.56 9.25 17.41
CA LEU A 196 37.13 8.41 16.37
C LEU A 196 37.03 9.10 15.02
N ALA A 197 35.94 9.82 14.78
CA ALA A 197 35.81 10.57 13.53
C ALA A 197 36.89 11.67 13.43
N LYS A 198 37.19 12.34 14.56
CA LYS A 198 38.24 13.37 14.58
C LYS A 198 39.57 12.75 14.25
N ILE A 199 39.84 11.58 14.82
CA ILE A 199 41.09 10.88 14.56
C ILE A 199 41.18 10.52 13.07
N ALA A 200 40.10 9.97 12.53
CA ALA A 200 40.10 9.58 11.11
C ALA A 200 40.31 10.78 10.17
N LYS A 201 39.57 11.85 10.44
CA LYS A 201 39.70 13.07 9.63
C LYS A 201 41.13 13.59 9.71
N SER A 202 41.75 13.52 10.87
CA SER A 202 43.10 14.06 11.06
C SER A 202 44.16 13.35 10.23
N VAL A 203 43.91 12.09 9.84
CA VAL A 203 44.84 11.37 8.96
C VAL A 203 44.28 11.11 7.56
N GLY A 204 43.13 11.69 7.23
CA GLY A 204 42.50 11.47 5.91
C GLY A 204 41.94 10.07 5.68
N ALA A 205 41.52 9.39 6.75
CA ALA A 205 40.96 8.05 6.64
C ALA A 205 39.43 8.12 6.67
N TYR A 206 38.81 7.18 6.00
CA TYR A 206 37.37 6.97 6.15
C TYR A 206 37.12 6.40 7.53
N LEU A 207 35.96 6.70 8.10
CA LEU A 207 35.53 6.00 9.33
C LEU A 207 34.31 5.15 8.99
N MET A 208 34.43 3.85 9.25
CA MET A 208 33.35 2.89 9.14
C MET A 208 33.04 2.41 10.54
N VAL A 209 31.78 2.54 10.93
CA VAL A 209 31.35 2.00 12.21
C VAL A 209 30.46 0.79 11.92
N ASP A 210 30.84 -0.35 12.49
CA ASP A 210 30.06 -1.56 12.43
C ASP A 210 29.26 -1.65 13.71
N MET A 211 27.98 -1.25 13.62
CA MET A 211 27.11 -1.15 14.81
C MET A 211 26.18 -2.35 15.05
N ALA A 212 26.48 -3.51 14.44
CA ALA A 212 25.63 -4.67 14.51
C ALA A 212 25.11 -4.98 15.92
N HIS A 213 26.00 -4.97 16.91
CA HIS A 213 25.58 -5.34 18.26
C HIS A 213 24.65 -4.32 18.89
N TYR A 214 24.86 -3.07 18.55
CA TYR A 214 24.20 -1.96 19.23
C TYR A 214 23.03 -1.35 18.46
N ALA A 215 22.79 -1.80 17.24
CA ALA A 215 21.92 -1.05 16.31
C ALA A 215 20.50 -0.83 16.86
N GLY A 216 19.94 -1.82 17.52
CA GLY A 216 18.59 -1.66 18.10
C GLY A 216 18.58 -0.61 19.19
N LEU A 217 19.61 -0.62 20.03
CA LEU A 217 19.73 0.38 21.09
C LEU A 217 19.83 1.79 20.46
N ILE A 218 20.65 1.90 19.43
CA ILE A 218 20.86 3.18 18.73
C ILE A 218 19.55 3.68 18.14
N ALA A 219 18.80 2.78 17.50
CA ALA A 219 17.49 3.17 16.93
C ALA A 219 16.53 3.73 17.94
N ALA A 220 16.63 3.23 19.18
CA ALA A 220 15.77 3.64 20.25
C ALA A 220 16.30 4.84 21.03
N GLY A 221 17.50 5.30 20.69
CA GLY A 221 18.10 6.45 21.33
C GLY A 221 18.72 6.19 22.69
N VAL A 222 19.03 4.92 22.98
CA VAL A 222 19.63 4.55 24.26
C VAL A 222 21.12 4.15 24.18
N TYR A 223 21.73 4.36 23.02
CA TYR A 223 23.17 4.18 22.85
C TYR A 223 23.55 5.21 21.77
N PRO A 224 24.77 5.75 21.83
CA PRO A 224 25.10 6.84 20.86
C PRO A 224 25.08 6.43 19.40
N ASN A 225 24.60 7.34 18.56
CA ASN A 225 24.45 7.07 17.15
C ASN A 225 25.72 7.47 16.38
N PRO A 226 26.34 6.52 15.68
CA PRO A 226 27.55 6.83 14.91
C PRO A 226 27.27 7.57 13.60
N VAL A 227 26.03 7.56 13.14
CA VAL A 227 25.71 8.06 11.78
C VAL A 227 26.11 9.52 11.51
N PRO A 228 25.90 10.43 12.47
CA PRO A 228 26.35 11.81 12.23
C PRO A 228 27.86 11.96 12.06
N HIS A 229 28.64 10.97 12.51
CA HIS A 229 30.09 11.06 12.59
C HIS A 229 30.86 10.20 11.57
N ALA A 230 30.21 9.17 11.04
CA ALA A 230 30.91 8.18 10.21
C ALA A 230 30.62 8.39 8.74
N ASP A 231 31.58 8.04 7.90
CA ASP A 231 31.33 7.93 6.47
C ASP A 231 30.38 6.80 6.11
N PHE A 232 30.56 5.65 6.80
CA PHE A 232 29.80 4.42 6.56
C PHE A 232 29.46 3.83 7.89
N VAL A 233 28.25 3.31 8.00
CA VAL A 233 27.82 2.55 9.16
C VAL A 233 27.20 1.26 8.64
N THR A 234 27.75 0.13 9.08
CA THR A 234 27.24 -1.17 8.69
C THR A 234 26.54 -1.81 9.88
N THR A 235 25.64 -2.75 9.58
CA THR A 235 24.94 -3.46 10.61
C THR A 235 24.38 -4.75 10.07
N THR A 236 24.12 -5.68 10.97
CA THR A 236 23.17 -6.74 10.79
C THR A 236 21.74 -6.22 11.00
N THR A 237 20.76 -6.87 10.40
CA THR A 237 19.35 -6.55 10.68
C THR A 237 18.79 -7.39 11.79
N HIS A 238 19.45 -8.52 12.10
CA HIS A 238 19.22 -9.33 13.28
C HIS A 238 20.11 -8.81 14.42
N LYS A 239 20.17 -9.52 15.53
CA LYS A 239 20.81 -9.09 16.79
C LYS A 239 19.88 -8.06 17.47
N SER A 240 20.43 -6.98 18.04
CA SER A 240 19.58 -6.09 18.86
C SER A 240 18.47 -5.38 18.06
N LEU A 241 18.66 -5.20 16.76
CA LEU A 241 17.62 -4.62 15.92
C LEU A 241 16.41 -5.53 15.73
N ARG A 242 16.59 -6.83 16.03
CA ARG A 242 15.48 -7.81 16.14
C ARG A 242 14.77 -8.13 14.81
N GLY A 243 15.50 -7.96 13.72
CA GLY A 243 15.00 -8.27 12.40
C GLY A 243 15.40 -9.64 11.85
N PRO A 244 15.17 -9.83 10.55
CA PRO A 244 15.60 -11.06 9.88
C PRO A 244 17.11 -11.06 9.76
N ARG A 245 17.69 -12.20 9.43
CA ARG A 245 19.12 -12.33 9.28
CA ARG A 245 19.12 -12.29 9.26
C ARG A 245 19.54 -11.70 7.93
N GLY A 246 20.44 -10.73 7.99
CA GLY A 246 20.88 -9.97 6.83
C GLY A 246 21.65 -8.75 7.24
N GLY A 247 22.02 -7.93 6.25
CA GLY A 247 22.81 -6.72 6.49
C GLY A 247 22.25 -5.47 5.88
N VAL A 248 22.82 -4.36 6.29
CA VAL A 248 22.53 -3.01 5.77
C VAL A 248 23.83 -2.20 5.76
N ILE A 249 24.01 -1.38 4.72
CA ILE A 249 25.01 -0.30 4.74
C ILE A 249 24.30 1.05 4.76
N LEU A 250 24.70 1.89 5.71
CA LEU A 250 24.28 3.31 5.75
C LEU A 250 25.50 4.14 5.34
N MET A 251 25.31 5.16 4.50
CA MET A 251 26.43 5.92 4.00
C MET A 251 26.05 7.37 3.79
N LYS A 252 27.06 8.24 3.92
CA LYS A 252 26.90 9.63 3.48
C LYS A 252 26.56 9.59 1.98
N ALA A 253 25.75 10.55 1.53
CA ALA A 253 25.26 10.57 0.17
C ALA A 253 26.39 10.63 -0.87
N GLU A 254 27.51 11.26 -0.54
CA GLU A 254 28.59 11.35 -1.50
C GLU A 254 29.17 9.97 -1.85
N TYR A 255 28.90 8.98 -1.02
CA TYR A 255 29.35 7.61 -1.26
C TYR A 255 28.26 6.66 -1.77
N GLU A 256 27.07 7.18 -2.05
CA GLU A 256 25.93 6.37 -2.46
CA GLU A 256 25.93 6.34 -2.45
C GLU A 256 26.27 5.55 -3.71
N LYS A 257 26.86 6.21 -4.72
CA LYS A 257 27.18 5.54 -5.99
C LYS A 257 28.22 4.43 -5.84
N PRO A 258 29.36 4.70 -5.19
CA PRO A 258 30.30 3.56 -5.04
C PRO A 258 29.77 2.42 -4.17
N ILE A 259 29.03 2.73 -3.12
CA ILE A 259 28.48 1.67 -2.25
C ILE A 259 27.48 0.83 -3.02
N ASN A 260 26.54 1.49 -3.67
CA ASN A 260 25.52 0.71 -4.42
C ASN A 260 26.18 -0.15 -5.51
N SER A 261 27.17 0.40 -6.21
CA SER A 261 27.86 -0.36 -7.25
C SER A 261 28.63 -1.53 -6.65
N ALA A 262 29.15 -1.35 -5.46
CA ALA A 262 29.94 -2.40 -4.82
C ALA A 262 29.08 -3.58 -4.41
N ILE A 263 27.87 -3.32 -3.97
CA ILE A 263 26.97 -4.40 -3.60
C ILE A 263 26.47 -5.12 -4.85
N PHE A 264 26.06 -4.37 -5.87
CA PHE A 264 25.70 -4.95 -7.13
C PHE A 264 26.10 -3.98 -8.24
N PRO A 265 26.88 -4.42 -9.23
CA PRO A 265 27.30 -5.80 -9.54
C PRO A 265 28.57 -6.30 -8.82
N GLY A 266 29.06 -5.57 -7.82
CA GLY A 266 30.36 -5.87 -7.24
C GLY A 266 30.46 -7.23 -6.52
N ILE A 267 29.69 -7.41 -5.45
CA ILE A 267 29.90 -8.61 -4.60
C ILE A 267 28.66 -9.45 -4.42
N GLN A 268 27.51 -9.00 -4.93
CA GLN A 268 26.28 -9.78 -4.91
C GLN A 268 25.60 -9.81 -6.28
N GLY A 269 24.56 -10.63 -6.36
CA GLY A 269 23.72 -10.76 -7.56
C GLY A 269 22.30 -10.34 -7.21
N GLY A 270 21.35 -11.23 -7.36
CA GLY A 270 19.97 -10.91 -7.01
C GLY A 270 19.81 -10.72 -5.53
N PRO A 271 19.18 -9.64 -5.11
CA PRO A 271 18.90 -9.49 -3.69
C PRO A 271 17.82 -10.48 -3.22
N LEU A 272 17.80 -10.76 -1.94
CA LEU A 272 16.79 -11.65 -1.35
C LEU A 272 15.55 -10.80 -1.03
N MET A 273 14.63 -10.68 -1.98
CA MET A 273 13.54 -9.69 -1.83
C MET A 273 12.59 -10.05 -0.71
N HIS A 274 12.41 -11.35 -0.45
CA HIS A 274 11.65 -11.81 0.71
C HIS A 274 12.30 -11.37 2.03
N VAL A 275 13.61 -11.47 2.11
CA VAL A 275 14.34 -11.02 3.31
C VAL A 275 14.28 -9.49 3.41
N ILE A 276 14.34 -8.80 2.27
CA ILE A 276 14.22 -7.31 2.27
C ILE A 276 12.83 -6.88 2.77
N ALA A 277 11.78 -7.59 2.34
CA ALA A 277 10.42 -7.36 2.90
C ALA A 277 10.41 -7.55 4.42
N ALA A 278 11.10 -8.61 4.88
CA ALA A 278 11.23 -8.84 6.32
C ALA A 278 12.01 -7.74 7.04
N LYS A 279 13.02 -7.20 6.37
CA LYS A 279 13.77 -6.06 6.91
C LYS A 279 12.82 -4.85 7.06
N ALA A 280 12.02 -4.61 6.02
CA ALA A 280 11.11 -3.46 6.04
C ALA A 280 10.14 -3.60 7.21
N VAL A 281 9.58 -4.80 7.40
CA VAL A 281 8.72 -5.08 8.56
C VAL A 281 9.44 -4.79 9.90
N ALA A 282 10.66 -5.31 10.04
CA ALA A 282 11.43 -5.08 11.25
C ALA A 282 11.69 -3.59 11.49
N PHE A 283 11.92 -2.85 10.42
CA PHE A 283 12.17 -1.43 10.56
C PHE A 283 10.92 -0.69 11.01
N LYS A 284 9.76 -1.07 10.47
CA LYS A 284 8.49 -0.48 10.92
CA LYS A 284 8.49 -0.48 10.92
C LYS A 284 8.28 -0.76 12.42
N GLU A 285 8.56 -2.00 12.84
CA GLU A 285 8.49 -2.33 14.25
C GLU A 285 9.45 -1.44 15.07
N ALA A 286 10.66 -1.24 14.56
CA ALA A 286 11.69 -0.48 15.28
C ALA A 286 11.37 1.01 15.41
N LEU A 287 10.54 1.52 14.52
CA LEU A 287 10.12 2.92 14.55
C LEU A 287 9.07 3.17 15.61
N SER A 288 8.50 2.13 16.17
CA SER A 288 7.36 2.27 17.09
C SER A 288 7.78 2.64 18.52
N PRO A 289 6.87 3.29 19.26
CA PRO A 289 7.16 3.57 20.68
C PRO A 289 7.41 2.30 21.50
N GLU A 290 6.79 1.19 21.11
CA GLU A 290 6.93 -0.08 21.83
C GLU A 290 8.38 -0.57 21.72
N PHE A 291 9.02 -0.29 20.58
CA PHE A 291 10.41 -0.72 20.40
C PHE A 291 11.35 0.09 21.29
N LYS A 292 11.08 1.38 21.45
CA LYS A 292 11.89 2.21 22.34
CA LYS A 292 11.88 2.20 22.34
C LYS A 292 11.75 1.68 23.78
N GLU A 293 10.52 1.36 24.19
CA GLU A 293 10.30 0.75 25.52
C GLU A 293 11.09 -0.54 25.68
N TYR A 294 11.04 -1.37 24.64
CA TYR A 294 11.81 -2.62 24.64
C TYR A 294 13.29 -2.36 24.89
N GLN A 295 13.88 -1.43 24.14
CA GLN A 295 15.31 -1.17 24.30
C GLN A 295 15.68 -0.54 25.65
N GLN A 296 14.77 0.27 26.19
CA GLN A 296 14.97 0.79 27.55
C GLN A 296 15.05 -0.38 28.54
N LYS A 297 14.19 -1.38 28.33
CA LYS A 297 14.22 -2.58 29.14
C LYS A 297 15.46 -3.43 28.95
N VAL A 298 15.96 -3.49 27.71
CA VAL A 298 17.19 -4.21 27.39
C VAL A 298 18.33 -3.60 28.20
N VAL A 299 18.44 -2.28 28.20
CA VAL A 299 19.51 -1.60 28.93
C VAL A 299 19.37 -1.78 30.43
N GLU A 300 18.16 -1.65 30.94
CA GLU A 300 17.90 -1.84 32.38
C GLU A 300 18.23 -3.29 32.80
N ASN A 301 17.76 -4.26 32.02
CA ASN A 301 17.99 -5.64 32.36
C ASN A 301 19.46 -6.03 32.33
N ALA A 302 20.23 -5.53 31.36
CA ALA A 302 21.68 -5.76 31.35
C ALA A 302 22.36 -5.16 32.57
N ARG A 303 21.96 -3.94 32.95
CA ARG A 303 22.53 -3.30 34.13
CA ARG A 303 22.53 -3.30 34.13
C ARG A 303 22.24 -4.12 35.38
N VAL A 304 21.01 -4.57 35.52
CA VAL A 304 20.60 -5.34 36.68
C VAL A 304 21.35 -6.67 36.73
N LEU A 305 21.46 -7.32 35.58
CA LEU A 305 22.18 -8.58 35.51
C LEU A 305 23.65 -8.37 35.96
N ALA A 306 24.31 -7.36 35.42
CA ALA A 306 25.66 -7.01 35.82
C ALA A 306 25.79 -6.73 37.32
N GLU A 307 24.93 -5.86 37.83
CA GLU A 307 24.92 -5.51 39.25
C GLU A 307 24.78 -6.74 40.13
N THR A 308 23.91 -7.67 39.71
CA THR A 308 23.66 -8.85 40.50
C THR A 308 24.90 -9.74 40.56
N LEU A 309 25.56 -9.90 39.43
CA LEU A 309 26.76 -10.70 39.37
C LEU A 309 27.87 -10.09 40.24
N VAL A 310 27.97 -8.76 40.25
CA VAL A 310 28.95 -8.09 41.09
C VAL A 310 28.63 -8.33 42.56
N LYS A 311 27.35 -8.27 42.93
CA LYS A 311 26.96 -8.58 44.32
C LYS A 311 27.42 -9.98 44.73
N ARG A 312 27.42 -10.88 43.76
CA ARG A 312 27.79 -12.28 43.99
C ARG A 312 29.30 -12.53 43.83
N GLY A 313 30.08 -11.46 43.66
CA GLY A 313 31.54 -11.56 43.71
C GLY A 313 32.27 -11.68 42.39
N LEU A 314 31.55 -11.51 41.28
CA LEU A 314 32.16 -11.49 39.96
C LEU A 314 32.58 -10.06 39.62
N ARG A 315 33.33 -9.92 38.52
CA ARG A 315 33.80 -8.65 38.02
C ARG A 315 33.36 -8.49 36.57
N ILE A 316 32.96 -7.27 36.23
CA ILE A 316 32.57 -6.90 34.89
C ILE A 316 33.73 -6.18 34.22
N VAL A 317 34.16 -6.68 33.06
CA VAL A 317 35.19 -6.00 32.31
C VAL A 317 34.70 -4.56 31.99
N SER A 318 35.58 -3.59 32.16
CA SER A 318 35.27 -2.16 32.02
C SER A 318 34.61 -1.56 33.24
N GLY A 319 34.22 -2.39 34.18
CA GLY A 319 33.72 -1.91 35.48
C GLY A 319 32.21 -1.67 35.52
N ARG A 320 31.55 -1.73 34.37
CA ARG A 320 30.13 -1.44 34.23
C ARG A 320 29.68 -1.77 32.82
N THR A 321 28.36 -1.85 32.61
CA THR A 321 27.82 -1.83 31.26
C THR A 321 27.03 -0.53 31.02
N GLU A 322 27.08 -0.09 29.78
CA GLU A 322 26.30 1.02 29.26
C GLU A 322 25.48 0.57 28.05
N SER A 323 25.24 -0.74 27.93
CA SER A 323 24.63 -1.26 26.74
C SER A 323 23.84 -2.55 27.07
N HIS A 324 23.73 -3.45 26.10
CA HIS A 324 22.97 -4.70 26.21
C HIS A 324 23.88 -5.84 26.68
N VAL A 325 25.20 -5.58 26.76
CA VAL A 325 26.20 -6.67 26.81
C VAL A 325 27.18 -6.44 27.97
N MET A 326 27.76 -7.55 28.43
CA MET A 326 28.81 -7.49 29.43
C MET A 326 29.73 -8.69 29.25
N LEU A 327 30.99 -8.49 29.62
CA LEU A 327 31.97 -9.56 29.70
C LEU A 327 32.28 -9.76 31.16
N VAL A 328 32.03 -10.99 31.63
CA VAL A 328 32.22 -11.35 33.04
C VAL A 328 33.56 -12.03 33.23
N ASP A 329 34.41 -11.44 34.07
CA ASP A 329 35.69 -12.02 34.49
C ASP A 329 35.39 -13.00 35.61
N LEU A 330 35.68 -14.27 35.36
CA LEU A 330 35.26 -15.37 36.25
C LEU A 330 36.31 -15.77 37.27
N ARG A 331 37.46 -15.12 37.23
CA ARG A 331 38.62 -15.61 37.99
C ARG A 331 38.41 -15.73 39.50
N ALA A 332 37.63 -14.84 40.08
CA ALA A 332 37.33 -14.92 41.51
C ALA A 332 36.66 -16.22 41.90
N LYS A 333 35.97 -16.87 40.97
CA LYS A 333 35.28 -18.14 41.24
C LYS A 333 36.06 -19.37 40.72
N HIS A 334 37.30 -19.16 40.26
CA HIS A 334 38.19 -20.27 39.88
C HIS A 334 37.55 -21.22 38.88
N ILE A 335 36.94 -20.64 37.86
CA ILE A 335 36.26 -21.39 36.83
C ILE A 335 36.61 -20.76 35.48
N THR A 336 36.84 -21.57 34.45
CA THR A 336 37.16 -21.08 33.12
C THR A 336 35.89 -20.72 32.38
N GLY A 337 36.03 -19.94 31.32
CA GLY A 337 34.89 -19.63 30.46
C GLY A 337 34.28 -20.90 29.86
N LYS A 338 35.13 -21.80 29.41
CA LYS A 338 34.69 -23.06 28.81
C LYS A 338 33.87 -23.87 29.81
N ALA A 339 34.40 -24.01 31.02
CA ALA A 339 33.73 -24.76 32.08
C ALA A 339 32.42 -24.08 32.48
N ALA A 340 32.40 -22.77 32.58
CA ALA A 340 31.19 -22.02 32.88
C ALA A 340 30.10 -22.23 31.79
N GLU A 341 30.49 -22.10 30.52
CA GLU A 341 29.55 -22.27 29.42
C GLU A 341 28.91 -23.65 29.49
N ALA A 342 29.73 -24.68 29.72
CA ALA A 342 29.24 -26.04 29.79
C ALA A 342 28.27 -26.26 30.96
N ALA A 343 28.65 -25.79 32.13
CA ALA A 343 27.82 -25.99 33.32
C ALA A 343 26.51 -25.23 33.20
N LEU A 344 26.58 -23.99 32.73
CA LEU A 344 25.38 -23.21 32.54
C LEU A 344 24.45 -23.88 31.52
N GLY A 345 25.03 -24.39 30.44
CA GLY A 345 24.24 -25.07 29.43
C GLY A 345 23.47 -26.28 29.99
N ALA A 346 24.11 -27.02 30.89
CA ALA A 346 23.49 -28.15 31.57
C ALA A 346 22.28 -27.69 32.39
N ALA A 347 22.34 -26.45 32.87
CA ALA A 347 21.25 -25.81 33.61
C ALA A 347 20.26 -25.01 32.73
N HIS A 348 20.38 -25.15 31.41
CA HIS A 348 19.49 -24.52 30.42
C HIS A 348 19.64 -22.98 30.35
N ILE A 349 20.84 -22.48 30.66
CA ILE A 349 21.21 -21.09 30.47
C ILE A 349 22.32 -21.05 29.40
N THR A 350 22.02 -20.42 28.27
CA THR A 350 22.90 -20.40 27.13
C THR A 350 23.76 -19.13 27.14
N VAL A 351 25.08 -19.32 27.22
CA VAL A 351 26.04 -18.21 27.22
C VAL A 351 27.15 -18.58 26.25
N ASN A 352 28.13 -17.70 26.06
CA ASN A 352 29.33 -18.13 25.40
C ASN A 352 30.57 -17.65 26.11
N LYS A 353 31.58 -18.51 26.12
CA LYS A 353 32.90 -18.16 26.64
C LYS A 353 33.52 -17.06 25.81
N ASN A 354 34.37 -16.25 26.44
CA ASN A 354 35.00 -15.13 25.77
C ASN A 354 36.23 -14.72 26.57
N ALA A 355 37.33 -14.50 25.85
CA ALA A 355 38.56 -14.05 26.49
C ALA A 355 38.34 -12.69 27.14
N ILE A 356 39.01 -12.48 28.26
CA ILE A 356 39.09 -11.14 28.88
C ILE A 356 40.41 -10.49 28.50
N PRO A 357 40.57 -9.17 28.75
CA PRO A 357 41.88 -8.57 28.54
C PRO A 357 42.98 -9.26 29.36
N ASN A 358 44.09 -9.55 28.70
CA ASN A 358 45.22 -10.25 29.32
C ASN A 358 44.80 -11.56 29.97
N ASP A 359 43.98 -12.31 29.24
CA ASP A 359 43.48 -13.58 29.72
C ASP A 359 44.63 -14.56 29.97
N PRO A 360 44.70 -15.13 31.19
CA PRO A 360 45.76 -16.12 31.43
C PRO A 360 45.53 -17.48 30.78
N GLU A 361 44.33 -17.75 30.30
CA GLU A 361 43.98 -19.06 29.73
C GLU A 361 44.16 -19.09 28.23
N LYS A 362 44.24 -20.29 27.68
CA LYS A 362 44.36 -20.48 26.22
C LYS A 362 43.07 -20.02 25.54
N PRO A 363 43.17 -19.69 24.25
CA PRO A 363 42.03 -19.04 23.55
C PRO A 363 40.72 -19.84 23.53
N PHE A 364 40.78 -21.16 23.55
CA PHE A 364 39.54 -21.95 23.53
C PHE A 364 39.08 -22.29 24.93
N VAL A 365 39.82 -21.81 25.93
CA VAL A 365 39.45 -22.03 27.32
C VAL A 365 38.84 -20.74 27.91
N THR A 366 39.65 -19.70 27.97
CA THR A 366 39.27 -18.36 28.42
C THR A 366 38.94 -18.26 29.90
N SER A 367 38.87 -17.00 30.37
CA SER A 367 38.53 -16.67 31.74
C SER A 367 37.24 -15.90 31.87
N GLY A 368 36.43 -15.88 30.81
CA GLY A 368 35.23 -15.07 30.79
C GLY A 368 34.04 -15.70 30.10
N ILE A 369 32.87 -15.14 30.40
CA ILE A 369 31.69 -15.37 29.56
C ILE A 369 31.08 -14.02 29.18
N ARG A 370 30.55 -13.98 27.97
CA ARG A 370 29.78 -12.84 27.49
C ARG A 370 28.31 -13.10 27.70
N LEU A 371 27.61 -12.10 28.23
CA LEU A 371 26.16 -12.17 28.46
C LEU A 371 25.49 -10.96 27.87
N GLY A 372 24.29 -11.16 27.32
CA GLY A 372 23.50 -10.05 26.85
C GLY A 372 22.03 -10.21 27.19
N SER A 373 21.34 -9.08 27.28
CA SER A 373 19.90 -9.07 27.62
C SER A 373 18.86 -9.03 26.46
N PRO A 374 19.26 -8.83 25.18
CA PRO A 374 18.17 -8.67 24.16
C PRO A 374 17.11 -9.79 24.09
N ALA A 375 17.56 -11.04 24.10
CA ALA A 375 16.64 -12.15 23.92
C ALA A 375 15.73 -12.35 25.11
N MET A 376 16.30 -12.33 26.32
CA MET A 376 15.49 -12.54 27.52
C MET A 376 14.46 -11.39 27.67
N THR A 377 14.86 -10.18 27.23
CA THR A 377 13.98 -9.03 27.29
C THR A 377 12.83 -9.17 26.30
N THR A 378 13.13 -9.71 25.13
CA THR A 378 12.09 -9.92 24.13
C THR A 378 10.98 -10.84 24.66
N ARG A 379 11.35 -11.89 25.36
CA ARG A 379 10.37 -12.82 25.85
C ARG A 379 9.69 -12.34 27.15
N GLY A 380 10.01 -11.13 27.60
CA GLY A 380 9.23 -10.43 28.62
C GLY A 380 9.86 -10.29 30.00
N PHE A 381 11.10 -10.73 30.16
CA PHE A 381 11.77 -10.59 31.48
C PHE A 381 11.92 -9.11 31.81
N GLY A 382 11.73 -8.79 33.07
CA GLY A 382 11.96 -7.48 33.63
C GLY A 382 13.05 -7.54 34.69
N PRO A 383 13.20 -6.46 35.46
CA PRO A 383 14.33 -6.38 36.38
C PRO A 383 14.32 -7.49 37.43
N ALA A 384 13.14 -7.90 37.89
CA ALA A 384 13.10 -8.99 38.87
C ALA A 384 13.67 -10.27 38.28
N GLU A 385 13.33 -10.56 37.04
CA GLU A 385 13.81 -11.77 36.37
C GLU A 385 15.29 -11.64 36.02
N ALA A 386 15.76 -10.45 35.61
CA ALA A 386 17.20 -10.24 35.34
C ALA A 386 18.04 -10.55 36.61
N GLU A 387 17.55 -10.09 37.76
CA GLU A 387 18.18 -10.36 39.05
C GLU A 387 18.16 -11.86 39.38
N GLN A 388 17.01 -12.51 39.20
CA GLN A 388 16.90 -13.95 39.42
CA GLN A 388 16.93 -13.96 39.42
C GLN A 388 17.95 -14.67 38.55
N VAL A 389 18.00 -14.30 37.28
CA VAL A 389 18.94 -14.92 36.32
C VAL A 389 20.39 -14.73 36.79
N GLY A 390 20.72 -13.52 37.25
CA GLY A 390 22.06 -13.24 37.76
C GLY A 390 22.40 -14.17 38.91
N ASN A 391 21.45 -14.36 39.82
CA ASN A 391 21.69 -15.25 40.96
C ASN A 391 21.80 -16.73 40.57
N LEU A 392 20.97 -17.15 39.62
CA LEU A 392 21.05 -18.52 39.10
C LEU A 392 22.39 -18.77 38.45
N ILE A 393 22.87 -17.83 37.66
CA ILE A 393 24.21 -17.93 37.03
C ILE A 393 25.29 -18.06 38.11
N ALA A 394 25.26 -17.19 39.12
CA ALA A 394 26.26 -17.24 40.18
C ALA A 394 26.20 -18.56 40.94
N ASP A 395 24.99 -19.07 41.16
CA ASP A 395 24.81 -20.35 41.82
C ASP A 395 25.58 -21.45 41.08
N VAL A 396 25.44 -21.47 39.76
CA VAL A 396 26.15 -22.46 38.94
C VAL A 396 27.66 -22.21 38.97
N LEU A 397 28.08 -20.95 38.84
CA LEU A 397 29.51 -20.65 38.83
C LEU A 397 30.22 -21.05 40.12
N GLU A 398 29.49 -21.01 41.24
CA GLU A 398 30.04 -21.35 42.55
C GLU A 398 30.11 -22.86 42.82
N ASN A 399 29.36 -23.66 42.08
CA ASN A 399 29.35 -25.09 42.27
C ASN A 399 29.01 -25.79 40.93
N PRO A 400 29.88 -25.60 39.94
CA PRO A 400 29.53 -25.98 38.57
C PRO A 400 29.39 -27.47 38.30
N GLU A 401 29.98 -28.31 39.15
CA GLU A 401 29.92 -29.77 38.97
C GLU A 401 28.94 -30.46 39.91
N ASP A 402 28.21 -29.69 40.70
CA ASP A 402 27.34 -30.23 41.72
C ASP A 402 25.98 -30.54 41.12
N ALA A 403 25.65 -31.83 41.06
CA ALA A 403 24.42 -32.25 40.39
C ALA A 403 23.18 -31.56 40.95
N ALA A 404 23.10 -31.49 42.28
CA ALA A 404 21.96 -30.89 42.92
C ALA A 404 21.82 -29.43 42.53
N THR A 405 22.93 -28.71 42.42
CA THR A 405 22.89 -27.29 42.08
C THR A 405 22.37 -27.14 40.65
N ILE A 406 22.93 -27.91 39.73
CA ILE A 406 22.55 -27.83 38.34
C ILE A 406 21.06 -28.15 38.18
N GLU A 407 20.61 -29.17 38.88
CA GLU A 407 19.21 -29.55 38.80
C GLU A 407 18.27 -28.47 39.38
N ARG A 408 18.65 -27.87 40.51
CA ARG A 408 17.83 -26.84 41.13
C ARG A 408 17.70 -25.65 40.21
N VAL A 409 18.80 -25.26 39.59
CA VAL A 409 18.78 -24.13 38.66
C VAL A 409 17.95 -24.49 37.44
N ARG A 410 18.14 -25.69 36.89
CA ARG A 410 17.34 -26.12 35.73
C ARG A 410 15.83 -26.03 36.03
N ALA A 411 15.43 -26.44 37.22
CA ALA A 411 14.02 -26.40 37.61
C ALA A 411 13.53 -24.95 37.67
N GLN A 412 14.37 -24.05 38.20
CA GLN A 412 14.00 -22.64 38.27
C GLN A 412 13.90 -22.02 36.88
N VAL A 413 14.83 -22.41 36.00
CA VAL A 413 14.80 -21.96 34.63
C VAL A 413 13.52 -22.41 33.93
N ALA A 414 13.13 -23.67 34.14
CA ALA A 414 11.88 -24.19 33.57
C ALA A 414 10.66 -23.39 34.05
N GLU A 415 10.64 -23.00 35.32
CA GLU A 415 9.51 -22.15 35.80
C GLU A 415 9.48 -20.82 35.02
N LEU A 416 10.65 -20.21 34.82
CA LEU A 416 10.72 -18.94 34.12
C LEU A 416 10.34 -19.09 32.65
N THR A 417 10.84 -20.13 31.98
CA THR A 417 10.55 -20.25 30.54
C THR A 417 9.05 -20.57 30.30
N LYS A 418 8.40 -21.32 31.20
CA LYS A 418 6.95 -21.60 31.12
C LYS A 418 6.13 -20.31 31.35
N ARG A 419 6.60 -19.47 32.29
CA ARG A 419 5.94 -18.19 32.56
C ARG A 419 6.08 -17.17 31.42
N PHE A 420 7.21 -17.24 30.71
CA PHE A 420 7.56 -16.27 29.67
C PHE A 420 7.83 -16.95 28.33
N PRO A 421 6.76 -17.46 27.70
CA PRO A 421 6.96 -18.10 26.38
C PRO A 421 7.44 -17.11 25.35
N VAL A 422 8.22 -17.59 24.40
CA VAL A 422 8.68 -16.73 23.34
C VAL A 422 7.58 -16.42 22.33
N TYR A 423 6.95 -17.44 21.82
CA TYR A 423 5.87 -17.30 20.85
C TYR A 423 4.59 -17.89 21.45
N ARG A 424 3.48 -17.21 21.22
CA ARG A 424 2.16 -17.67 21.64
C ARG A 424 1.30 -17.71 20.38
N MET B 10 -16.58 -11.61 -7.66
CA MET B 10 -16.64 -10.11 -7.50
C MET B 10 -17.80 -9.63 -6.60
N PHE B 11 -18.82 -10.47 -6.37
CA PHE B 11 -20.00 -10.11 -5.53
C PHE B 11 -20.26 -11.08 -4.37
N ASP B 12 -19.23 -11.86 -4.05
CA ASP B 12 -19.23 -12.74 -2.89
C ASP B 12 -18.55 -11.95 -1.77
N ARG B 13 -19.25 -11.76 -0.65
CA ARG B 13 -18.70 -10.93 0.44
C ARG B 13 -17.48 -11.57 1.10
N ALA B 14 -17.34 -12.89 0.99
CA ALA B 14 -16.13 -13.59 1.41
C ALA B 14 -14.89 -13.15 0.59
N GLN B 15 -15.02 -13.01 -0.73
CA GLN B 15 -13.90 -12.72 -1.62
C GLN B 15 -13.73 -11.23 -1.91
N SER B 16 -14.83 -10.49 -2.00
CA SER B 16 -14.79 -9.04 -2.29
C SER B 16 -14.57 -8.22 -1.02
N THR B 17 -13.33 -8.23 -0.52
CA THR B 17 -12.92 -7.45 0.63
CA THR B 17 -12.93 -7.43 0.63
C THR B 17 -11.97 -6.40 0.09
N ILE B 18 -11.77 -5.29 0.82
CA ILE B 18 -10.86 -4.28 0.31
C ILE B 18 -9.46 -4.86 0.12
N ALA B 19 -9.01 -5.66 1.08
CA ALA B 19 -7.68 -6.24 1.02
C ALA B 19 -7.49 -7.09 -0.22
N ASN B 20 -8.49 -7.87 -0.60
CA ASN B 20 -8.35 -8.77 -1.74
C ASN B 20 -8.50 -8.04 -3.06
N VAL B 21 -9.43 -7.10 -3.12
CA VAL B 21 -9.72 -6.41 -4.39
C VAL B 21 -8.73 -5.29 -4.68
N ASP B 22 -8.29 -4.59 -3.63
CA ASP B 22 -7.53 -3.35 -3.78
C ASP B 22 -6.57 -3.18 -2.61
N PRO B 23 -5.51 -3.99 -2.62
CA PRO B 23 -4.55 -3.95 -1.51
C PRO B 23 -3.98 -2.54 -1.24
N GLU B 24 -3.77 -1.75 -2.28
CA GLU B 24 -3.25 -0.39 -2.09
C GLU B 24 -4.22 0.48 -1.30
N ILE B 25 -5.48 0.43 -1.65
CA ILE B 25 -6.49 1.19 -0.91
C ILE B 25 -6.68 0.65 0.50
N PHE B 26 -6.66 -0.66 0.67
CA PHE B 26 -6.64 -1.28 1.99
C PHE B 26 -5.52 -0.70 2.86
N ALA B 27 -4.31 -0.65 2.32
CA ALA B 27 -3.15 -0.20 3.10
C ALA B 27 -3.33 1.26 3.52
N ALA B 28 -3.81 2.08 2.59
CA ALA B 28 -4.01 3.52 2.91
C ALA B 28 -5.06 3.70 3.97
N ILE B 29 -6.15 2.95 3.90
CA ILE B 29 -7.18 3.00 4.93
C ILE B 29 -6.66 2.55 6.30
N GLU B 30 -5.90 1.46 6.34
CA GLU B 30 -5.34 0.99 7.59
C GLU B 30 -4.44 2.06 8.22
N GLN B 31 -3.66 2.74 7.37
CA GLN B 31 -2.76 3.79 7.88
C GLN B 31 -3.59 4.98 8.42
N GLU B 32 -4.65 5.33 7.73
CA GLU B 32 -5.54 6.39 8.22
C GLU B 32 -6.18 5.99 9.56
N ASN B 33 -6.61 4.75 9.68
CA ASN B 33 -7.19 4.29 10.94
C ASN B 33 -6.19 4.52 12.09
N ARG B 34 -4.93 4.16 11.85
CA ARG B 34 -3.87 4.29 12.83
C ARG B 34 -3.57 5.78 13.12
N ARG B 35 -3.57 6.60 12.07
CA ARG B 35 -3.38 8.05 12.23
C ARG B 35 -4.45 8.66 13.13
N GLN B 36 -5.68 8.21 12.99
CA GLN B 36 -6.79 8.70 13.83
C GLN B 36 -6.55 8.33 15.29
N GLU B 37 -6.05 7.11 15.54
CA GLU B 37 -5.72 6.73 16.90
C GLU B 37 -4.56 7.52 17.47
N ASP B 38 -3.54 7.75 16.66
CA ASP B 38 -2.23 8.18 17.19
C ASP B 38 -2.03 9.70 17.33
N HIS B 39 -3.01 10.49 16.92
CA HIS B 39 -2.96 11.93 17.06
C HIS B 39 -4.13 12.43 17.89
N ILE B 40 -3.91 13.50 18.63
CA ILE B 40 -4.97 14.19 19.32
C ILE B 40 -5.51 15.23 18.34
N GLU B 41 -6.76 15.04 17.94
CA GLU B 41 -7.44 15.90 17.01
C GLU B 41 -8.15 17.04 17.72
N LEU B 42 -7.70 18.28 17.49
CA LEU B 42 -8.35 19.48 18.00
C LEU B 42 -8.94 20.37 16.91
N ILE B 43 -8.99 19.87 15.67
CA ILE B 43 -9.67 20.65 14.66
C ILE B 43 -11.16 20.66 15.02
N ALA B 44 -11.74 21.83 15.12
CA ALA B 44 -13.06 22.00 15.74
C ALA B 44 -14.21 21.44 14.90
N SER B 45 -13.95 21.24 13.62
CA SER B 45 -14.93 20.69 12.67
C SER B 45 -14.87 19.18 12.58
N GLU B 46 -13.93 18.54 13.31
CA GLU B 46 -13.70 17.11 13.18
C GLU B 46 -14.32 16.34 14.32
N ASN B 47 -14.66 15.09 14.05
CA ASN B 47 -15.21 14.24 15.08
C ASN B 47 -14.96 12.80 14.67
N TYR B 48 -15.35 11.85 15.50
CA TYR B 48 -15.32 10.42 15.16
C TYR B 48 -16.74 9.87 15.22
N THR B 49 -17.26 9.40 14.08
CA THR B 49 -18.64 8.95 14.06
C THR B 49 -18.68 7.46 14.43
N SER B 50 -19.86 7.00 14.79
CA SER B 50 -19.99 5.67 15.35
C SER B 50 -19.86 4.57 14.33
N PRO B 51 -19.52 3.37 14.78
CA PRO B 51 -19.54 2.20 13.88
C PRO B 51 -20.89 1.96 13.23
N ALA B 52 -21.99 2.23 13.93
CA ALA B 52 -23.32 2.07 13.35
C ALA B 52 -23.58 3.04 12.19
N VAL B 53 -23.13 4.29 12.33
CA VAL B 53 -23.26 5.28 11.26
C VAL B 53 -22.46 4.81 10.06
N MET B 54 -21.23 4.39 10.28
CA MET B 54 -20.38 3.95 9.16
C MET B 54 -20.98 2.73 8.48
N ALA B 55 -21.51 1.81 9.27
CA ALA B 55 -22.11 0.61 8.71
C ALA B 55 -23.30 0.97 7.81
N ALA B 56 -24.10 1.94 8.21
CA ALA B 56 -25.25 2.37 7.40
C ALA B 56 -24.81 2.90 6.06
N GLN B 57 -23.75 3.69 6.04
CA GLN B 57 -23.31 4.22 4.77
C GLN B 57 -22.48 3.23 3.94
N GLY B 58 -22.08 2.11 4.56
CA GLY B 58 -21.53 0.97 3.86
C GLY B 58 -22.56 -0.07 3.39
N SER B 59 -23.83 0.31 3.38
CA SER B 59 -24.91 -0.61 3.08
C SER B 59 -25.24 -0.64 1.59
N GLN B 60 -26.09 -1.58 1.23
CA GLN B 60 -26.60 -1.71 -0.14
C GLN B 60 -27.53 -0.60 -0.58
N LEU B 61 -27.85 0.35 0.30
CA LEU B 61 -28.71 1.48 -0.11
C LEU B 61 -28.04 2.38 -1.13
N THR B 62 -26.72 2.27 -1.29
CA THR B 62 -26.04 2.92 -2.38
C THR B 62 -26.55 2.47 -3.77
N ASN B 63 -27.16 1.30 -3.85
CA ASN B 63 -27.68 0.77 -5.11
C ASN B 63 -29.00 1.37 -5.55
N LYS B 64 -29.66 2.17 -4.72
CA LYS B 64 -31.00 2.62 -5.09
C LYS B 64 -31.04 4.06 -5.60
N TYR B 65 -31.68 4.24 -6.76
CA TYR B 65 -32.04 5.57 -7.31
C TYR B 65 -33.40 5.95 -6.78
N ALA B 66 -33.47 7.03 -6.03
CA ALA B 66 -34.70 7.42 -5.36
C ALA B 66 -34.98 8.89 -5.51
N GLU B 67 -34.82 9.40 -6.73
CA GLU B 67 -35.17 10.80 -6.99
C GLU B 67 -36.61 11.09 -6.56
N GLY B 68 -36.81 12.28 -6.01
CA GLY B 68 -38.11 12.71 -5.47
C GLY B 68 -38.11 12.66 -3.97
N TYR B 69 -39.28 12.48 -3.38
CA TYR B 69 -39.44 12.46 -1.93
C TYR B 69 -40.28 11.28 -1.51
N PRO B 70 -40.28 10.94 -0.20
CA PRO B 70 -41.05 9.78 0.25
C PRO B 70 -42.50 9.79 -0.22
N GLY B 71 -42.93 8.70 -0.83
CA GLY B 71 -44.28 8.59 -1.37
C GLY B 71 -44.52 9.36 -2.67
N LYS B 72 -43.47 10.03 -3.16
CA LYS B 72 -43.56 10.90 -4.33
C LYS B 72 -42.27 10.76 -5.13
N ARG B 73 -41.97 9.52 -5.48
CA ARG B 73 -40.72 9.19 -6.20
C ARG B 73 -40.97 9.05 -7.69
N TYR B 74 -39.91 9.26 -8.46
CA TYR B 74 -39.98 9.04 -9.89
CA TYR B 74 -39.96 9.08 -9.91
C TYR B 74 -40.04 7.60 -10.28
N TYR B 75 -39.29 6.76 -9.55
CA TYR B 75 -39.20 5.33 -9.83
C TYR B 75 -39.92 4.50 -8.75
N GLY B 76 -40.27 3.28 -9.13
CA GLY B 76 -40.84 2.34 -8.19
C GLY B 76 -39.81 1.72 -7.26
N GLY B 77 -40.30 0.86 -6.38
CA GLY B 77 -39.43 0.10 -5.49
C GLY B 77 -38.82 0.88 -4.35
N CYS B 78 -39.41 2.04 -3.99
CA CYS B 78 -38.84 2.87 -2.95
C CYS B 78 -39.50 2.69 -1.58
N GLU B 79 -40.27 1.63 -1.35
CA GLU B 79 -40.98 1.46 -0.08
CA GLU B 79 -40.98 1.44 -0.08
C GLU B 79 -40.04 1.56 1.13
N TYR B 80 -38.89 0.90 1.04
CA TYR B 80 -38.02 0.80 2.21
C TYR B 80 -37.10 2.02 2.35
N VAL B 81 -36.62 2.58 1.24
CA VAL B 81 -35.85 3.81 1.34
C VAL B 81 -36.78 4.98 1.78
N ASP B 82 -38.08 4.89 1.50
CA ASP B 82 -39.04 5.87 2.01
C ASP B 82 -39.10 5.80 3.54
N VAL B 83 -39.08 4.60 4.09
CA VAL B 83 -39.10 4.44 5.55
C VAL B 83 -37.86 5.11 6.12
N VAL B 84 -36.71 4.86 5.51
CA VAL B 84 -35.41 5.41 5.94
C VAL B 84 -35.40 6.94 5.91
N GLU B 85 -35.79 7.51 4.77
CA GLU B 85 -35.78 8.95 4.64
C GLU B 85 -36.78 9.63 5.58
N GLN B 86 -37.97 9.05 5.71
CA GLN B 86 -38.97 9.64 6.60
C GLN B 86 -38.55 9.55 8.07
N LEU B 87 -37.87 8.47 8.45
CA LEU B 87 -37.29 8.42 9.82
C LEU B 87 -36.27 9.56 10.01
N ALA B 88 -35.39 9.74 9.04
CA ALA B 88 -34.43 10.83 9.11
C ALA B 88 -35.10 12.19 9.26
N ILE B 89 -36.13 12.45 8.43
CA ILE B 89 -36.87 13.70 8.47
C ILE B 89 -37.53 13.86 9.85
N ASP B 90 -38.26 12.84 10.29
CA ASP B 90 -39.00 12.93 11.52
C ASP B 90 -38.07 13.16 12.73
N ARG B 91 -36.93 12.47 12.74
CA ARG B 91 -36.00 12.57 13.85
C ARG B 91 -35.31 13.93 13.90
N VAL B 92 -34.95 14.48 12.73
CA VAL B 92 -34.26 15.76 12.74
C VAL B 92 -35.23 16.88 13.09
N LYS B 93 -36.49 16.76 12.67
CA LYS B 93 -37.52 17.71 13.12
C LYS B 93 -37.65 17.65 14.62
N GLN B 94 -37.66 16.45 15.18
CA GLN B 94 -37.81 16.28 16.63
C GLN B 94 -36.60 16.85 17.38
N LEU B 95 -35.40 16.60 16.86
CA LEU B 95 -34.19 17.07 17.45
C LEU B 95 -34.14 18.59 17.60
N PHE B 96 -34.65 19.32 16.62
CA PHE B 96 -34.50 20.78 16.58
C PHE B 96 -35.80 21.55 16.66
N GLY B 97 -36.93 20.85 16.72
CA GLY B 97 -38.25 21.49 16.77
C GLY B 97 -38.64 22.18 15.47
N ALA B 98 -38.16 21.66 14.35
CA ALA B 98 -38.35 22.26 13.03
C ALA B 98 -39.69 21.89 12.44
N GLU B 99 -40.28 22.82 11.69
CA GLU B 99 -41.58 22.59 11.09
C GLU B 99 -41.51 21.65 9.90
N ALA B 100 -40.36 21.66 9.22
CA ALA B 100 -40.10 20.83 8.07
C ALA B 100 -38.60 20.63 7.88
N ALA B 101 -38.25 19.59 7.14
CA ALA B 101 -36.84 19.29 6.89
C ALA B 101 -36.65 18.59 5.56
N ASN B 102 -35.45 18.79 5.02
CA ASN B 102 -34.98 18.09 3.85
C ASN B 102 -33.62 17.48 4.23
N VAL B 103 -33.55 16.16 4.14
CA VAL B 103 -32.36 15.42 4.56
C VAL B 103 -31.52 14.94 3.39
N GLN B 104 -31.86 15.37 2.17
CA GLN B 104 -31.11 15.00 0.97
C GLN B 104 -29.82 15.74 0.68
N PRO B 105 -29.59 16.95 1.25
CA PRO B 105 -28.35 17.62 0.78
C PRO B 105 -27.07 16.79 0.92
N ASN B 106 -26.27 16.82 -0.17
CA ASN B 106 -25.04 16.01 -0.23
C ASN B 106 -23.94 16.51 0.69
N SER B 107 -24.06 17.73 1.18
CA SER B 107 -23.06 18.34 2.03
C SER B 107 -23.68 19.56 2.69
N GLY B 108 -22.92 20.19 3.58
CA GLY B 108 -23.31 21.52 4.09
C GLY B 108 -23.41 22.53 2.97
N SER B 109 -22.45 22.48 2.05
CA SER B 109 -22.43 23.39 0.90
C SER B 109 -23.69 23.29 0.05
N GLN B 110 -24.11 22.07 -0.24
CA GLN B 110 -25.36 21.88 -1.00
C GLN B 110 -26.61 22.26 -0.20
N ALA B 111 -26.59 22.12 1.13
CA ALA B 111 -27.71 22.60 1.95
C ALA B 111 -27.87 24.12 1.77
N ASN B 112 -26.75 24.84 1.88
CA ASN B 112 -26.79 26.27 1.70
C ASN B 112 -27.20 26.67 0.28
N GLN B 113 -26.67 25.97 -0.71
CA GLN B 113 -27.00 26.25 -2.10
C GLN B 113 -28.48 25.99 -2.39
N GLY B 114 -29.07 25.01 -1.71
CA GLY B 114 -30.49 24.71 -1.85
C GLY B 114 -31.37 25.87 -1.42
N VAL B 115 -31.02 26.49 -0.30
CA VAL B 115 -31.75 27.68 0.17
C VAL B 115 -31.59 28.82 -0.85
N PHE B 116 -30.35 29.06 -1.32
CA PHE B 116 -30.10 30.12 -2.26
C PHE B 116 -30.87 29.92 -3.57
N PHE B 117 -30.85 28.71 -4.09
CA PHE B 117 -31.53 28.40 -5.32
C PHE B 117 -33.04 28.57 -5.19
N ALA B 118 -33.58 28.18 -4.03
CA ALA B 118 -35.01 28.31 -3.76
C ALA B 118 -35.45 29.75 -3.70
N MET B 119 -34.66 30.60 -3.04
CA MET B 119 -35.16 31.87 -2.56
C MET B 119 -34.60 33.09 -3.30
N LEU B 120 -33.49 32.92 -4.01
CA LEU B 120 -32.77 34.03 -4.63
C LEU B 120 -32.61 33.84 -6.14
N LYS B 121 -32.16 34.89 -6.79
CA LYS B 121 -31.72 34.83 -8.19
C LYS B 121 -30.33 35.44 -8.24
N PRO B 122 -29.49 35.02 -9.22
CA PRO B 122 -28.18 35.65 -9.38
C PRO B 122 -28.22 37.17 -9.37
N GLY B 123 -27.27 37.76 -8.65
CA GLY B 123 -27.19 39.21 -8.54
C GLY B 123 -27.89 39.78 -7.32
N ASP B 124 -28.72 38.97 -6.64
CA ASP B 124 -29.40 39.46 -5.43
C ASP B 124 -28.38 39.77 -4.34
N THR B 125 -28.75 40.67 -3.44
CA THR B 125 -27.90 41.09 -2.35
C THR B 125 -28.15 40.23 -1.12
N ILE B 126 -27.07 39.75 -0.52
CA ILE B 126 -27.16 38.96 0.73
C ILE B 126 -26.20 39.56 1.73
N MET B 127 -26.45 39.30 3.02
CA MET B 127 -25.53 39.65 4.07
C MET B 127 -25.03 38.38 4.71
N GLY B 128 -23.77 38.35 5.10
CA GLY B 128 -23.24 37.23 5.84
C GLY B 128 -22.13 37.68 6.76
N MET B 129 -21.76 36.82 7.71
CA MET B 129 -20.69 37.18 8.64
C MET B 129 -19.37 37.18 7.88
N SER B 130 -18.57 38.21 8.11
CA SER B 130 -17.26 38.35 7.50
C SER B 130 -16.40 37.09 7.68
N LEU B 131 -15.79 36.60 6.60
CA LEU B 131 -14.85 35.45 6.70
C LEU B 131 -13.67 35.77 7.62
N ALA B 132 -13.16 37.00 7.52
CA ALA B 132 -12.06 37.44 8.37
C ALA B 132 -12.40 37.40 9.86
N HIS B 133 -13.68 37.42 10.20
CA HIS B 133 -14.13 37.48 11.59
C HIS B 133 -14.85 36.21 12.08
N GLY B 134 -14.84 35.17 11.26
CA GLY B 134 -15.30 33.85 11.71
C GLY B 134 -16.38 33.22 10.85
N GLY B 135 -16.83 33.94 9.81
CA GLY B 135 -17.80 33.42 8.87
C GLY B 135 -17.16 32.36 7.99
N HIS B 136 -18.01 31.56 7.37
CA HIS B 136 -17.56 30.46 6.53
C HIS B 136 -17.50 30.88 5.05
N LEU B 137 -16.68 30.16 4.29
CA LEU B 137 -16.56 30.24 2.80
C LEU B 137 -17.92 30.37 2.09
N THR B 138 -18.90 29.62 2.60
CA THR B 138 -20.22 29.52 1.99
C THR B 138 -21.15 30.67 2.39
N HIS B 139 -20.63 31.64 3.13
CA HIS B 139 -21.41 32.79 3.58
C HIS B 139 -21.10 34.04 2.79
N GLY B 140 -20.57 33.87 1.58
CA GLY B 140 -20.31 34.99 0.68
C GLY B 140 -18.92 35.18 0.11
N SER B 141 -18.02 34.19 0.23
CA SER B 141 -16.68 34.32 -0.36
C SER B 141 -16.77 34.56 -1.87
N PRO B 142 -15.96 35.48 -2.42
CA PRO B 142 -16.06 35.78 -3.86
C PRO B 142 -15.60 34.62 -4.77
N VAL B 143 -14.94 33.61 -4.19
CA VAL B 143 -14.51 32.43 -4.97
C VAL B 143 -15.39 31.23 -4.72
N ASN B 144 -16.44 31.43 -3.93
CA ASN B 144 -17.45 30.41 -3.67
C ASN B 144 -18.68 30.86 -4.39
N MET B 145 -19.60 29.94 -4.63
CA MET B 145 -20.78 30.34 -5.33
C MET B 145 -21.50 31.47 -4.63
N SER B 146 -21.55 31.37 -3.30
CA SER B 146 -22.27 32.32 -2.45
C SER B 146 -21.90 33.78 -2.75
N GLY B 147 -20.65 34.02 -3.14
CA GLY B 147 -20.17 35.37 -3.37
C GLY B 147 -19.90 35.68 -4.82
N LYS B 148 -19.67 34.66 -5.65
CA LYS B 148 -19.32 34.94 -7.03
C LYS B 148 -20.53 35.39 -7.80
N TRP B 149 -21.68 34.77 -7.52
CA TRP B 149 -22.90 35.01 -8.29
C TRP B 149 -23.91 35.92 -7.57
N PHE B 150 -23.57 36.37 -6.37
CA PHE B 150 -24.45 37.25 -5.59
C PHE B 150 -23.68 38.46 -5.12
N ASN B 151 -24.41 39.50 -4.74
CA ASN B 151 -23.82 40.72 -4.18
C ASN B 151 -23.77 40.63 -2.67
N VAL B 152 -22.57 40.56 -2.11
CA VAL B 152 -22.40 40.23 -0.70
C VAL B 152 -21.98 41.45 0.11
N VAL B 153 -22.69 41.66 1.21
CA VAL B 153 -22.32 42.64 2.23
C VAL B 153 -22.04 41.88 3.51
N SER B 154 -20.90 42.12 4.12
CA SER B 154 -20.54 41.37 5.33
C SER B 154 -20.62 42.21 6.59
N TYR B 155 -20.92 41.54 7.70
CA TYR B 155 -20.91 42.16 9.02
C TYR B 155 -19.93 41.38 9.88
N GLY B 156 -19.37 42.05 10.88
CA GLY B 156 -18.38 41.40 11.71
C GLY B 156 -18.53 41.65 13.21
N LEU B 157 -17.39 41.66 13.89
CA LEU B 157 -17.30 41.83 15.32
C LEU B 157 -17.10 43.29 15.73
N ASN B 158 -17.47 43.58 16.97
CA ASN B 158 -17.19 44.88 17.56
C ASN B 158 -15.83 44.84 18.26
N GLU B 159 -15.49 45.92 18.96
CA GLU B 159 -14.20 46.02 19.68
C GLU B 159 -14.02 44.94 20.75
N ASN B 160 -15.13 44.43 21.29
CA ASN B 160 -15.09 43.43 22.34
C ASN B 160 -15.07 42.00 21.76
N GLU B 161 -15.00 41.91 20.43
CA GLU B 161 -14.95 40.65 19.70
C GLU B 161 -16.22 39.79 19.85
N ASP B 162 -17.36 40.47 20.00
CA ASP B 162 -18.67 39.85 19.89
C ASP B 162 -19.28 40.38 18.59
N ILE B 163 -20.36 39.77 18.13
CA ILE B 163 -21.00 40.24 16.90
C ILE B 163 -21.54 41.64 17.10
N ASP B 164 -21.28 42.50 16.12
CA ASP B 164 -21.73 43.88 16.18
C ASP B 164 -23.13 43.94 15.58
N TYR B 165 -24.13 43.68 16.42
CA TYR B 165 -25.53 43.63 15.99
C TYR B 165 -26.01 45.00 15.51
N ASP B 166 -25.57 46.06 16.19
CA ASP B 166 -25.91 47.42 15.79
C ASP B 166 -25.40 47.71 14.38
N ALA B 167 -24.16 47.34 14.11
CA ALA B 167 -23.59 47.53 12.78
C ALA B 167 -24.31 46.68 11.73
N ALA B 168 -24.67 45.45 12.09
CA ALA B 168 -25.41 44.58 11.17
C ALA B 168 -26.75 45.21 10.81
N GLU B 169 -27.42 45.76 11.80
CA GLU B 169 -28.71 46.43 11.59
C GLU B 169 -28.58 47.63 10.64
N LYS B 170 -27.54 48.45 10.83
CA LYS B 170 -27.30 49.59 9.95
C LYS B 170 -27.02 49.14 8.51
N LEU B 171 -26.21 48.09 8.36
CA LEU B 171 -25.92 47.55 7.02
C LEU B 171 -27.17 47.01 6.34
N ALA B 172 -28.02 46.32 7.11
CA ALA B 172 -29.25 45.77 6.56
C ALA B 172 -30.16 46.89 6.05
N ASN B 173 -30.27 47.97 6.82
CA ASN B 173 -31.10 49.08 6.40
C ASN B 173 -30.52 49.82 5.20
N GLU B 174 -29.19 49.90 5.11
CA GLU B 174 -28.53 50.53 3.97
C GLU B 174 -28.69 49.74 2.69
N HIS B 175 -28.44 48.43 2.76
CA HIS B 175 -28.31 47.60 1.55
C HIS B 175 -29.53 46.76 1.19
N LYS B 176 -30.49 46.67 2.11
CA LYS B 176 -31.73 45.95 1.87
C LYS B 176 -31.49 44.55 1.29
N PRO B 177 -30.74 43.73 2.01
CA PRO B 177 -30.50 42.37 1.51
C PRO B 177 -31.80 41.58 1.40
N LYS B 178 -31.86 40.68 0.42
CA LYS B 178 -32.99 39.75 0.29
C LYS B 178 -32.92 38.67 1.36
N LEU B 179 -31.71 38.35 1.79
CA LEU B 179 -31.49 37.25 2.73
C LEU B 179 -30.27 37.60 3.58
N ILE B 180 -30.38 37.32 4.88
CA ILE B 180 -29.27 37.49 5.82
C ILE B 180 -28.84 36.10 6.28
N VAL B 181 -27.54 35.83 6.19
CA VAL B 181 -26.96 34.59 6.72
C VAL B 181 -26.32 34.88 8.06
N ALA B 182 -26.59 34.00 9.03
CA ALA B 182 -25.92 34.03 10.32
C ALA B 182 -25.33 32.65 10.62
N GLY B 183 -24.42 32.59 11.60
CA GLY B 183 -23.67 31.38 11.84
C GLY B 183 -22.22 31.65 11.53
N ALA B 184 -21.36 30.71 11.88
CA ALA B 184 -19.92 30.93 11.84
C ALA B 184 -19.18 29.60 11.94
N SER B 185 -17.93 29.60 11.49
CA SER B 185 -17.07 28.44 11.66
C SER B 185 -15.95 28.65 12.68
N ALA B 186 -15.74 29.89 13.12
CA ALA B 186 -14.70 30.17 14.11
C ALA B 186 -15.17 31.32 15.01
N PHE B 187 -16.23 31.08 15.76
CA PHE B 187 -16.76 32.08 16.69
C PHE B 187 -17.24 31.35 17.95
N ALA B 188 -16.73 31.76 19.11
CA ALA B 188 -16.85 30.99 20.33
C ALA B 188 -18.11 31.28 21.13
N LEU B 189 -18.76 32.41 20.90
CA LEU B 189 -19.85 32.84 21.75
C LEU B 189 -21.21 32.39 21.22
N LYS B 190 -22.21 32.49 22.09
CA LYS B 190 -23.61 32.33 21.71
CA LYS B 190 -23.60 32.33 21.71
C LYS B 190 -24.01 33.48 20.78
N ILE B 191 -24.60 33.15 19.65
CA ILE B 191 -25.11 34.13 18.69
C ILE B 191 -26.56 34.43 19.05
N ASP B 192 -26.94 35.70 18.97
CA ASP B 192 -28.30 36.13 19.30
C ASP B 192 -29.20 36.02 18.06
N PHE B 193 -29.74 34.82 17.85
CA PHE B 193 -30.57 34.57 16.67
C PHE B 193 -31.88 35.34 16.68
N GLU B 194 -32.46 35.52 17.87
CA GLU B 194 -33.68 36.30 18.02
C GLU B 194 -33.45 37.72 17.53
N ARG B 195 -32.33 38.31 17.92
CA ARG B 195 -32.00 39.68 17.51
C ARG B 195 -31.78 39.77 16.00
N LEU B 196 -31.09 38.78 15.43
CA LEU B 196 -30.87 38.77 13.99
C LEU B 196 -32.18 38.59 13.24
N ALA B 197 -33.10 37.81 13.80
CA ALA B 197 -34.43 37.66 13.18
C ALA B 197 -35.20 38.97 13.16
N LYS B 198 -35.09 39.73 14.25
CA LYS B 198 -35.71 41.04 14.33
C LYS B 198 -35.16 41.97 13.26
N ILE B 199 -33.84 41.95 13.08
CA ILE B 199 -33.18 42.77 12.08
C ILE B 199 -33.68 42.39 10.68
N ALA B 200 -33.73 41.09 10.41
CA ALA B 200 -34.16 40.63 9.09
C ALA B 200 -35.60 41.01 8.81
N LYS B 201 -36.48 40.78 9.79
CA LYS B 201 -37.88 41.13 9.67
C LYS B 201 -38.06 42.63 9.40
N SER B 202 -37.25 43.45 10.08
CA SER B 202 -37.37 44.91 9.94
C SER B 202 -37.05 45.40 8.52
N VAL B 203 -36.28 44.65 7.74
CA VAL B 203 -35.99 45.04 6.35
C VAL B 203 -36.64 44.12 5.32
N GLY B 204 -37.49 43.20 5.76
CA GLY B 204 -38.15 42.25 4.86
C GLY B 204 -37.23 41.19 4.27
N ALA B 205 -36.15 40.85 4.98
CA ALA B 205 -35.20 39.83 4.50
C ALA B 205 -35.51 38.48 5.14
N TYR B 206 -35.20 37.41 4.42
CA TYR B 206 -35.18 36.08 5.02
C TYR B 206 -34.00 36.00 5.98
N LEU B 207 -34.12 35.19 7.02
CA LEU B 207 -32.98 34.83 7.84
C LEU B 207 -32.68 33.36 7.65
N MET B 208 -31.45 33.07 7.23
CA MET B 208 -30.90 31.73 7.14
C MET B 208 -29.80 31.60 8.18
N VAL B 209 -29.92 30.61 9.08
CA VAL B 209 -28.85 30.34 10.04
C VAL B 209 -28.15 29.04 9.65
N ASP B 210 -26.85 29.12 9.44
CA ASP B 210 -26.01 27.96 9.14
C ASP B 210 -25.38 27.52 10.47
N MET B 211 -25.95 26.48 11.07
CA MET B 211 -25.56 26.04 12.42
C MET B 211 -24.59 24.85 12.42
N ALA B 212 -23.95 24.57 11.29
CA ALA B 212 -23.08 23.40 11.16
C ALA B 212 -22.14 23.16 12.35
N HIS B 213 -21.45 24.22 12.81
CA HIS B 213 -20.50 24.02 13.91
C HIS B 213 -21.15 23.71 15.24
N TYR B 214 -22.32 24.27 15.46
CA TYR B 214 -22.98 24.19 16.76
C TYR B 214 -24.11 23.17 16.85
N ALA B 215 -24.45 22.49 15.76
CA ALA B 215 -25.70 21.76 15.71
C ALA B 215 -25.81 20.68 16.80
N GLY B 216 -24.72 20.01 17.13
CA GLY B 216 -24.73 18.99 18.18
C GLY B 216 -25.01 19.59 19.53
N LEU B 217 -24.39 20.73 19.80
CA LEU B 217 -24.64 21.45 21.05
C LEU B 217 -26.09 21.89 21.15
N ILE B 218 -26.63 22.39 20.04
CA ILE B 218 -28.02 22.85 19.99
C ILE B 218 -28.98 21.69 20.25
N ALA B 219 -28.72 20.55 19.64
CA ALA B 219 -29.54 19.36 19.83
C ALA B 219 -29.59 18.94 21.30
N ALA B 220 -28.49 19.18 22.01
CA ALA B 220 -28.37 18.82 23.42
C ALA B 220 -28.85 19.92 24.36
N GLY B 221 -29.24 21.05 23.80
CA GLY B 221 -29.76 22.17 24.59
C GLY B 221 -28.71 23.00 25.29
N VAL B 222 -27.45 22.91 24.85
CA VAL B 222 -26.35 23.62 25.52
C VAL B 222 -25.81 24.79 24.69
N TYR B 223 -26.50 25.10 23.60
CA TYR B 223 -26.24 26.28 22.79
C TYR B 223 -27.60 26.72 22.22
N PRO B 224 -27.82 28.03 22.03
CA PRO B 224 -29.17 28.48 21.64
C PRO B 224 -29.66 27.95 20.29
N ASN B 225 -30.95 27.66 20.20
CA ASN B 225 -31.54 27.07 18.99
C ASN B 225 -32.04 28.17 18.05
N PRO B 226 -31.54 28.22 16.81
CA PRO B 226 -32.01 29.21 15.85
C PRO B 226 -33.37 28.91 15.21
N VAL B 227 -33.83 27.66 15.33
CA VAL B 227 -35.03 27.21 14.59
C VAL B 227 -36.33 28.02 14.87
N PRO B 228 -36.61 28.37 16.14
CA PRO B 228 -37.77 29.21 16.39
C PRO B 228 -37.73 30.58 15.68
N HIS B 229 -36.53 31.04 15.32
CA HIS B 229 -36.32 32.42 14.87
C HIS B 229 -36.04 32.58 13.37
N ALA B 230 -35.54 31.53 12.74
CA ALA B 230 -35.07 31.62 11.36
C ALA B 230 -36.09 31.04 10.37
N ASP B 231 -36.09 31.59 9.17
CA ASP B 231 -36.87 31.03 8.08
C ASP B 231 -36.28 29.67 7.66
N PHE B 232 -34.95 29.61 7.61
CA PHE B 232 -34.19 28.42 7.19
C PHE B 232 -33.03 28.21 8.12
N VAL B 233 -32.75 26.95 8.46
CA VAL B 233 -31.56 26.61 9.22
C VAL B 233 -30.88 25.47 8.44
N THR B 234 -29.64 25.70 8.05
CA THR B 234 -28.85 24.66 7.39
C THR B 234 -27.82 24.10 8.35
N THR B 235 -27.36 22.88 8.04
CA THR B 235 -26.32 22.25 8.85
C THR B 235 -25.66 21.12 8.07
N THR B 236 -24.45 20.82 8.49
CA THR B 236 -23.81 19.56 8.21
C THR B 236 -24.36 18.51 9.18
N THR B 237 -24.31 17.25 8.78
CA THR B 237 -24.64 16.16 9.71
C THR B 237 -23.43 15.63 10.46
N HIS B 238 -22.25 15.92 9.92
CA HIS B 238 -20.96 15.70 10.57
C HIS B 238 -20.63 16.96 11.38
N LYS B 239 -19.41 17.00 11.92
CA LYS B 239 -18.98 18.05 12.88
C LYS B 239 -19.59 17.75 14.26
N SER B 240 -20.09 18.75 14.99
CA SER B 240 -20.51 18.49 16.38
C SER B 240 -21.73 17.57 16.50
N LEU B 241 -22.55 17.50 15.46
CA LEU B 241 -23.67 16.54 15.43
C LEU B 241 -23.21 15.08 15.35
N ARG B 242 -21.96 14.87 14.92
CA ARG B 242 -21.27 13.56 15.04
C ARG B 242 -21.83 12.47 14.12
N GLY B 243 -22.44 12.91 13.03
CA GLY B 243 -22.99 12.03 12.05
C GLY B 243 -22.11 11.77 10.82
N PRO B 244 -22.71 11.18 9.78
CA PRO B 244 -21.99 11.02 8.52
C PRO B 244 -21.79 12.34 7.81
N ARG B 245 -20.97 12.39 6.78
CA ARG B 245 -20.75 13.63 6.04
CA ARG B 245 -20.73 13.62 6.05
C ARG B 245 -21.90 13.88 5.12
N GLY B 246 -22.53 15.03 5.25
CA GLY B 246 -23.67 15.39 4.45
C GLY B 246 -24.33 16.60 5.05
N GLY B 247 -25.47 16.97 4.50
CA GLY B 247 -26.20 18.18 4.91
C GLY B 247 -27.68 17.98 5.19
N VAL B 248 -28.28 19.03 5.79
CA VAL B 248 -29.73 19.07 6.10
C VAL B 248 -30.19 20.51 5.95
N ILE B 249 -31.39 20.71 5.41
CA ILE B 249 -32.11 21.99 5.51
C ILE B 249 -33.32 21.82 6.42
N LEU B 250 -33.46 22.71 7.41
CA LEU B 250 -34.66 22.84 8.22
C LEU B 250 -35.36 24.13 7.78
N MET B 251 -36.68 24.12 7.67
CA MET B 251 -37.40 25.28 7.20
C MET B 251 -38.78 25.40 7.79
N LYS B 252 -39.26 26.63 7.90
CA LYS B 252 -40.65 26.87 8.23
C LYS B 252 -41.53 26.21 7.18
N ALA B 253 -42.71 25.76 7.60
CA ALA B 253 -43.58 24.99 6.71
C ALA B 253 -43.96 25.75 5.44
N GLU B 254 -44.08 27.09 5.54
CA GLU B 254 -44.44 27.87 4.35
C GLU B 254 -43.40 27.78 3.21
N TYR B 255 -42.18 27.37 3.55
CA TYR B 255 -41.08 27.24 2.56
C TYR B 255 -40.78 25.80 2.17
N GLU B 256 -41.59 24.86 2.65
CA GLU B 256 -41.37 23.43 2.37
C GLU B 256 -41.32 23.16 0.87
N LYS B 257 -42.29 23.68 0.12
CA LYS B 257 -42.34 23.44 -1.32
C LYS B 257 -41.12 24.01 -2.08
N PRO B 258 -40.79 25.30 -1.90
CA PRO B 258 -39.63 25.80 -2.64
C PRO B 258 -38.32 25.14 -2.27
N ILE B 259 -38.13 24.85 -0.99
CA ILE B 259 -36.91 24.15 -0.56
C ILE B 259 -36.82 22.75 -1.15
N ASN B 260 -37.88 21.97 -1.04
CA ASN B 260 -37.83 20.60 -1.59
C ASN B 260 -37.60 20.62 -3.10
N SER B 261 -38.25 21.56 -3.80
CA SER B 261 -38.07 21.69 -5.26
C SER B 261 -36.66 22.13 -5.63
N ALA B 262 -36.04 22.94 -4.78
CA ALA B 262 -34.69 23.42 -5.05
C ALA B 262 -33.63 22.31 -4.91
N ILE B 263 -33.81 21.42 -3.95
CA ILE B 263 -32.87 20.31 -3.80
C ILE B 263 -33.05 19.30 -4.93
N PHE B 264 -34.31 18.99 -5.25
CA PHE B 264 -34.59 18.12 -6.40
C PHE B 264 -35.91 18.53 -7.00
N PRO B 265 -35.96 18.84 -8.30
CA PRO B 265 -34.93 18.72 -9.34
C PRO B 265 -33.94 19.87 -9.50
N GLY B 266 -33.88 20.79 -8.53
CA GLY B 266 -33.05 21.98 -8.70
C GLY B 266 -31.55 21.74 -8.79
N ILE B 267 -30.94 21.28 -7.72
CA ILE B 267 -29.47 21.24 -7.66
C ILE B 267 -28.86 19.84 -7.41
N GLN B 268 -29.69 18.85 -7.12
CA GLN B 268 -29.26 17.47 -6.96
C GLN B 268 -30.09 16.55 -7.82
N GLY B 269 -29.63 15.31 -7.88
CA GLY B 269 -30.29 14.21 -8.56
C GLY B 269 -30.69 13.16 -7.55
N GLY B 270 -30.18 11.94 -7.70
CA GLY B 270 -30.55 10.88 -6.75
C GLY B 270 -29.91 11.14 -5.39
N PRO B 271 -30.68 11.06 -4.32
CA PRO B 271 -30.08 11.24 -3.01
C PRO B 271 -29.21 10.03 -2.64
N LEU B 272 -28.28 10.22 -1.73
CA LEU B 272 -27.42 9.16 -1.26
C LEU B 272 -28.15 8.42 -0.15
N MET B 273 -28.92 7.40 -0.50
CA MET B 273 -29.82 6.79 0.50
C MET B 273 -29.07 6.10 1.66
N HIS B 274 -27.91 5.53 1.35
CA HIS B 274 -27.04 4.97 2.37
C HIS B 274 -26.55 6.02 3.35
N VAL B 275 -26.24 7.21 2.85
CA VAL B 275 -25.84 8.29 3.75
C VAL B 275 -27.06 8.76 4.56
N ILE B 276 -28.23 8.80 3.92
CA ILE B 276 -29.44 9.21 4.63
C ILE B 276 -29.79 8.22 5.74
N ALA B 277 -29.62 6.92 5.50
CA ALA B 277 -29.73 5.93 6.57
C ALA B 277 -28.76 6.27 7.71
N ALA B 278 -27.53 6.63 7.36
CA ALA B 278 -26.51 6.97 8.35
C ALA B 278 -26.92 8.24 9.12
N LYS B 279 -27.54 9.19 8.43
CA LYS B 279 -28.05 10.38 9.10
C LYS B 279 -29.12 9.99 10.12
N ALA B 280 -30.02 9.10 9.73
CA ALA B 280 -31.11 8.66 10.61
C ALA B 280 -30.52 8.01 11.88
N VAL B 281 -29.51 7.17 11.72
CA VAL B 281 -28.81 6.57 12.87
C VAL B 281 -28.19 7.65 13.76
N ALA B 282 -27.50 8.62 13.16
CA ALA B 282 -26.86 9.69 13.91
C ALA B 282 -27.92 10.52 14.66
N PHE B 283 -29.09 10.73 14.05
CA PHE B 283 -30.16 11.49 14.72
C PHE B 283 -30.74 10.73 15.88
N LYS B 284 -30.90 9.41 15.75
CA LYS B 284 -31.32 8.57 16.87
CA LYS B 284 -31.33 8.58 16.88
C LYS B 284 -30.32 8.69 18.02
N GLU B 285 -29.02 8.61 17.68
CA GLU B 285 -27.98 8.78 18.71
C GLU B 285 -28.11 10.15 19.39
N ALA B 286 -28.38 11.19 18.59
CA ALA B 286 -28.41 12.55 19.11
C ALA B 286 -29.62 12.83 19.99
N LEU B 287 -30.69 12.04 19.83
CA LEU B 287 -31.89 12.15 20.68
C LEU B 287 -31.70 11.56 22.07
N SER B 288 -30.61 10.82 22.26
CA SER B 288 -30.43 10.07 23.50
C SER B 288 -29.91 10.93 24.65
N PRO B 289 -30.19 10.53 25.89
CA PRO B 289 -29.60 11.21 27.04
C PRO B 289 -28.06 11.18 27.05
N GLU B 290 -27.47 10.12 26.52
CA GLU B 290 -26.02 9.98 26.46
C GLU B 290 -25.42 11.09 25.60
N PHE B 291 -26.12 11.49 24.54
CA PHE B 291 -25.62 12.54 23.65
C PHE B 291 -25.64 13.89 24.34
N LYS B 292 -26.67 14.14 25.16
CA LYS B 292 -26.70 15.36 25.95
C LYS B 292 -25.51 15.39 26.93
N GLU B 293 -25.25 14.27 27.62
CA GLU B 293 -24.07 14.17 28.48
C GLU B 293 -22.77 14.45 27.72
N TYR B 294 -22.65 13.88 26.53
CA TYR B 294 -21.50 14.11 25.69
C TYR B 294 -21.30 15.61 25.41
N GLN B 295 -22.36 16.28 24.99
CA GLN B 295 -22.24 17.70 24.66
C GLN B 295 -21.96 18.57 25.89
N GLN B 296 -22.49 18.18 27.05
CA GLN B 296 -22.12 18.85 28.28
C GLN B 296 -20.61 18.76 28.53
N LYS B 297 -20.05 17.57 28.26
CA LYS B 297 -18.60 17.37 28.38
C LYS B 297 -17.81 18.14 27.34
N VAL B 298 -18.36 18.24 26.13
CA VAL B 298 -17.74 19.03 25.08
C VAL B 298 -17.58 20.47 25.58
N VAL B 299 -18.65 21.03 26.13
CA VAL B 299 -18.63 22.43 26.57
C VAL B 299 -17.64 22.60 27.74
N GLU B 300 -17.68 21.68 28.70
CA GLU B 300 -16.78 21.75 29.85
CA GLU B 300 -16.78 21.74 29.84
C GLU B 300 -15.31 21.63 29.41
N ASN B 301 -15.03 20.68 28.52
CA ASN B 301 -13.66 20.50 28.06
C ASN B 301 -13.11 21.70 27.29
N ALA B 302 -13.94 22.33 26.47
CA ALA B 302 -13.53 23.53 25.76
C ALA B 302 -13.23 24.66 26.74
N ARG B 303 -14.07 24.83 27.76
CA ARG B 303 -13.84 25.85 28.77
CA ARG B 303 -13.84 25.85 28.77
C ARG B 303 -12.51 25.61 29.48
N VAL B 304 -12.28 24.37 29.89
CA VAL B 304 -11.06 24.02 30.61
C VAL B 304 -9.82 24.23 29.72
N LEU B 305 -9.92 23.83 28.46
CA LEU B 305 -8.81 24.02 27.55
C LEU B 305 -8.47 25.52 27.42
N ALA B 306 -9.49 26.33 27.22
CA ALA B 306 -9.33 27.79 27.13
C ALA B 306 -8.71 28.39 28.38
N GLU B 307 -9.27 28.03 29.54
CA GLU B 307 -8.75 28.48 30.83
C GLU B 307 -7.28 28.14 31.02
N THR B 308 -6.89 26.93 30.59
CA THR B 308 -5.53 26.47 30.75
C THR B 308 -4.58 27.28 29.87
N LEU B 309 -4.98 27.53 28.64
CA LEU B 309 -4.14 28.32 27.74
C LEU B 309 -3.98 29.75 28.25
N VAL B 310 -5.03 30.31 28.84
CA VAL B 310 -4.95 31.65 29.42
C VAL B 310 -3.99 31.67 30.61
N LYS B 311 -4.05 30.64 31.46
CA LYS B 311 -3.07 30.53 32.53
C LYS B 311 -1.63 30.49 32.04
N ARG B 312 -1.42 29.92 30.85
CA ARG B 312 -0.08 29.82 30.25
C ARG B 312 0.27 31.05 29.41
N GLY B 313 -0.56 32.09 29.44
CA GLY B 313 -0.20 33.38 28.86
C GLY B 313 -0.76 33.68 27.48
N LEU B 314 -1.63 32.82 26.97
CA LEU B 314 -2.29 33.02 25.69
C LEU B 314 -3.57 33.83 25.90
N ARG B 315 -4.17 34.27 24.80
CA ARG B 315 -5.41 35.04 24.83
C ARG B 315 -6.43 34.34 23.95
N ILE B 316 -7.68 34.33 24.41
CA ILE B 316 -8.80 33.78 23.67
C ILE B 316 -9.59 34.93 23.05
N VAL B 317 -9.77 34.88 21.74
CA VAL B 317 -10.59 35.86 21.07
C VAL B 317 -12.00 35.83 21.69
N SER B 318 -12.58 37.01 21.91
CA SER B 318 -13.87 37.19 22.58
C SER B 318 -13.79 37.08 24.11
N GLY B 319 -12.64 36.64 24.63
CA GLY B 319 -12.37 36.62 26.07
C GLY B 319 -12.80 35.34 26.79
N ARG B 320 -13.54 34.49 26.09
CA ARG B 320 -14.11 33.27 26.66
C ARG B 320 -14.72 32.44 25.56
N THR B 321 -15.00 31.18 25.87
CA THR B 321 -15.85 30.37 25.01
C THR B 321 -17.17 30.03 25.71
N GLU B 322 -18.22 29.93 24.91
CA GLU B 322 -19.54 29.47 25.33
C GLU B 322 -19.97 28.29 24.48
N SER B 323 -19.01 27.59 23.89
CA SER B 323 -19.32 26.56 22.93
C SER B 323 -18.22 25.48 22.93
N HIS B 324 -18.02 24.84 21.78
CA HIS B 324 -17.03 23.79 21.60
C HIS B 324 -15.69 24.31 21.07
N VAL B 325 -15.66 25.59 20.69
CA VAL B 325 -14.56 26.14 19.89
C VAL B 325 -13.94 27.37 20.55
N MET B 326 -12.69 27.63 20.18
CA MET B 326 -12.01 28.85 20.57
C MET B 326 -10.99 29.23 19.50
N LEU B 327 -10.73 30.52 19.40
CA LEU B 327 -9.66 31.04 18.57
C LEU B 327 -8.61 31.60 19.51
N VAL B 328 -7.40 31.06 19.41
CA VAL B 328 -6.29 31.45 20.27
C VAL B 328 -5.40 32.47 19.57
N ASP B 329 -5.29 33.66 20.15
CA ASP B 329 -4.36 34.70 19.73
C ASP B 329 -2.97 34.36 20.30
N LEU B 330 -2.02 34.10 19.40
CA LEU B 330 -0.69 33.56 19.75
C LEU B 330 0.40 34.61 19.95
N ARG B 331 0.05 35.88 19.80
CA ARG B 331 1.07 36.92 19.72
C ARG B 331 1.98 37.03 20.95
N ALA B 332 1.45 36.74 22.13
CA ALA B 332 2.25 36.80 23.35
C ALA B 332 3.42 35.82 23.31
N LYS B 333 3.29 34.75 22.54
CA LYS B 333 4.39 33.78 22.40
C LYS B 333 5.21 33.92 21.10
N HIS B 334 4.98 35.00 20.36
CA HIS B 334 5.81 35.35 19.19
C HIS B 334 5.93 34.19 18.23
N ILE B 335 4.79 33.59 17.91
CA ILE B 335 4.71 32.47 17.00
C ILE B 335 3.49 32.70 16.09
N THR B 336 3.64 32.39 14.81
CA THR B 336 2.54 32.54 13.86
C THR B 336 1.62 31.32 13.92
N GLY B 337 0.41 31.47 13.41
CA GLY B 337 -0.52 30.35 13.34
C GLY B 337 0.05 29.21 12.51
N LYS B 338 0.66 29.56 11.37
CA LYS B 338 1.29 28.57 10.49
C LYS B 338 2.38 27.79 11.22
N ALA B 339 3.28 28.50 11.90
CA ALA B 339 4.37 27.88 12.64
C ALA B 339 3.85 27.02 13.79
N ALA B 340 2.82 27.52 14.50
CA ALA B 340 2.20 26.75 15.59
C ALA B 340 1.57 25.45 15.09
N GLU B 341 0.79 25.54 14.01
CA GLU B 341 0.17 24.36 13.42
C GLU B 341 1.22 23.29 13.10
N ALA B 342 2.33 23.73 12.47
CA ALA B 342 3.37 22.80 12.06
C ALA B 342 4.05 22.13 13.25
N ALA B 343 4.38 22.92 14.27
CA ALA B 343 5.09 22.39 15.43
C ALA B 343 4.18 21.47 16.23
N LEU B 344 2.94 21.86 16.41
CA LEU B 344 1.98 21.02 17.13
C LEU B 344 1.77 19.70 16.38
N GLY B 345 1.68 19.77 15.06
CA GLY B 345 1.56 18.57 14.24
C GLY B 345 2.71 17.60 14.43
N ALA B 346 3.92 18.13 14.52
CA ALA B 346 5.11 17.32 14.76
C ALA B 346 4.99 16.59 16.12
N ALA B 347 4.29 17.22 17.06
CA ALA B 347 4.06 16.64 18.39
C ALA B 347 2.77 15.81 18.49
N HIS B 348 2.15 15.55 17.33
CA HIS B 348 0.95 14.72 17.25
C HIS B 348 -0.32 15.36 17.80
N ILE B 349 -0.37 16.68 17.78
CA ILE B 349 -1.55 17.45 18.14
C ILE B 349 -2.00 18.23 16.89
N THR B 350 -3.19 17.91 16.41
CA THR B 350 -3.68 18.45 15.17
C THR B 350 -4.56 19.67 15.45
N VAL B 351 -4.14 20.81 14.89
CA VAL B 351 -4.90 22.05 14.97
C VAL B 351 -4.95 22.71 13.59
N ASN B 352 -5.63 23.84 13.47
CA ASN B 352 -5.45 24.63 12.26
C ASN B 352 -5.26 26.10 12.54
N LYS B 353 -4.40 26.71 11.73
CA LYS B 353 -4.17 28.14 11.79
C LYS B 353 -5.46 28.88 11.41
N ASN B 354 -5.61 30.09 11.95
CA ASN B 354 -6.78 30.89 11.69
C ASN B 354 -6.46 32.34 12.00
N ALA B 355 -6.87 33.24 11.12
CA ALA B 355 -6.68 34.67 11.34
C ALA B 355 -7.46 35.12 12.57
N ILE B 356 -6.92 36.09 13.28
CA ILE B 356 -7.63 36.75 14.38
C ILE B 356 -8.13 38.11 13.88
N PRO B 357 -9.05 38.75 14.63
CA PRO B 357 -9.47 40.08 14.22
C PRO B 357 -8.27 41.02 14.13
N ASN B 358 -8.21 41.80 13.05
CA ASN B 358 -7.11 42.72 12.77
C ASN B 358 -5.75 42.05 12.84
N ASP B 359 -5.67 40.88 12.22
CA ASP B 359 -4.45 40.09 12.21
C ASP B 359 -3.33 40.85 11.50
N PRO B 360 -2.16 41.00 12.17
CA PRO B 360 -1.04 41.68 11.51
C PRO B 360 -0.33 40.83 10.45
N GLU B 361 -0.59 39.52 10.41
CA GLU B 361 0.09 38.61 9.48
C GLU B 361 -0.70 38.41 8.20
N LYS B 362 -0.01 37.93 7.16
CA LYS B 362 -0.64 37.61 5.88
C LYS B 362 -1.61 36.43 6.04
N PRO B 363 -2.59 36.31 5.12
CA PRO B 363 -3.69 35.35 5.31
C PRO B 363 -3.26 33.88 5.42
N PHE B 364 -2.15 33.49 4.81
CA PHE B 364 -1.70 32.09 4.90
C PHE B 364 -0.75 31.89 6.06
N VAL B 365 -0.44 32.96 6.80
CA VAL B 365 0.45 32.90 7.94
C VAL B 365 -0.37 32.93 9.24
N THR B 366 -1.08 34.04 9.44
CA THR B 366 -1.99 34.27 10.59
C THR B 366 -1.29 34.38 11.94
N SER B 367 -2.05 34.87 12.92
CA SER B 367 -1.59 35.01 14.31
C SER B 367 -2.38 34.13 15.27
N GLY B 368 -3.11 33.14 14.75
CA GLY B 368 -3.99 32.34 15.59
C GLY B 368 -4.07 30.88 15.23
N ILE B 369 -4.58 30.09 16.18
CA ILE B 369 -5.03 28.73 15.89
C ILE B 369 -6.43 28.53 16.44
N ARG B 370 -7.23 27.77 15.71
CA ARG B 370 -8.56 27.40 16.16
C ARG B 370 -8.46 26.02 16.78
N LEU B 371 -9.09 25.86 17.95
CA LEU B 371 -9.13 24.59 18.68
C LEU B 371 -10.56 24.26 19.02
N GLY B 372 -10.90 22.99 18.98
CA GLY B 372 -12.20 22.55 19.48
C GLY B 372 -12.10 21.26 20.27
N SER B 373 -13.08 21.06 21.16
CA SER B 373 -13.17 19.85 21.97
C SER B 373 -14.00 18.64 21.47
N PRO B 374 -14.81 18.75 20.38
CA PRO B 374 -15.66 17.56 20.09
C PRO B 374 -14.95 16.20 19.93
N ALA B 375 -13.86 16.15 19.17
CA ALA B 375 -13.21 14.89 18.91
C ALA B 375 -12.51 14.30 20.12
N MET B 376 -11.77 15.11 20.87
CA MET B 376 -11.08 14.59 22.05
C MET B 376 -12.11 14.12 23.09
N THR B 377 -13.26 14.80 23.14
CA THR B 377 -14.31 14.43 24.07
C THR B 377 -14.95 13.09 23.65
N THR B 378 -15.11 12.88 22.36
CA THR B 378 -15.68 11.64 21.87
C THR B 378 -14.84 10.43 22.27
N ARG B 379 -13.50 10.56 22.23
CA ARG B 379 -12.63 9.45 22.60
C ARG B 379 -12.41 9.32 24.12
N GLY B 380 -13.05 10.18 24.90
CA GLY B 380 -13.18 9.98 26.34
C GLY B 380 -12.42 10.91 27.24
N PHE B 381 -11.78 11.92 26.67
CA PHE B 381 -11.07 12.91 27.52
C PHE B 381 -12.07 13.64 28.41
N GLY B 382 -11.65 13.88 29.64
CA GLY B 382 -12.39 14.70 30.60
C GLY B 382 -11.59 15.93 30.95
N PRO B 383 -12.04 16.66 31.96
CA PRO B 383 -11.37 17.92 32.29
C PRO B 383 -9.89 17.78 32.64
N ALA B 384 -9.49 16.70 33.29
CA ALA B 384 -8.07 16.51 33.61
C ALA B 384 -7.23 16.42 32.32
N GLU B 385 -7.76 15.71 31.33
CA GLU B 385 -7.07 15.55 30.05
C GLU B 385 -7.12 16.84 29.24
N ALA B 386 -8.23 17.58 29.29
CA ALA B 386 -8.31 18.88 28.61
C ALA B 386 -7.23 19.84 29.12
N GLU B 387 -7.04 19.87 30.45
CA GLU B 387 -6.00 20.66 31.07
C GLU B 387 -4.59 20.19 30.67
N GLN B 388 -4.36 18.88 30.67
CA GLN B 388 -3.07 18.36 30.21
CA GLN B 388 -3.08 18.32 30.22
C GLN B 388 -2.79 18.79 28.79
N VAL B 389 -3.79 18.67 27.94
CA VAL B 389 -3.65 19.05 26.53
C VAL B 389 -3.32 20.54 26.41
N GLY B 390 -4.01 21.37 27.18
CA GLY B 390 -3.71 22.80 27.17
C GLY B 390 -2.25 23.07 27.51
N ASN B 391 -1.74 22.38 28.53
CA ASN B 391 -0.35 22.54 28.91
C ASN B 391 0.66 22.02 27.89
N LEU B 392 0.33 20.89 27.24
CA LEU B 392 1.18 20.36 26.19
C LEU B 392 1.25 21.31 24.99
N ILE B 393 0.11 21.90 24.63
CA ILE B 393 0.09 22.91 23.57
C ILE B 393 1.01 24.08 23.93
N ALA B 394 0.85 24.63 25.13
CA ALA B 394 1.65 25.77 25.54
C ALA B 394 3.14 25.41 25.56
N ASP B 395 3.47 24.19 25.97
CA ASP B 395 4.86 23.73 25.97
C ASP B 395 5.48 23.82 24.57
N VAL B 396 4.72 23.39 23.57
CA VAL B 396 5.18 23.47 22.18
C VAL B 396 5.28 24.94 21.74
N LEU B 397 4.27 25.75 22.05
CA LEU B 397 4.23 27.13 21.60
C LEU B 397 5.42 27.92 22.14
N GLU B 398 5.90 27.57 23.35
CA GLU B 398 7.03 28.26 23.96
C GLU B 398 8.39 27.85 23.43
N ASN B 399 8.49 26.70 22.78
CA ASN B 399 9.75 26.24 22.24
C ASN B 399 9.51 25.38 20.99
N PRO B 400 8.94 25.99 19.94
CA PRO B 400 8.39 25.20 18.84
C PRO B 400 9.40 24.47 17.97
N GLU B 401 10.66 24.93 17.97
CA GLU B 401 11.72 24.34 17.15
C GLU B 401 12.73 23.52 17.97
N ASP B 402 12.40 23.25 19.23
CA ASP B 402 13.26 22.46 20.10
C ASP B 402 12.91 20.97 19.98
N ALA B 403 13.82 20.19 19.41
CA ALA B 403 13.56 18.76 19.18
C ALA B 403 13.17 18.03 20.46
N ALA B 404 13.87 18.31 21.54
CA ALA B 404 13.61 17.65 22.80
C ALA B 404 12.19 17.94 23.29
N THR B 405 11.74 19.18 23.14
CA THR B 405 10.40 19.58 23.61
C THR B 405 9.36 18.83 22.80
N ILE B 406 9.55 18.82 21.49
CA ILE B 406 8.60 18.16 20.60
C ILE B 406 8.53 16.67 20.93
N GLU B 407 9.69 16.04 21.14
CA GLU B 407 9.73 14.63 21.49
C GLU B 407 9.06 14.35 22.85
N ARG B 408 9.29 15.20 23.84
CA ARG B 408 8.65 15.03 25.16
C ARG B 408 7.13 15.09 25.07
N VAL B 409 6.63 16.07 24.33
CA VAL B 409 5.20 16.23 24.16
C VAL B 409 4.65 15.03 23.40
N ARG B 410 5.34 14.63 22.34
CA ARG B 410 4.88 13.48 21.54
C ARG B 410 4.74 12.23 22.41
N ALA B 411 5.70 12.03 23.32
CA ALA B 411 5.65 10.88 24.23
C ALA B 411 4.44 10.98 25.16
N GLN B 412 4.15 12.18 25.66
CA GLN B 412 2.96 12.37 26.51
C GLN B 412 1.65 12.17 25.74
N VAL B 413 1.64 12.63 24.49
CA VAL B 413 0.48 12.42 23.62
C VAL B 413 0.26 10.94 23.41
N ALA B 414 1.34 10.19 23.19
CA ALA B 414 1.24 8.74 23.01
C ALA B 414 0.64 8.03 24.23
N GLU B 415 1.01 8.45 25.44
CA GLU B 415 0.36 7.90 26.64
C GLU B 415 -1.13 8.16 26.64
N LEU B 416 -1.53 9.38 26.29
CA LEU B 416 -2.96 9.71 26.26
C LEU B 416 -3.71 8.92 25.18
N THR B 417 -3.15 8.82 23.98
CA THR B 417 -3.89 8.17 22.89
C THR B 417 -4.02 6.67 23.12
N LYS B 418 -3.00 6.06 23.72
CA LYS B 418 -3.07 4.64 24.09
C LYS B 418 -4.11 4.41 25.20
N ARG B 419 -4.21 5.33 26.14
CA ARG B 419 -5.17 5.20 27.22
C ARG B 419 -6.61 5.45 26.79
N PHE B 420 -6.78 6.27 25.75
CA PHE B 420 -8.10 6.66 25.24
C PHE B 420 -8.23 6.31 23.75
N PRO B 421 -8.35 5.01 23.43
CA PRO B 421 -8.51 4.65 22.03
C PRO B 421 -9.84 5.15 21.44
N VAL B 422 -9.84 5.42 20.14
CA VAL B 422 -11.07 5.89 19.48
C VAL B 422 -12.02 4.72 19.20
N TYR B 423 -11.53 3.68 18.51
CA TYR B 423 -12.34 2.52 18.07
C TYR B 423 -11.84 1.20 18.65
N MET C 10 3.15 -8.28 20.08
CA MET C 10 4.20 -8.32 19.00
C MET C 10 4.72 -9.74 18.69
N PHE C 11 4.51 -10.69 19.61
CA PHE C 11 4.98 -12.09 19.43
C PHE C 11 3.87 -13.15 19.56
N ASP C 12 2.62 -12.69 19.42
CA ASP C 12 1.46 -13.55 19.32
C ASP C 12 1.22 -13.73 17.82
N ARG C 13 1.22 -14.99 17.36
CA ARG C 13 1.07 -15.27 15.92
C ARG C 13 -0.32 -14.89 15.39
N ALA C 14 -1.31 -14.83 16.29
CA ALA C 14 -2.63 -14.29 15.96
C ALA C 14 -2.60 -12.80 15.58
N GLN C 15 -1.84 -12.00 16.32
CA GLN C 15 -1.78 -10.54 16.10
C GLN C 15 -0.66 -10.07 15.17
N SER C 16 0.50 -10.74 15.25
CA SER C 16 1.67 -10.37 14.43
C SER C 16 1.57 -10.99 13.04
N THR C 17 0.70 -10.43 12.20
CA THR C 17 0.55 -10.85 10.81
C THR C 17 1.07 -9.71 10.00
N ILE C 18 1.46 -9.96 8.76
CA ILE C 18 1.99 -8.87 7.98
C ILE C 18 0.94 -7.76 7.84
N ALA C 19 -0.30 -8.15 7.58
CA ALA C 19 -1.39 -7.18 7.37
C ALA C 19 -1.57 -6.26 8.58
N ASN C 20 -1.49 -6.80 9.79
CA ASN C 20 -1.69 -6.00 11.00
C ASN C 20 -0.48 -5.14 11.32
N VAL C 21 0.70 -5.68 11.15
CA VAL C 21 1.91 -4.99 11.55
C VAL C 21 2.33 -3.95 10.50
N ASP C 22 2.19 -4.29 9.23
CA ASP C 22 2.80 -3.53 8.14
C ASP C 22 1.89 -3.64 6.91
N PRO C 23 0.77 -2.89 6.91
CA PRO C 23 -0.18 -3.00 5.82
C PRO C 23 0.44 -2.65 4.45
N GLU C 24 1.40 -1.73 4.42
CA GLU C 24 2.05 -1.39 3.16
C GLU C 24 2.83 -2.56 2.57
N ILE C 25 3.58 -3.26 3.41
CA ILE C 25 4.34 -4.41 2.92
C ILE C 25 3.40 -5.54 2.56
N PHE C 26 2.36 -5.74 3.35
CA PHE C 26 1.32 -6.69 3.00
C PHE C 26 0.80 -6.44 1.59
N ALA C 27 0.44 -5.19 1.31
CA ALA C 27 -0.18 -4.86 0.04
C ALA C 27 0.78 -5.17 -1.10
N ALA C 28 2.04 -4.80 -0.93
CA ALA C 28 3.06 -5.03 -1.98
C ALA C 28 3.25 -6.52 -2.23
N ILE C 29 3.30 -7.31 -1.17
CA ILE C 29 3.39 -8.77 -1.31
C ILE C 29 2.17 -9.32 -2.04
N GLU C 30 0.98 -8.87 -1.67
CA GLU C 30 -0.24 -9.37 -2.35
C GLU C 30 -0.21 -9.06 -3.84
N GLN C 31 0.28 -7.88 -4.18
CA GLN C 31 0.34 -7.48 -5.61
C GLN C 31 1.40 -8.29 -6.35
N GLU C 32 2.52 -8.58 -5.68
CA GLU C 32 3.51 -9.48 -6.28
C GLU C 32 2.98 -10.91 -6.47
N ASN C 33 2.22 -11.44 -5.51
CA ASN C 33 1.59 -12.76 -5.68
C ASN C 33 0.75 -12.78 -6.94
N ARG C 34 -0.05 -11.74 -7.11
CA ARG C 34 -0.94 -11.63 -8.26
C ARG C 34 -0.16 -11.47 -9.56
N ARG C 35 0.91 -10.66 -9.53
CA ARG C 35 1.78 -10.48 -10.70
C ARG C 35 2.39 -11.81 -11.15
N GLN C 36 2.78 -12.64 -10.20
CA GLN C 36 3.33 -13.96 -10.54
C GLN C 36 2.27 -14.82 -11.23
N GLU C 37 1.02 -14.77 -10.76
CA GLU C 37 -0.04 -15.49 -11.43
C GLU C 37 -0.32 -14.98 -12.82
N ASP C 38 -0.36 -13.66 -12.98
CA ASP C 38 -0.94 -13.03 -14.15
C ASP C 38 -0.01 -12.81 -15.34
N HIS C 39 1.25 -13.14 -15.19
CA HIS C 39 2.21 -13.07 -16.29
C HIS C 39 2.83 -14.40 -16.57
N ILE C 40 3.16 -14.65 -17.84
CA ILE C 40 3.90 -15.83 -18.20
C ILE C 40 5.39 -15.47 -18.11
N GLU C 41 6.05 -16.12 -17.18
CA GLU C 41 7.47 -15.87 -16.89
C GLU C 41 8.34 -16.76 -17.77
N LEU C 42 9.09 -16.14 -18.69
CA LEU C 42 10.10 -16.83 -19.51
C LEU C 42 11.52 -16.41 -19.23
N ILE C 43 11.76 -15.68 -18.15
CA ILE C 43 13.12 -15.38 -17.76
C ILE C 43 13.77 -16.69 -17.28
N ALA C 44 14.89 -17.05 -17.89
CA ALA C 44 15.40 -18.43 -17.78
C ALA C 44 15.98 -18.76 -16.41
N SER C 45 16.27 -17.71 -15.64
CA SER C 45 16.81 -17.82 -14.29
C SER C 45 15.72 -17.86 -13.23
N GLU C 46 14.46 -17.72 -13.65
CA GLU C 46 13.33 -17.63 -12.71
C GLU C 46 12.60 -18.96 -12.58
N ASN C 47 12.01 -19.17 -11.42
CA ASN C 47 11.19 -20.35 -11.19
C ASN C 47 10.21 -20.01 -10.07
N TYR C 48 9.36 -20.97 -9.73
CA TYR C 48 8.49 -20.84 -8.55
C TYR C 48 8.79 -21.95 -7.59
N THR C 49 9.20 -21.62 -6.36
CA THR C 49 9.57 -22.67 -5.41
C THR C 49 8.33 -23.12 -4.62
N SER C 50 8.44 -24.30 -4.02
CA SER C 50 7.26 -24.90 -3.40
C SER C 50 6.84 -24.25 -2.10
N PRO C 51 5.56 -24.41 -1.74
CA PRO C 51 5.11 -23.95 -0.43
C PRO C 51 5.96 -24.50 0.72
N ALA C 52 6.39 -25.76 0.62
CA ALA C 52 7.19 -26.32 1.71
C ALA C 52 8.53 -25.63 1.85
N VAL C 53 9.17 -25.30 0.73
CA VAL C 53 10.42 -24.59 0.76
C VAL C 53 10.22 -23.21 1.38
N MET C 54 9.18 -22.50 0.96
CA MET C 54 8.90 -21.17 1.54
C MET C 54 8.63 -21.27 3.05
N ALA C 55 7.85 -22.28 3.46
CA ALA C 55 7.55 -22.47 4.88
C ALA C 55 8.82 -22.67 5.71
N ALA C 56 9.78 -23.42 5.16
CA ALA C 56 11.05 -23.66 5.89
C ALA C 56 11.79 -22.34 6.11
N GLN C 57 11.81 -21.49 5.11
CA GLN C 57 12.57 -20.24 5.29
C GLN C 57 11.77 -19.18 6.05
N GLY C 58 10.47 -19.42 6.24
CA GLY C 58 9.66 -18.66 7.18
C GLY C 58 9.68 -19.15 8.63
N SER C 59 10.62 -20.05 8.95
CA SER C 59 10.63 -20.72 10.25
C SER C 59 11.48 -19.98 11.30
N GLN C 60 11.40 -20.46 12.53
CA GLN C 60 12.16 -19.88 13.64
C GLN C 60 13.65 -20.13 13.56
N LEU C 61 14.10 -20.86 12.55
CA LEU C 61 15.54 -21.13 12.41
C LEU C 61 16.33 -19.85 12.11
N THR C 62 15.62 -18.79 11.70
CA THR C 62 16.26 -17.47 11.58
C THR C 62 16.81 -16.95 12.90
N ASN C 63 16.30 -17.46 14.01
CA ASN C 63 16.75 -17.01 15.33
C ASN C 63 18.09 -17.63 15.78
N LYS C 64 18.61 -18.62 15.08
CA LYS C 64 19.80 -19.34 15.60
C LYS C 64 21.11 -18.91 14.94
N TYR C 65 22.06 -18.53 15.78
CA TYR C 65 23.47 -18.25 15.37
C TYR C 65 24.21 -19.57 15.42
N ALA C 66 24.71 -20.01 14.28
CA ALA C 66 25.33 -21.35 14.20
C ALA C 66 26.62 -21.31 13.38
N GLU C 67 27.48 -20.33 13.69
CA GLU C 67 28.77 -20.28 13.08
C GLU C 67 29.53 -21.60 13.28
N GLY C 68 30.24 -22.00 12.24
CA GLY C 68 31.00 -23.25 12.23
C GLY C 68 30.25 -24.25 11.37
N TYR C 69 30.47 -25.53 11.68
CA TYR C 69 29.90 -26.65 10.92
C TYR C 69 29.29 -27.67 11.86
N PRO C 70 28.46 -28.59 11.32
CA PRO C 70 27.79 -29.58 12.18
C PRO C 70 28.76 -30.31 13.10
N GLY C 71 28.47 -30.28 14.41
CA GLY C 71 29.30 -30.93 15.40
C GLY C 71 30.59 -30.16 15.74
N LYS C 72 30.78 -29.01 15.10
CA LYS C 72 31.98 -28.19 15.23
C LYS C 72 31.57 -26.71 15.22
N ARG C 73 30.65 -26.37 16.11
CA ARG C 73 30.06 -25.03 16.18
C ARG C 73 30.75 -24.22 17.28
N TYR C 74 30.71 -22.92 17.14
CA TYR C 74 31.23 -22.02 18.17
C TYR C 74 30.35 -21.95 19.40
N TYR C 75 29.04 -21.93 19.17
CA TYR C 75 28.08 -21.83 20.27
C TYR C 75 27.36 -23.15 20.53
N GLY C 76 26.82 -23.28 21.73
CA GLY C 76 26.01 -24.43 22.08
C GLY C 76 24.62 -24.36 21.49
N GLY C 77 23.85 -25.41 21.75
CA GLY C 77 22.45 -25.43 21.34
C GLY C 77 22.20 -25.67 19.87
N CYS C 78 23.18 -26.22 19.15
CA CYS C 78 23.07 -26.43 17.73
C CYS C 78 22.64 -27.86 17.33
N GLU C 79 22.18 -28.66 18.28
CA GLU C 79 21.86 -30.08 17.96
C GLU C 79 20.88 -30.21 16.81
N TYR C 80 19.84 -29.36 16.77
CA TYR C 80 18.80 -29.51 15.75
C TYR C 80 19.15 -28.84 14.41
N VAL C 81 19.82 -27.68 14.46
CA VAL C 81 20.30 -27.07 13.22
C VAL C 81 21.44 -27.91 12.60
N ASP C 82 22.16 -28.69 13.41
CA ASP C 82 23.14 -29.66 12.87
C ASP C 82 22.45 -30.74 12.07
N VAL C 83 21.32 -31.24 12.56
CA VAL C 83 20.57 -32.25 11.80
C VAL C 83 20.14 -31.66 10.44
N VAL C 84 19.62 -30.43 10.47
CA VAL C 84 19.18 -29.74 9.26
C VAL C 84 20.33 -29.55 8.24
N GLU C 85 21.46 -29.01 8.70
CA GLU C 85 22.58 -28.77 7.79
C GLU C 85 23.16 -30.08 7.23
N GLN C 86 23.29 -31.08 8.07
CA GLN C 86 23.83 -32.37 7.59
C GLN C 86 22.88 -33.05 6.60
N LEU C 87 21.58 -32.93 6.80
CA LEU C 87 20.65 -33.46 5.80
C LEU C 87 20.83 -32.73 4.46
N ALA C 88 20.96 -31.41 4.50
CA ALA C 88 21.23 -30.63 3.29
C ALA C 88 22.53 -31.06 2.58
N ILE C 89 23.60 -31.21 3.34
CA ILE C 89 24.86 -31.67 2.80
C ILE C 89 24.70 -33.04 2.18
N ASP C 90 24.14 -33.98 2.95
CA ASP C 90 24.05 -35.38 2.49
C ASP C 90 23.20 -35.50 1.21
N ARG C 91 22.10 -34.76 1.18
CA ARG C 91 21.21 -34.82 0.04
C ARG C 91 21.82 -34.20 -1.20
N VAL C 92 22.54 -33.10 -1.06
CA VAL C 92 23.12 -32.46 -2.24
C VAL C 92 24.29 -33.28 -2.78
N LYS C 93 25.05 -33.93 -1.90
CA LYS C 93 26.06 -34.89 -2.32
C LYS C 93 25.44 -36.02 -3.13
N GLN C 94 24.32 -36.53 -2.62
CA GLN C 94 23.61 -37.60 -3.29
C GLN C 94 23.08 -37.19 -4.67
N LEU C 95 22.48 -36.01 -4.74
CA LEU C 95 21.96 -35.47 -6.01
C LEU C 95 22.98 -35.42 -7.11
N PHE C 96 24.20 -35.01 -6.77
CA PHE C 96 25.21 -34.71 -7.80
C PHE C 96 26.40 -35.65 -7.80
N GLY C 97 26.45 -36.59 -6.85
CA GLY C 97 27.57 -37.50 -6.71
C GLY C 97 28.87 -36.84 -6.27
N ALA C 98 28.75 -35.80 -5.46
CA ALA C 98 29.86 -35.00 -5.04
C ALA C 98 30.56 -35.65 -3.85
N GLU C 99 31.86 -35.48 -3.78
CA GLU C 99 32.65 -36.01 -2.66
C GLU C 99 32.44 -35.23 -1.36
N ALA C 100 32.17 -33.94 -1.49
CA ALA C 100 31.94 -33.06 -0.34
C ALA C 100 31.09 -31.86 -0.76
N ALA C 101 30.44 -31.23 0.19
CA ALA C 101 29.62 -30.04 -0.09
C ALA C 101 29.64 -29.07 1.06
N ASN C 102 29.40 -27.81 0.72
CA ASN C 102 29.17 -26.75 1.65
C ASN C 102 27.85 -26.07 1.25
N VAL C 103 26.89 -26.12 2.16
CA VAL C 103 25.53 -25.60 1.90
C VAL C 103 25.26 -24.24 2.54
N GLN C 104 26.31 -23.64 3.12
CA GLN C 104 26.19 -22.28 3.72
C GLN C 104 26.21 -21.07 2.79
N PRO C 105 26.69 -21.17 1.54
CA PRO C 105 26.76 -19.88 0.82
C PRO C 105 25.44 -19.12 0.71
N ASN C 106 25.52 -17.82 0.97
CA ASN C 106 24.32 -16.99 1.00
C ASN C 106 23.69 -16.78 -0.38
N SER C 107 24.43 -17.09 -1.45
CA SER C 107 24.01 -16.83 -2.82
C SER C 107 24.95 -17.54 -3.76
N GLY C 108 24.59 -17.57 -5.05
CA GLY C 108 25.52 -18.09 -6.05
C GLY C 108 26.81 -17.31 -6.06
N SER C 109 26.69 -15.98 -5.91
CA SER C 109 27.85 -15.12 -5.89
C SER C 109 28.81 -15.49 -4.75
N GLN C 110 28.27 -15.71 -3.56
CA GLN C 110 29.10 -16.11 -2.41
C GLN C 110 29.69 -17.51 -2.57
N ALA C 111 28.98 -18.41 -3.27
CA ALA C 111 29.56 -19.72 -3.55
C ALA C 111 30.81 -19.56 -4.41
N ASN C 112 30.70 -18.76 -5.47
CA ASN C 112 31.86 -18.52 -6.32
C ASN C 112 33.00 -17.81 -5.57
N GLN C 113 32.65 -16.84 -4.74
CA GLN C 113 33.65 -16.11 -3.98
C GLN C 113 34.34 -17.00 -2.96
N GLY C 114 33.62 -17.98 -2.43
CA GLY C 114 34.19 -18.97 -1.51
C GLY C 114 35.33 -19.77 -2.16
N VAL C 115 35.09 -20.24 -3.38
CA VAL C 115 36.12 -20.92 -4.12
C VAL C 115 37.34 -20.00 -4.38
N PHE C 116 37.10 -18.77 -4.82
CA PHE C 116 38.16 -17.84 -5.12
C PHE C 116 38.99 -17.53 -3.87
N PHE C 117 38.32 -17.34 -2.74
CA PHE C 117 38.98 -17.01 -1.48
C PHE C 117 39.82 -18.18 -0.98
N ALA C 118 39.32 -19.39 -1.17
CA ALA C 118 40.04 -20.61 -0.80
C ALA C 118 41.30 -20.81 -1.62
N MET C 119 41.19 -20.59 -2.93
CA MET C 119 42.18 -21.12 -3.87
C MET C 119 43.10 -20.09 -4.52
N LEU C 120 42.72 -18.81 -4.47
CA LEU C 120 43.43 -17.76 -5.19
C LEU C 120 43.88 -16.62 -4.26
N LYS C 121 44.71 -15.76 -4.80
CA LYS C 121 45.06 -14.50 -4.14
C LYS C 121 44.77 -13.40 -5.14
N PRO C 122 44.43 -12.19 -4.66
CA PRO C 122 44.30 -11.06 -5.58
C PRO C 122 45.44 -10.90 -6.56
N GLY C 123 45.08 -10.63 -7.81
CA GLY C 123 46.03 -10.51 -8.89
C GLY C 123 46.27 -11.78 -9.68
N ASP C 124 45.85 -12.92 -9.16
CA ASP C 124 46.00 -14.19 -9.90
C ASP C 124 45.17 -14.14 -11.19
N THR C 125 45.62 -14.93 -12.17
CA THR C 125 44.97 -14.99 -13.47
C THR C 125 43.92 -16.10 -13.48
N ILE C 126 42.75 -15.78 -13.98
CA ILE C 126 41.67 -16.76 -14.15
C ILE C 126 41.15 -16.68 -15.59
N MET C 127 40.55 -17.77 -16.07
CA MET C 127 39.88 -17.79 -17.37
C MET C 127 38.41 -18.04 -17.11
N GLY C 128 37.56 -17.40 -17.89
CA GLY C 128 36.14 -17.64 -17.82
C GLY C 128 35.49 -17.42 -19.16
N MET C 129 34.25 -17.87 -19.30
CA MET C 129 33.54 -17.63 -20.55
C MET C 129 33.19 -16.15 -20.71
N SER C 130 33.42 -15.62 -21.90
CA SER C 130 33.10 -14.24 -22.24
C SER C 130 31.66 -13.88 -21.86
N LEU C 131 31.46 -12.76 -21.16
CA LEU C 131 30.11 -12.26 -20.87
C LEU C 131 29.32 -11.98 -22.15
N ALA C 132 29.98 -11.43 -23.16
CA ALA C 132 29.36 -11.14 -24.43
C ALA C 132 28.83 -12.40 -25.13
N HIS C 133 29.37 -13.56 -24.76
CA HIS C 133 29.01 -14.83 -25.40
C HIS C 133 28.28 -15.82 -24.50
N GLY C 134 27.90 -15.38 -23.31
CA GLY C 134 26.94 -16.14 -22.48
C GLY C 134 27.44 -16.42 -21.08
N GLY C 135 28.66 -15.98 -20.78
CA GLY C 135 29.20 -16.09 -19.44
C GLY C 135 28.49 -15.15 -18.49
N HIS C 136 28.61 -15.45 -17.20
CA HIS C 136 27.96 -14.67 -16.17
C HIS C 136 28.91 -13.58 -15.63
N LEU C 137 28.30 -12.53 -15.09
CA LEU C 137 29.00 -11.46 -14.38
C LEU C 137 30.10 -11.93 -13.43
N THR C 138 29.82 -13.03 -12.72
CA THR C 138 30.71 -13.57 -11.71
C THR C 138 31.86 -14.37 -12.29
N HIS C 139 31.95 -14.41 -13.62
CA HIS C 139 32.98 -15.19 -14.29
C HIS C 139 34.07 -14.30 -14.83
N GLY C 140 34.20 -13.10 -14.24
CA GLY C 140 35.31 -12.19 -14.57
C GLY C 140 34.97 -10.76 -15.02
N SER C 141 33.74 -10.30 -14.84
CA SER C 141 33.40 -8.91 -15.18
C SER C 141 34.29 -7.94 -14.41
N PRO C 142 34.83 -6.90 -15.08
CA PRO C 142 35.70 -5.94 -14.37
C PRO C 142 35.02 -5.10 -13.29
N VAL C 143 33.69 -5.10 -13.25
CA VAL C 143 32.96 -4.40 -12.18
C VAL C 143 32.42 -5.36 -11.11
N ASN C 144 32.77 -6.64 -11.25
CA ASN C 144 32.46 -7.66 -10.26
C ASN C 144 33.74 -8.02 -9.58
N MET C 145 33.63 -8.61 -8.41
CA MET C 145 34.85 -8.94 -7.73
C MET C 145 35.73 -9.79 -8.59
N SER C 146 35.09 -10.75 -9.28
CA SER C 146 35.79 -11.75 -10.09
C SER C 146 36.79 -11.13 -11.07
N GLY C 147 36.48 -9.95 -11.60
CA GLY C 147 37.31 -9.29 -12.56
C GLY C 147 38.05 -8.09 -12.02
N LYS C 148 37.57 -7.48 -10.93
CA LYS C 148 38.21 -6.24 -10.47
C LYS C 148 39.50 -6.54 -9.74
N TRP C 149 39.51 -7.63 -8.97
CA TRP C 149 40.65 -7.96 -8.13
C TRP C 149 41.50 -9.10 -8.72
N PHE C 150 41.12 -9.62 -9.88
CA PHE C 150 41.87 -10.71 -10.53
C PHE C 150 42.13 -10.35 -11.98
N ASN C 151 43.09 -11.04 -12.58
CA ASN C 151 43.43 -10.85 -13.97
C ASN C 151 42.67 -11.85 -14.83
N VAL C 152 41.77 -11.35 -15.66
CA VAL C 152 40.82 -12.20 -16.36
C VAL C 152 41.14 -12.31 -17.84
N VAL C 153 41.17 -13.56 -18.31
CA VAL C 153 41.19 -13.88 -19.70
CA VAL C 153 41.19 -13.83 -19.74
C VAL C 153 39.93 -14.64 -20.09
N SER C 154 39.25 -14.23 -21.15
CA SER C 154 37.99 -14.87 -21.51
C SER C 154 38.08 -15.68 -22.78
N TYR C 155 37.25 -16.72 -22.84
CA TYR C 155 37.09 -17.53 -24.03
C TYR C 155 35.63 -17.49 -24.45
N GLY C 156 35.36 -17.68 -25.73
CA GLY C 156 34.00 -17.58 -26.24
C GLY C 156 33.59 -18.68 -27.20
N LEU C 157 32.72 -18.30 -28.13
CA LEU C 157 32.18 -19.20 -29.14
C LEU C 157 32.94 -19.17 -30.44
N ASN C 158 32.81 -20.25 -31.20
CA ASN C 158 33.34 -20.30 -32.55
C ASN C 158 32.28 -19.81 -33.54
N GLU C 159 32.58 -19.89 -34.84
CA GLU C 159 31.65 -19.46 -35.89
C GLU C 159 30.31 -20.19 -35.85
N ASN C 160 30.29 -21.42 -35.34
CA ASN C 160 29.08 -22.21 -35.30
C ASN C 160 28.30 -21.96 -34.01
N GLU C 161 28.78 -21.02 -33.19
CA GLU C 161 28.12 -20.63 -31.95
C GLU C 161 28.09 -21.75 -30.90
N ASP C 162 29.13 -22.59 -30.91
CA ASP C 162 29.42 -23.52 -29.83
C ASP C 162 30.71 -23.01 -29.17
N ILE C 163 31.05 -23.54 -28.01
CA ILE C 163 32.26 -23.12 -27.32
C ILE C 163 33.48 -23.48 -28.14
N ASP C 164 34.40 -22.54 -28.27
CA ASP C 164 35.60 -22.74 -29.03
C ASP C 164 36.64 -23.34 -28.09
N TYR C 165 36.60 -24.67 -27.96
CA TYR C 165 37.51 -25.39 -27.06
C TYR C 165 38.96 -25.24 -27.50
N ASP C 166 39.20 -25.28 -28.81
CA ASP C 166 40.54 -25.11 -29.34
C ASP C 166 41.11 -23.76 -28.95
N ALA C 167 40.31 -22.71 -29.06
CA ALA C 167 40.74 -21.38 -28.66
C ALA C 167 40.96 -21.28 -27.16
N ALA C 168 40.09 -21.92 -26.38
CA ALA C 168 40.27 -21.92 -24.94
C ALA C 168 41.58 -22.59 -24.56
N GLU C 169 41.89 -23.68 -25.23
CA GLU C 169 43.14 -24.39 -24.96
C GLU C 169 44.37 -23.53 -25.25
N LYS C 170 44.37 -22.84 -26.40
CA LYS C 170 45.44 -21.91 -26.73
C LYS C 170 45.59 -20.80 -25.70
N LEU C 171 44.46 -20.23 -25.24
CA LEU C 171 44.50 -19.18 -24.23
C LEU C 171 45.05 -19.68 -22.91
N ALA C 172 44.64 -20.88 -22.51
CA ALA C 172 45.14 -21.46 -21.28
C ALA C 172 46.66 -21.64 -21.34
N ASN C 173 47.17 -22.09 -22.47
CA ASN C 173 48.60 -22.30 -22.59
C ASN C 173 49.37 -21.00 -22.62
N GLU C 174 48.77 -19.96 -23.21
CA GLU C 174 49.40 -18.65 -23.27
C GLU C 174 49.47 -18.00 -21.90
N HIS C 175 48.35 -18.00 -21.18
CA HIS C 175 48.19 -17.17 -19.98
C HIS C 175 48.38 -17.91 -18.67
N LYS C 176 48.40 -19.24 -18.70
CA LYS C 176 48.64 -20.05 -17.51
C LYS C 176 47.73 -19.65 -16.33
N PRO C 177 46.43 -19.73 -16.53
CA PRO C 177 45.53 -19.35 -15.44
C PRO C 177 45.67 -20.31 -14.27
N LYS C 178 45.50 -19.78 -13.05
CA LYS C 178 45.48 -20.60 -11.85
C LYS C 178 44.19 -21.40 -11.76
N LEU C 179 43.13 -20.86 -12.34
CA LEU C 179 41.80 -21.44 -12.26
C LEU C 179 41.03 -21.09 -13.53
N ILE C 180 40.31 -22.09 -14.07
CA ILE C 180 39.42 -21.92 -15.23
C ILE C 180 37.99 -22.10 -14.77
N VAL C 181 37.16 -21.13 -15.11
CA VAL C 181 35.73 -21.18 -14.82
C VAL C 181 35.01 -21.59 -16.09
N ALA C 182 34.09 -22.53 -15.94
CA ALA C 182 33.19 -22.92 -17.01
C ALA C 182 31.75 -22.85 -16.50
N GLY C 183 30.80 -22.84 -17.44
CA GLY C 183 29.42 -22.57 -17.11
C GLY C 183 29.01 -21.25 -17.74
N ALA C 184 27.73 -20.97 -17.71
CA ALA C 184 27.16 -19.89 -18.49
C ALA C 184 25.77 -19.56 -17.99
N SER C 185 25.32 -18.38 -18.32
CA SER C 185 23.95 -17.98 -18.00
C SER C 185 23.07 -17.79 -19.24
N ALA C 186 23.68 -17.79 -20.44
CA ALA C 186 22.88 -17.68 -21.67
C ALA C 186 23.55 -18.52 -22.76
N PHE C 187 23.61 -19.82 -22.55
CA PHE C 187 24.21 -20.74 -23.55
C PHE C 187 23.35 -22.01 -23.56
N ALA C 188 22.86 -22.37 -24.74
CA ALA C 188 21.81 -23.38 -24.86
C ALA C 188 22.32 -24.81 -24.96
N LEU C 189 23.58 -25.01 -25.33
CA LEU C 189 24.09 -26.33 -25.61
C LEU C 189 24.70 -27.01 -24.38
N LYS C 190 24.90 -28.32 -24.50
CA LYS C 190 25.69 -29.07 -23.54
C LYS C 190 27.14 -28.61 -23.61
N ILE C 191 27.71 -28.32 -22.44
CA ILE C 191 29.12 -27.95 -22.33
C ILE C 191 29.93 -29.23 -22.09
N ASP C 192 31.08 -29.33 -22.77
CA ASP C 192 31.97 -30.49 -22.64
C ASP C 192 32.91 -30.29 -21.44
N PHE C 193 32.42 -30.67 -20.27
CA PHE C 193 33.19 -30.50 -19.05
C PHE C 193 34.45 -31.37 -19.01
N GLU C 194 34.36 -32.59 -19.54
CA GLU C 194 35.50 -33.48 -19.62
C GLU C 194 36.64 -32.82 -20.42
N ARG C 195 36.30 -32.20 -21.53
CA ARG C 195 37.30 -31.53 -22.37
CA ARG C 195 37.30 -31.53 -22.37
C ARG C 195 37.92 -30.35 -21.64
N LEU C 196 37.09 -29.58 -20.94
CA LEU C 196 37.60 -28.44 -20.18
C LEU C 196 38.50 -28.90 -19.03
N ALA C 197 38.16 -30.02 -18.43
CA ALA C 197 39.03 -30.60 -17.38
C ALA C 197 40.40 -31.01 -17.93
N LYS C 198 40.45 -31.57 -19.15
CA LYS C 198 41.69 -31.93 -19.82
C LYS C 198 42.54 -30.69 -20.05
N ILE C 199 41.89 -29.61 -20.50
CA ILE C 199 42.60 -28.36 -20.75
C ILE C 199 43.19 -27.82 -19.45
N ALA C 200 42.38 -27.80 -18.40
CA ALA C 200 42.84 -27.30 -17.11
C ALA C 200 44.03 -28.14 -16.59
N LYS C 201 43.89 -29.46 -16.65
CA LYS C 201 44.93 -30.35 -16.16
C LYS C 201 46.23 -30.11 -16.93
N SER C 202 46.10 -29.86 -18.24
CA SER C 202 47.29 -29.70 -19.08
C SER C 202 48.12 -28.47 -18.72
N VAL C 203 47.49 -27.47 -18.09
CA VAL C 203 48.24 -26.28 -17.65
C VAL C 203 48.36 -26.17 -16.13
N GLY C 204 47.92 -27.19 -15.41
CA GLY C 204 47.96 -27.17 -13.94
C GLY C 204 46.97 -26.23 -13.27
N ALA C 205 45.85 -25.96 -13.93
CA ALA C 205 44.82 -25.07 -13.37
C ALA C 205 43.73 -25.88 -12.69
N TYR C 206 43.12 -25.29 -11.68
CA TYR C 206 41.85 -25.82 -11.14
C TYR C 206 40.76 -25.61 -12.16
N LEU C 207 39.78 -26.50 -12.18
CA LEU C 207 38.54 -26.27 -12.94
C LEU C 207 37.41 -26.08 -11.97
N MET C 208 36.75 -24.93 -12.08
CA MET C 208 35.54 -24.61 -11.35
C MET C 208 34.40 -24.54 -12.38
N VAL C 209 33.35 -25.32 -12.18
CA VAL C 209 32.18 -25.23 -13.03
C VAL C 209 31.02 -24.60 -12.24
N ASP C 210 30.51 -23.51 -12.75
CA ASP C 210 29.36 -22.80 -12.16
C ASP C 210 28.12 -23.29 -12.92
N MET C 211 27.40 -24.22 -12.32
CA MET C 211 26.26 -24.88 -12.97
C MET C 211 24.89 -24.31 -12.61
N ALA C 212 24.85 -23.11 -12.04
CA ALA C 212 23.60 -22.52 -11.55
C ALA C 212 22.42 -22.65 -12.51
N HIS C 213 22.64 -22.34 -13.79
CA HIS C 213 21.50 -22.40 -14.74
C HIS C 213 21.01 -23.80 -14.98
N TYR C 214 21.92 -24.75 -14.96
CA TYR C 214 21.64 -26.12 -15.37
C TYR C 214 21.43 -27.13 -14.24
N ALA C 215 21.59 -26.70 -12.98
CA ALA C 215 21.74 -27.64 -11.87
C ALA C 215 20.54 -28.57 -11.75
N GLY C 216 19.35 -28.05 -11.98
CA GLY C 216 18.15 -28.89 -11.89
C GLY C 216 18.10 -29.95 -12.97
N LEU C 217 18.47 -29.56 -14.18
CA LEU C 217 18.59 -30.51 -15.29
C LEU C 217 19.63 -31.60 -14.98
N ILE C 218 20.75 -31.20 -14.40
CA ILE C 218 21.84 -32.11 -14.08
C ILE C 218 21.37 -33.10 -13.01
N ALA C 219 20.67 -32.60 -11.99
CA ALA C 219 20.14 -33.49 -10.95
C ALA C 219 19.20 -34.54 -11.49
N ALA C 220 18.48 -34.21 -12.56
CA ALA C 220 17.53 -35.12 -13.18
C ALA C 220 18.16 -36.02 -14.23
N GLY C 221 19.45 -35.81 -14.52
CA GLY C 221 20.18 -36.57 -15.50
C GLY C 221 19.93 -36.19 -16.95
N VAL C 222 19.40 -34.99 -17.20
CA VAL C 222 19.06 -34.57 -18.56
C VAL C 222 20.00 -33.50 -19.12
N TYR C 223 21.07 -33.23 -18.40
CA TYR C 223 22.16 -32.36 -18.88
C TYR C 223 23.44 -32.92 -18.24
N PRO C 224 24.59 -32.81 -18.91
CA PRO C 224 25.79 -33.48 -18.37
C PRO C 224 26.27 -32.97 -17.02
N ASN C 225 26.75 -33.88 -16.19
CA ASN C 225 27.16 -33.55 -14.83
C ASN C 225 28.65 -33.18 -14.79
N PRO C 226 28.98 -31.99 -14.28
CA PRO C 226 30.39 -31.57 -14.25
C PRO C 226 31.17 -32.16 -13.07
N VAL C 227 30.44 -32.68 -12.08
CA VAL C 227 31.06 -33.13 -10.82
C VAL C 227 32.22 -34.16 -10.97
N PRO C 228 32.07 -35.16 -11.84
CA PRO C 228 33.17 -36.10 -12.02
C PRO C 228 34.46 -35.45 -12.57
N HIS C 229 34.34 -34.27 -13.19
CA HIS C 229 35.43 -33.66 -13.95
C HIS C 229 36.06 -32.45 -13.29
N ALA C 230 35.32 -31.79 -12.43
CA ALA C 230 35.75 -30.51 -11.87
C ALA C 230 36.30 -30.67 -10.47
N ASP C 231 37.24 -29.80 -10.12
CA ASP C 231 37.69 -29.66 -8.74
C ASP C 231 36.58 -29.10 -7.85
N PHE C 232 35.86 -28.11 -8.37
CA PHE C 232 34.80 -27.39 -7.66
C PHE C 232 33.63 -27.18 -8.59
N VAL C 233 32.43 -27.34 -8.06
CA VAL C 233 31.21 -27.02 -8.80
C VAL C 233 30.36 -26.13 -7.89
N THR C 234 30.02 -24.95 -8.38
CA THR C 234 29.18 -24.02 -7.63
C THR C 234 27.80 -23.96 -8.26
N THR C 235 26.83 -23.54 -7.47
CA THR C 235 25.48 -23.39 -7.97
C THR C 235 24.69 -22.48 -7.06
N THR C 236 23.66 -21.92 -7.65
CA THR C 236 22.51 -21.41 -6.89
C THR C 236 21.61 -22.58 -6.50
N THR C 237 20.83 -22.40 -5.42
CA THR C 237 19.81 -23.36 -5.09
C THR C 237 18.44 -23.04 -5.71
N HIS C 238 18.27 -21.80 -6.15
CA HIS C 238 17.16 -21.34 -6.95
C HIS C 238 17.55 -21.53 -8.42
N LYS C 239 16.75 -20.98 -9.31
CA LYS C 239 16.84 -21.21 -10.77
C LYS C 239 16.33 -22.64 -11.10
N SER C 240 16.98 -23.39 -11.98
CA SER C 240 16.39 -24.65 -12.43
C SER C 240 16.29 -25.73 -11.30
N LEU C 241 17.13 -25.64 -10.27
CA LEU C 241 17.01 -26.53 -9.12
C LEU C 241 15.73 -26.28 -8.30
N ARG C 242 15.12 -25.11 -8.47
CA ARG C 242 13.77 -24.80 -7.94
C ARG C 242 13.71 -24.72 -6.42
N GLY C 243 14.85 -24.37 -5.80
CA GLY C 243 14.93 -24.18 -4.36
C GLY C 243 14.84 -22.73 -3.90
N PRO C 244 15.17 -22.51 -2.62
CA PRO C 244 15.21 -21.17 -2.07
C PRO C 244 16.38 -20.43 -2.67
N ARG C 245 16.43 -19.11 -2.48
CA ARG C 245 17.57 -18.33 -2.99
CA ARG C 245 17.55 -18.33 -3.00
C ARG C 245 18.77 -18.53 -2.08
N GLY C 246 19.88 -18.97 -2.67
CA GLY C 246 21.09 -19.21 -1.94
C GLY C 246 22.07 -19.94 -2.82
N GLY C 247 23.17 -20.37 -2.22
CA GLY C 247 24.23 -21.05 -2.95
C GLY C 247 24.71 -22.35 -2.31
N VAL C 248 25.50 -23.11 -3.09
CA VAL C 248 26.17 -24.34 -2.68
C VAL C 248 27.52 -24.43 -3.38
N ILE C 249 28.52 -24.94 -2.64
CA ILE C 249 29.77 -25.41 -3.24
C ILE C 249 29.84 -26.91 -3.10
N LEU C 250 30.14 -27.58 -4.23
CA LEU C 250 30.52 -28.98 -4.25
C LEU C 250 32.02 -29.05 -4.54
N MET C 251 32.74 -29.94 -3.86
CA MET C 251 34.17 -30.00 -4.06
C MET C 251 34.71 -31.40 -3.85
N LYS C 252 35.81 -31.70 -4.55
CA LYS C 252 36.55 -32.93 -4.31
CA LYS C 252 36.55 -32.94 -4.29
C LYS C 252 36.98 -32.94 -2.84
N ALA C 253 37.08 -34.14 -2.24
CA ALA C 253 37.37 -34.25 -0.83
C ALA C 253 38.70 -33.59 -0.44
N GLU C 254 39.67 -33.58 -1.34
CA GLU C 254 40.95 -32.95 -1.02
C GLU C 254 40.86 -31.45 -0.75
N TYR C 255 39.78 -30.83 -1.22
CA TYR C 255 39.56 -29.39 -1.05
C TYR C 255 38.53 -29.06 0.05
N GLU C 256 38.06 -30.07 0.77
CA GLU C 256 37.01 -29.87 1.79
C GLU C 256 37.45 -28.84 2.84
N LYS C 257 38.68 -28.99 3.34
CA LYS C 257 39.16 -28.07 4.38
C LYS C 257 39.33 -26.63 3.91
N PRO C 258 40.04 -26.41 2.81
CA PRO C 258 40.10 -24.98 2.38
C PRO C 258 38.75 -24.36 2.03
N ILE C 259 37.86 -25.12 1.40
CA ILE C 259 36.56 -24.56 1.03
C ILE C 259 35.75 -24.23 2.27
N ASN C 260 35.68 -25.16 3.21
CA ASN C 260 34.89 -24.89 4.44
C ASN C 260 35.46 -23.70 5.20
N SER C 261 36.78 -23.61 5.28
CA SER C 261 37.45 -22.48 5.96
C SER C 261 37.20 -21.15 5.23
N ALA C 262 37.11 -21.21 3.91
CA ALA C 262 36.88 -19.99 3.12
C ALA C 262 35.48 -19.44 3.32
N ILE C 263 34.49 -20.31 3.43
CA ILE C 263 33.12 -19.84 3.69
C ILE C 263 32.98 -19.30 5.12
N PHE C 264 33.52 -20.01 6.10
CA PHE C 264 33.57 -19.51 7.45
C PHE C 264 34.81 -20.04 8.11
N PRO C 265 35.66 -19.15 8.67
CA PRO C 265 35.47 -17.72 8.90
C PRO C 265 35.91 -16.77 7.76
N GLY C 266 36.12 -17.29 6.57
CA GLY C 266 36.63 -16.47 5.49
C GLY C 266 35.72 -15.34 5.01
N ILE C 267 34.57 -15.68 4.44
CA ILE C 267 33.77 -14.65 3.76
C ILE C 267 32.33 -14.51 4.29
N GLN C 268 31.92 -15.37 5.20
CA GLN C 268 30.60 -15.32 5.82
C GLN C 268 30.73 -15.44 7.34
N GLY C 269 29.61 -15.15 8.00
CA GLY C 269 29.48 -15.33 9.44
C GLY C 269 28.45 -16.40 9.73
N GLY C 270 27.37 -16.05 10.41
CA GLY C 270 26.36 -17.05 10.75
C GLY C 270 25.62 -17.48 9.50
N PRO C 271 25.50 -18.77 9.28
CA PRO C 271 24.70 -19.23 8.12
C PRO C 271 23.21 -18.94 8.33
N LEU C 272 22.46 -18.83 7.25
CA LEU C 272 21.02 -18.65 7.31
C LEU C 272 20.38 -20.04 7.47
N MET C 273 20.19 -20.47 8.72
CA MET C 273 19.76 -21.85 8.96
C MET C 273 18.36 -22.15 8.45
N HIS C 274 17.48 -21.14 8.45
CA HIS C 274 16.15 -21.27 7.87
C HIS C 274 16.22 -21.48 6.36
N VAL C 275 17.14 -20.79 5.70
CA VAL C 275 17.35 -20.99 4.28
C VAL C 275 17.97 -22.37 4.03
N ILE C 276 18.88 -22.80 4.90
CA ILE C 276 19.48 -24.11 4.76
C ILE C 276 18.43 -25.23 4.92
N ALA C 277 17.51 -25.06 5.87
CA ALA C 277 16.34 -25.97 5.97
C ALA C 277 15.59 -26.00 4.65
N ALA C 278 15.36 -24.83 4.06
CA ALA C 278 14.67 -24.73 2.79
C ALA C 278 15.45 -25.41 1.67
N LYS C 279 16.76 -25.28 1.70
CA LYS C 279 17.62 -26.01 0.75
C LYS C 279 17.41 -27.54 0.91
N ALA C 280 17.41 -28.04 2.14
CA ALA C 280 17.26 -29.45 2.40
C ALA C 280 15.92 -29.94 1.82
N VAL C 281 14.85 -29.17 2.04
CA VAL C 281 13.54 -29.51 1.49
C VAL C 281 13.61 -29.57 -0.06
N ALA C 282 14.21 -28.56 -0.67
CA ALA C 282 14.34 -28.51 -2.12
C ALA C 282 15.14 -29.71 -2.63
N PHE C 283 16.17 -30.12 -1.87
CA PHE C 283 16.99 -31.27 -2.29
C PHE C 283 16.20 -32.57 -2.21
N LYS C 284 15.37 -32.71 -1.18
CA LYS C 284 14.49 -33.88 -1.08
C LYS C 284 13.55 -33.90 -2.27
N GLU C 285 12.96 -32.76 -2.62
CA GLU C 285 12.10 -32.67 -3.79
C GLU C 285 12.87 -33.08 -5.05
N ALA C 286 14.13 -32.64 -5.17
CA ALA C 286 14.89 -32.86 -6.39
C ALA C 286 15.33 -34.32 -6.55
N LEU C 287 15.37 -35.06 -5.46
CA LEU C 287 15.71 -36.47 -5.47
C LEU C 287 14.53 -37.34 -5.96
N SER C 288 13.34 -36.75 -6.04
CA SER C 288 12.13 -37.52 -6.33
C SER C 288 11.94 -37.83 -7.83
N PRO C 289 11.21 -38.92 -8.13
CA PRO C 289 10.91 -39.23 -9.55
C PRO C 289 10.11 -38.13 -10.22
N GLU C 290 9.29 -37.41 -9.45
CA GLU C 290 8.48 -36.32 -10.00
C GLU C 290 9.36 -35.17 -10.52
N PHE C 291 10.49 -34.95 -9.85
CA PHE C 291 11.42 -33.88 -10.30
C PHE C 291 12.08 -34.25 -11.61
N LYS C 292 12.42 -35.52 -11.78
CA LYS C 292 12.99 -35.95 -13.04
C LYS C 292 11.97 -35.75 -14.18
N GLU C 293 10.71 -36.13 -13.94
CA GLU C 293 9.66 -35.87 -14.92
C GLU C 293 9.53 -34.38 -15.24
N TYR C 294 9.58 -33.55 -14.21
CA TYR C 294 9.53 -32.10 -14.40
C TYR C 294 10.65 -31.63 -15.35
N GLN C 295 11.89 -32.07 -15.09
CA GLN C 295 13.01 -31.60 -15.92
C GLN C 295 12.91 -32.14 -17.34
N GLN C 296 12.39 -33.34 -17.50
CA GLN C 296 12.15 -33.87 -18.86
C GLN C 296 11.19 -32.94 -19.61
N LYS C 297 10.17 -32.48 -18.90
CA LYS C 297 9.22 -31.52 -19.48
C LYS C 297 9.84 -30.15 -19.76
N VAL C 298 10.77 -29.72 -18.91
CA VAL C 298 11.49 -28.47 -19.10
C VAL C 298 12.23 -28.53 -20.42
N VAL C 299 12.94 -29.64 -20.63
CA VAL C 299 13.73 -29.79 -21.86
C VAL C 299 12.81 -29.85 -23.09
N GLU C 300 11.75 -30.63 -23.01
CA GLU C 300 10.81 -30.75 -24.13
CA GLU C 300 10.80 -30.75 -24.12
C GLU C 300 10.19 -29.38 -24.44
N ASN C 301 9.77 -28.67 -23.41
CA ASN C 301 9.11 -27.38 -23.64
C ASN C 301 10.03 -26.34 -24.26
N ALA C 302 11.29 -26.34 -23.85
CA ALA C 302 12.26 -25.44 -24.44
C ALA C 302 12.45 -25.78 -25.92
N ARG C 303 12.57 -27.06 -26.23
CA ARG C 303 12.74 -27.47 -27.62
CA ARG C 303 12.73 -27.48 -27.62
C ARG C 303 11.55 -27.02 -28.46
N VAL C 304 10.34 -27.25 -27.95
CA VAL C 304 9.13 -26.89 -28.67
C VAL C 304 9.04 -25.38 -28.86
N LEU C 305 9.39 -24.63 -27.83
CA LEU C 305 9.35 -23.16 -27.93
C LEU C 305 10.31 -22.68 -29.01
N ALA C 306 11.53 -23.21 -29.01
CA ALA C 306 12.53 -22.88 -30.02
C ALA C 306 12.07 -23.23 -31.43
N GLU C 307 11.57 -24.47 -31.59
CA GLU C 307 11.05 -24.93 -32.89
CA GLU C 307 11.07 -24.94 -32.88
C GLU C 307 9.96 -24.02 -33.43
N THR C 308 9.08 -23.59 -32.54
CA THR C 308 7.98 -22.75 -32.93
C THR C 308 8.46 -21.39 -33.41
N LEU C 309 9.42 -20.81 -32.68
CA LEU C 309 9.94 -19.50 -33.06
C LEU C 309 10.68 -19.57 -34.41
N VAL C 310 11.39 -20.66 -34.64
CA VAL C 310 12.04 -20.86 -35.93
C VAL C 310 11.01 -20.97 -37.04
N LYS C 311 9.92 -21.69 -36.81
CA LYS C 311 8.85 -21.76 -37.83
C LYS C 311 8.29 -20.39 -38.15
N ARG C 312 8.28 -19.50 -37.16
CA ARG C 312 7.80 -18.12 -37.34
C ARG C 312 8.89 -17.16 -37.87
N GLY C 313 10.06 -17.68 -38.23
CA GLY C 313 11.07 -16.89 -38.93
C GLY C 313 12.18 -16.30 -38.08
N LEU C 314 12.24 -16.67 -36.79
CA LEU C 314 13.32 -16.26 -35.91
C LEU C 314 14.48 -17.26 -35.99
N ARG C 315 15.60 -16.90 -35.37
CA ARG C 315 16.79 -17.73 -35.37
C ARG C 315 17.22 -17.94 -33.93
N ILE C 316 17.65 -19.16 -33.64
CA ILE C 316 18.16 -19.52 -32.33
C ILE C 316 19.69 -19.56 -32.39
N VAL C 317 20.33 -18.80 -31.50
CA VAL C 317 21.77 -18.85 -31.40
C VAL C 317 22.21 -20.30 -31.11
N SER C 318 23.25 -20.75 -31.79
CA SER C 318 23.77 -22.15 -31.72
C SER C 318 22.95 -23.13 -32.56
N GLY C 319 21.80 -22.66 -33.07
CA GLY C 319 20.97 -23.43 -34.02
C GLY C 319 19.93 -24.33 -33.38
N ARG C 320 20.04 -24.52 -32.09
CA ARG C 320 19.20 -25.47 -31.32
C ARG C 320 19.43 -25.26 -29.85
N THR C 321 18.52 -25.83 -29.04
CA THR C 321 18.75 -25.92 -27.61
C THR C 321 18.90 -27.38 -27.20
N GLU C 322 19.72 -27.60 -26.17
CA GLU C 322 19.90 -28.89 -25.52
C GLU C 322 19.64 -28.74 -24.03
N SER C 323 18.90 -27.71 -23.65
CA SER C 323 18.74 -27.38 -22.24
C SER C 323 17.38 -26.70 -22.00
N HIS C 324 17.32 -25.84 -21.01
CA HIS C 324 16.13 -25.10 -20.63
C HIS C 324 16.03 -23.74 -21.30
N VAL C 325 17.12 -23.33 -21.97
CA VAL C 325 17.33 -21.92 -22.36
C VAL C 325 17.59 -21.80 -23.84
N MET C 326 17.27 -20.63 -24.36
CA MET C 326 17.64 -20.27 -25.72
C MET C 326 17.86 -18.77 -25.83
N LEU C 327 18.73 -18.37 -26.75
CA LEU C 327 18.91 -16.97 -27.11
C LEU C 327 18.36 -16.77 -28.51
N VAL C 328 17.40 -15.86 -28.64
CA VAL C 328 16.69 -15.64 -29.89
C VAL C 328 17.25 -14.40 -30.58
N ASP C 329 17.80 -14.60 -31.77
CA ASP C 329 18.25 -13.52 -32.65
C ASP C 329 17.03 -12.93 -33.36
N LEU C 330 16.75 -11.66 -33.10
CA LEU C 330 15.52 -11.00 -33.55
C LEU C 330 15.62 -10.25 -34.86
N ARG C 331 16.79 -10.26 -35.47
CA ARG C 331 17.04 -9.36 -36.58
C ARG C 331 16.08 -9.51 -37.76
N ALA C 332 15.64 -10.74 -38.02
CA ALA C 332 14.72 -10.97 -39.14
C ALA C 332 13.40 -10.21 -38.96
N LYS C 333 13.05 -9.87 -37.73
CA LYS C 333 11.82 -9.11 -37.46
C LYS C 333 12.06 -7.62 -37.20
N HIS C 334 13.30 -7.16 -37.40
CA HIS C 334 13.62 -5.73 -37.34
C HIS C 334 13.15 -5.10 -36.05
N ILE C 335 13.47 -5.79 -34.96
CA ILE C 335 13.12 -5.33 -33.61
C ILE C 335 14.33 -5.55 -32.70
N THR C 336 14.61 -4.61 -31.80
CA THR C 336 15.71 -4.77 -30.85
C THR C 336 15.27 -5.60 -29.66
N GLY C 337 16.23 -6.10 -28.91
CA GLY C 337 15.93 -6.84 -27.70
C GLY C 337 15.18 -5.97 -26.70
N LYS C 338 15.62 -4.73 -26.56
CA LYS C 338 14.97 -3.79 -25.65
C LYS C 338 13.50 -3.57 -26.02
N ALA C 339 13.25 -3.32 -27.31
CA ALA C 339 11.89 -3.08 -27.80
C ALA C 339 11.02 -4.35 -27.67
N ALA C 340 11.60 -5.50 -27.97
CA ALA C 340 10.89 -6.78 -27.77
C ALA C 340 10.49 -7.01 -26.32
N GLU C 341 11.45 -6.82 -25.41
CA GLU C 341 11.18 -7.03 -23.98
C GLU C 341 10.01 -6.15 -23.54
N ALA C 342 10.03 -4.89 -23.96
CA ALA C 342 8.98 -3.95 -23.57
C ALA C 342 7.60 -4.35 -24.12
N ALA C 343 7.55 -4.70 -25.40
CA ALA C 343 6.27 -5.05 -26.04
C ALA C 343 5.72 -6.36 -25.47
N LEU C 344 6.59 -7.34 -25.29
CA LEU C 344 6.18 -8.61 -24.70
C LEU C 344 5.64 -8.38 -23.29
N GLY C 345 6.32 -7.52 -22.52
CA GLY C 345 5.86 -7.18 -21.17
C GLY C 345 4.46 -6.57 -21.15
N ALA C 346 4.18 -5.71 -22.10
CA ALA C 346 2.84 -5.11 -22.25
C ALA C 346 1.78 -6.19 -22.50
N ALA C 347 2.18 -7.27 -23.17
CA ALA C 347 1.31 -8.43 -23.44
C ALA C 347 1.36 -9.51 -22.35
N HIS C 348 1.99 -9.19 -21.22
CA HIS C 348 2.08 -10.07 -20.04
C HIS C 348 2.96 -11.31 -20.24
N ILE C 349 3.96 -11.19 -21.10
CA ILE C 349 4.98 -12.20 -21.28
C ILE C 349 6.34 -11.60 -20.87
N THR C 350 6.95 -12.18 -19.83
CA THR C 350 8.15 -11.64 -19.23
C THR C 350 9.39 -12.32 -19.82
N VAL C 351 10.24 -11.53 -20.47
CA VAL C 351 11.49 -12.01 -21.06
C VAL C 351 12.61 -11.04 -20.66
N ASN C 352 13.85 -11.33 -21.06
CA ASN C 352 14.84 -10.30 -20.96
C ASN C 352 15.69 -10.19 -22.21
N LYS C 353 16.02 -8.95 -22.54
CA LYS C 353 16.93 -8.68 -23.64
C LYS C 353 18.31 -9.29 -23.37
N ASN C 354 19.02 -9.64 -24.42
CA ASN C 354 20.35 -10.24 -24.31
C ASN C 354 21.08 -10.06 -25.61
N ALA C 355 22.34 -9.67 -25.54
CA ALA C 355 23.18 -9.52 -26.72
C ALA C 355 23.37 -10.88 -27.40
N ILE C 356 23.51 -10.86 -28.72
CA ILE C 356 23.88 -12.06 -29.48
C ILE C 356 25.36 -11.95 -29.86
N PRO C 357 25.97 -13.05 -30.32
CA PRO C 357 27.33 -12.93 -30.81
C PRO C 357 27.42 -11.90 -31.93
N ASN C 358 28.44 -11.05 -31.86
CA ASN C 358 28.66 -9.96 -32.82
C ASN C 358 27.44 -9.06 -32.99
N ASP C 359 26.81 -8.74 -31.86
CA ASP C 359 25.61 -7.93 -31.88
C ASP C 359 25.88 -6.54 -32.47
N PRO C 360 25.10 -6.14 -33.49
CA PRO C 360 25.30 -4.80 -34.04
C PRO C 360 24.79 -3.65 -33.16
N GLU C 361 23.97 -3.95 -32.15
CA GLU C 361 23.35 -2.91 -31.31
C GLU C 361 24.18 -2.65 -30.06
N LYS C 362 23.94 -1.49 -29.45
CA LYS C 362 24.61 -1.13 -28.21
C LYS C 362 24.20 -2.07 -27.08
N PRO C 363 25.03 -2.17 -26.04
CA PRO C 363 24.81 -3.17 -24.98
C PRO C 363 23.46 -3.11 -24.23
N PHE C 364 22.86 -1.91 -24.10
CA PHE C 364 21.58 -1.79 -23.40
C PHE C 364 20.42 -1.91 -24.38
N VAL C 365 20.72 -2.07 -25.68
CA VAL C 365 19.69 -2.22 -26.70
C VAL C 365 19.56 -3.69 -27.12
N THR C 366 20.65 -4.22 -27.68
CA THR C 366 20.77 -5.63 -28.09
C THR C 366 19.88 -6.05 -29.25
N SER C 367 20.19 -7.22 -29.80
CA SER C 367 19.45 -7.80 -30.92
C SER C 367 18.79 -9.11 -30.54
N GLY C 368 18.70 -9.39 -29.26
CA GLY C 368 18.20 -10.69 -28.81
C GLY C 368 17.35 -10.66 -27.58
N ILE C 369 16.61 -11.75 -27.36
CA ILE C 369 16.00 -12.02 -26.08
C ILE C 369 16.34 -13.45 -25.63
N ARG C 370 16.55 -13.61 -24.34
CA ARG C 370 16.78 -14.93 -23.75
C ARG C 370 15.43 -15.40 -23.21
N LEU C 371 15.13 -16.66 -23.48
CA LEU C 371 13.90 -17.32 -23.02
C LEU C 371 14.26 -18.64 -22.35
N GLY C 372 13.52 -18.98 -21.32
CA GLY C 372 13.68 -20.31 -20.72
C GLY C 372 12.34 -20.90 -20.32
N SER C 373 12.30 -22.20 -20.26
CA SER C 373 11.09 -22.94 -19.89
C SER C 373 10.88 -23.35 -18.40
N PRO C 374 11.87 -23.22 -17.49
CA PRO C 374 11.59 -23.75 -16.10
C PRO C 374 10.30 -23.27 -15.42
N ALA C 375 10.04 -21.97 -15.47
CA ALA C 375 8.90 -21.43 -14.76
C ALA C 375 7.56 -21.82 -15.34
N MET C 376 7.42 -21.72 -16.67
CA MET C 376 6.17 -22.08 -17.28
C MET C 376 5.89 -23.58 -17.12
N THR C 377 6.95 -24.38 -17.10
CA THR C 377 6.81 -25.81 -16.91
C THR C 377 6.34 -26.11 -15.45
N THR C 378 6.89 -25.36 -14.48
CA THR C 378 6.49 -25.57 -13.09
C THR C 378 5.00 -25.35 -12.88
N ARG C 379 4.42 -24.36 -13.58
CA ARG C 379 2.99 -24.08 -13.43
C ARG C 379 2.09 -25.00 -14.32
N GLY C 380 2.71 -25.93 -15.02
CA GLY C 380 1.99 -27.03 -15.68
C GLY C 380 1.90 -26.99 -17.19
N PHE C 381 2.54 -26.01 -17.85
CA PHE C 381 2.50 -25.94 -19.31
C PHE C 381 3.17 -27.20 -19.89
N GLY C 382 2.57 -27.70 -20.96
CA GLY C 382 3.12 -28.82 -21.74
C GLY C 382 3.39 -28.36 -23.15
N PRO C 383 3.68 -29.32 -24.04
CA PRO C 383 4.11 -28.91 -25.38
C PRO C 383 3.09 -28.09 -26.17
N ALA C 384 1.81 -28.34 -25.97
CA ALA C 384 0.80 -27.57 -26.66
C ALA C 384 0.86 -26.10 -26.24
N GLU C 385 1.06 -25.88 -24.95
CA GLU C 385 1.18 -24.52 -24.42
C GLU C 385 2.49 -23.87 -24.83
N ALA C 386 3.59 -24.62 -24.86
CA ALA C 386 4.88 -24.07 -25.28
C ALA C 386 4.77 -23.54 -26.72
N GLU C 387 4.10 -24.32 -27.59
CA GLU C 387 3.85 -23.90 -28.96
C GLU C 387 2.98 -22.65 -29.02
N GLN C 388 1.89 -22.63 -28.25
CA GLN C 388 1.04 -21.43 -28.21
CA GLN C 388 1.03 -21.45 -28.19
C GLN C 388 1.87 -20.22 -27.81
N VAL C 389 2.68 -20.37 -26.78
CA VAL C 389 3.50 -19.27 -26.29
C VAL C 389 4.46 -18.79 -27.37
N GLY C 390 5.08 -19.73 -28.09
CA GLY C 390 5.96 -19.38 -29.19
C GLY C 390 5.25 -18.51 -30.23
N ASN C 391 4.04 -18.91 -30.58
CA ASN C 391 3.26 -18.16 -31.54
C ASN C 391 2.81 -16.79 -31.04
N LEU C 392 2.43 -16.70 -29.78
CA LEU C 392 2.08 -15.41 -29.16
C LEU C 392 3.26 -14.45 -29.16
N ILE C 393 4.44 -14.96 -28.84
CA ILE C 393 5.66 -14.15 -28.90
C ILE C 393 5.86 -13.60 -30.30
N ALA C 394 5.80 -14.48 -31.30
CA ALA C 394 6.03 -14.06 -32.68
C ALA C 394 4.98 -13.02 -33.11
N ASP C 395 3.74 -13.18 -32.67
CA ASP C 395 2.69 -12.22 -32.98
C ASP C 395 3.05 -10.81 -32.49
N VAL C 396 3.57 -10.73 -31.27
CA VAL C 396 4.01 -9.46 -30.72
C VAL C 396 5.21 -8.92 -31.50
N LEU C 397 6.21 -9.77 -31.74
CA LEU C 397 7.43 -9.33 -32.42
C LEU C 397 7.14 -8.74 -33.79
N GLU C 398 6.10 -9.24 -34.45
CA GLU C 398 5.75 -8.82 -35.80
C GLU C 398 4.96 -7.50 -35.84
N ASN C 399 4.38 -7.09 -34.72
CA ASN C 399 3.59 -5.86 -34.68
C ASN C 399 3.63 -5.27 -33.25
N PRO C 400 4.84 -4.89 -32.80
CA PRO C 400 5.04 -4.65 -31.37
C PRO C 400 4.34 -3.41 -30.82
N GLU C 401 4.00 -2.45 -31.69
CA GLU C 401 3.35 -1.21 -31.26
C GLU C 401 1.88 -1.13 -31.61
N ASP C 402 1.31 -2.24 -32.06
CA ASP C 402 -0.09 -2.29 -32.44
C ASP C 402 -0.96 -2.63 -31.23
N ALA C 403 -1.76 -1.68 -30.77
CA ALA C 403 -2.56 -1.86 -29.55
C ALA C 403 -3.44 -3.10 -29.62
N ALA C 404 -4.09 -3.29 -30.77
CA ALA C 404 -4.97 -4.42 -30.94
C ALA C 404 -4.22 -5.75 -30.81
N THR C 405 -3.02 -5.82 -31.37
CA THR C 405 -2.22 -7.06 -31.29
C THR C 405 -1.85 -7.36 -29.84
N ILE C 406 -1.38 -6.34 -29.15
CA ILE C 406 -0.97 -6.49 -27.77
C ILE C 406 -2.17 -6.94 -26.93
N GLU C 407 -3.31 -6.33 -27.15
CA GLU C 407 -4.52 -6.69 -26.42
C GLU C 407 -4.98 -8.14 -26.72
N ARG C 408 -4.91 -8.56 -27.99
CA ARG C 408 -5.29 -9.92 -28.36
C ARG C 408 -4.40 -10.94 -27.67
N VAL C 409 -3.09 -10.68 -27.66
CA VAL C 409 -2.16 -11.58 -27.01
C VAL C 409 -2.40 -11.58 -25.50
N ARG C 410 -2.58 -10.41 -24.92
CA ARG C 410 -2.82 -10.33 -23.49
C ARG C 410 -4.04 -11.19 -23.09
N ALA C 411 -5.10 -11.13 -23.93
CA ALA C 411 -6.30 -11.91 -23.65
C ALA C 411 -6.01 -13.41 -23.71
N GLN C 412 -5.19 -13.83 -24.67
CA GLN C 412 -4.81 -15.24 -24.75
C GLN C 412 -3.92 -15.67 -23.58
N VAL C 413 -3.05 -14.77 -23.15
CA VAL C 413 -2.21 -15.04 -21.98
C VAL C 413 -3.08 -15.21 -20.74
N ALA C 414 -4.09 -14.37 -20.60
CA ALA C 414 -5.00 -14.46 -19.46
C ALA C 414 -5.72 -15.82 -19.42
N GLU C 415 -6.14 -16.34 -20.58
CA GLU C 415 -6.73 -17.68 -20.60
C GLU C 415 -5.75 -18.72 -20.09
N LEU C 416 -4.50 -18.63 -20.53
CA LEU C 416 -3.49 -19.59 -20.09
C LEU C 416 -3.21 -19.48 -18.59
N THR C 417 -3.04 -18.26 -18.09
CA THR C 417 -2.65 -18.13 -16.68
C THR C 417 -3.77 -18.55 -15.74
N LYS C 418 -5.03 -18.33 -16.14
CA LYS C 418 -6.21 -18.79 -15.39
C LYS C 418 -6.29 -20.32 -15.38
N ARG C 419 -5.96 -20.96 -16.50
CA ARG C 419 -6.01 -22.42 -16.57
C ARG C 419 -4.88 -23.08 -15.82
N PHE C 420 -3.73 -22.38 -15.71
CA PHE C 420 -2.53 -22.92 -15.11
C PHE C 420 -2.04 -22.04 -13.95
N PRO C 421 -2.76 -22.04 -12.84
CA PRO C 421 -2.30 -21.23 -11.72
C PRO C 421 -0.98 -21.74 -11.16
N VAL C 422 -0.19 -20.83 -10.59
CA VAL C 422 1.07 -21.23 -10.00
C VAL C 422 0.87 -21.95 -8.68
N TYR C 423 0.17 -21.29 -7.76
CA TYR C 423 -0.08 -21.82 -6.44
C TYR C 423 -1.58 -22.01 -6.29
N ARG C 424 -1.92 -23.14 -5.67
CA ARG C 424 -3.28 -23.45 -5.26
C ARG C 424 -3.27 -23.61 -3.75
N PHE D 11 -15.90 3.62 20.95
CA PHE D 11 -16.92 3.05 20.02
C PHE D 11 -16.49 1.62 19.67
N ASP D 12 -17.26 0.63 20.14
CA ASP D 12 -16.93 -0.79 19.99
C ASP D 12 -17.70 -1.36 18.82
N ARG D 13 -17.01 -1.89 17.82
CA ARG D 13 -17.66 -2.43 16.62
C ARG D 13 -18.54 -3.66 16.93
N ALA D 14 -18.23 -4.35 18.02
CA ALA D 14 -19.08 -5.44 18.53
C ALA D 14 -20.48 -4.97 18.97
N GLN D 15 -20.54 -3.83 19.67
CA GLN D 15 -21.79 -3.31 20.27
C GLN D 15 -22.51 -2.29 19.36
N SER D 16 -21.73 -1.45 18.66
CA SER D 16 -22.31 -0.43 17.79
C SER D 16 -22.61 -1.02 16.40
N THR D 17 -23.68 -1.80 16.35
CA THR D 17 -24.14 -2.40 15.10
C THR D 17 -25.44 -1.69 14.82
N ILE D 18 -25.85 -1.67 13.55
CA ILE D 18 -27.10 -1.01 13.23
C ILE D 18 -28.25 -1.65 14.04
N ALA D 19 -28.26 -2.98 14.12
CA ALA D 19 -29.32 -3.71 14.78
C ALA D 19 -29.48 -3.33 16.24
N ASN D 20 -28.36 -3.11 16.93
CA ASN D 20 -28.41 -2.73 18.34
C ASN D 20 -28.73 -1.25 18.54
N VAL D 21 -28.15 -0.41 17.73
CA VAL D 21 -28.26 1.04 17.91
C VAL D 21 -29.58 1.59 17.36
N ASP D 22 -30.04 1.04 16.23
CA ASP D 22 -31.19 1.59 15.51
C ASP D 22 -31.95 0.45 14.84
N PRO D 23 -32.73 -0.29 15.64
CA PRO D 23 -33.45 -1.44 15.09
C PRO D 23 -34.37 -1.07 13.93
N GLU D 24 -34.99 0.10 13.96
CA GLU D 24 -35.87 0.52 12.86
C GLU D 24 -35.14 0.67 11.55
N ILE D 25 -34.00 1.32 11.60
CA ILE D 25 -33.18 1.49 10.39
C ILE D 25 -32.62 0.14 9.94
N PHE D 26 -32.14 -0.68 10.87
CA PHE D 26 -31.71 -2.03 10.54
C PHE D 26 -32.77 -2.82 9.77
N ALA D 27 -34.01 -2.78 10.28
CA ALA D 27 -35.10 -3.54 9.67
C ALA D 27 -35.35 -3.06 8.25
N ALA D 28 -35.34 -1.76 8.06
CA ALA D 28 -35.55 -1.20 6.73
C ALA D 28 -34.45 -1.60 5.76
N ILE D 29 -33.20 -1.53 6.22
CA ILE D 29 -32.07 -1.93 5.37
C ILE D 29 -32.20 -3.40 4.99
N GLU D 30 -32.57 -4.25 5.94
CA GLU D 30 -32.71 -5.68 5.62
C GLU D 30 -33.79 -5.89 4.57
N GLN D 31 -34.88 -5.13 4.66
CA GLN D 31 -35.97 -5.23 3.67
C GLN D 31 -35.50 -4.77 2.31
N GLU D 32 -34.72 -3.68 2.28
CA GLU D 32 -34.15 -3.22 1.01
C GLU D 32 -33.19 -4.24 0.41
N ASN D 33 -32.40 -4.90 1.24
CA ASN D 33 -31.50 -5.96 0.74
C ASN D 33 -32.32 -7.06 0.04
N ARG D 34 -33.42 -7.45 0.69
CA ARG D 34 -34.31 -8.49 0.18
C ARG D 34 -34.98 -8.02 -1.11
N ARG D 35 -35.42 -6.76 -1.14
CA ARG D 35 -36.04 -6.18 -2.33
C ARG D 35 -35.12 -6.21 -3.54
N GLN D 36 -33.84 -5.91 -3.34
CA GLN D 36 -32.87 -5.96 -4.39
C GLN D 36 -32.71 -7.40 -4.91
N GLU D 37 -32.72 -8.39 -4.02
CA GLU D 37 -32.71 -9.77 -4.48
C GLU D 37 -33.95 -10.17 -5.25
N ASP D 38 -35.12 -9.75 -4.78
CA ASP D 38 -36.40 -10.34 -5.24
C ASP D 38 -37.05 -9.71 -6.49
N HIS D 39 -36.47 -8.65 -7.01
CA HIS D 39 -36.96 -8.04 -8.24
C HIS D 39 -35.90 -8.05 -9.30
N ILE D 40 -36.33 -8.17 -10.56
CA ILE D 40 -35.42 -8.02 -11.68
C ILE D 40 -35.40 -6.52 -12.03
N GLU D 41 -34.24 -5.92 -11.83
CA GLU D 41 -34.05 -4.50 -12.05
C GLU D 41 -33.63 -4.26 -13.49
N LEU D 42 -34.49 -3.57 -14.25
CA LEU D 42 -34.18 -3.15 -15.60
C LEU D 42 -34.11 -1.64 -15.77
N ILE D 43 -34.10 -0.90 -14.67
CA ILE D 43 -33.89 0.52 -14.78
C ILE D 43 -32.45 0.74 -15.21
N ALA D 44 -32.28 1.48 -16.30
CA ALA D 44 -31.00 1.50 -17.01
C ALA D 44 -29.89 2.25 -16.28
N SER D 45 -30.28 3.08 -15.32
CA SER D 45 -29.35 3.84 -14.49
C SER D 45 -28.95 3.07 -13.21
N GLU D 46 -29.52 1.89 -12.99
CA GLU D 46 -29.28 1.13 -11.76
C GLU D 46 -28.22 0.05 -11.95
N ASN D 47 -27.52 -0.26 -10.86
CA ASN D 47 -26.57 -1.37 -10.89
C ASN D 47 -26.39 -1.83 -9.45
N TYR D 48 -25.56 -2.85 -9.24
CA TYR D 48 -25.22 -3.30 -7.92
C TYR D 48 -23.72 -3.19 -7.77
N THR D 49 -23.25 -2.43 -6.79
CA THR D 49 -21.82 -2.27 -6.62
C THR D 49 -21.23 -3.35 -5.70
N SER D 50 -19.93 -3.53 -5.75
CA SER D 50 -19.31 -4.66 -5.08
C SER D 50 -19.22 -4.50 -3.59
N PRO D 51 -19.11 -5.61 -2.87
CA PRO D 51 -18.87 -5.51 -1.44
C PRO D 51 -17.63 -4.68 -1.09
N ALA D 52 -16.57 -4.79 -1.89
CA ALA D 52 -15.36 -4.00 -1.59
C ALA D 52 -15.61 -2.48 -1.70
N VAL D 53 -16.36 -2.08 -2.71
CA VAL D 53 -16.74 -0.68 -2.86
C VAL D 53 -17.54 -0.21 -1.65
N MET D 54 -18.55 -0.98 -1.26
CA MET D 54 -19.35 -0.60 -0.11
C MET D 54 -18.50 -0.52 1.15
N ALA D 55 -17.62 -1.49 1.36
CA ALA D 55 -16.78 -1.48 2.53
C ALA D 55 -15.92 -0.20 2.61
N ALA D 56 -15.41 0.26 1.46
CA ALA D 56 -14.60 1.45 1.43
C ALA D 56 -15.38 2.67 1.89
N GLN D 57 -16.62 2.77 1.44
CA GLN D 57 -17.43 3.90 1.85
C GLN D 57 -18.05 3.75 3.24
N GLY D 58 -17.96 2.54 3.81
CA GLY D 58 -18.19 2.31 5.23
C GLY D 58 -16.98 2.49 6.15
N SER D 59 -15.89 3.09 5.64
CA SER D 59 -14.64 3.20 6.39
C SER D 59 -14.55 4.49 7.23
N GLN D 60 -13.51 4.54 8.08
CA GLN D 60 -13.23 5.69 8.92
C GLN D 60 -12.81 6.95 8.14
N LEU D 61 -12.68 6.84 6.82
CA LEU D 61 -12.30 8.01 6.03
C LEU D 61 -13.38 9.08 6.05
N THR D 62 -14.60 8.71 6.47
CA THR D 62 -15.65 9.71 6.73
C THR D 62 -15.27 10.71 7.81
N ASN D 63 -14.31 10.36 8.69
CA ASN D 63 -13.87 11.27 9.74
C ASN D 63 -12.88 12.34 9.29
N LYS D 64 -12.37 12.32 8.08
CA LYS D 64 -11.31 13.26 7.71
CA LYS D 64 -11.30 13.24 7.70
C LYS D 64 -11.82 14.43 6.89
N TYR D 65 -11.49 15.64 7.35
CA TYR D 65 -11.73 16.89 6.59
C TYR D 65 -10.52 17.12 5.73
N ALA D 66 -10.69 17.12 4.43
CA ALA D 66 -9.55 17.20 3.50
C ALA D 66 -9.81 18.20 2.37
N GLU D 67 -10.30 19.40 2.74
CA GLU D 67 -10.47 20.47 1.77
C GLU D 67 -9.16 20.75 1.04
N GLY D 68 -9.28 20.98 -0.25
CA GLY D 68 -8.14 21.19 -1.13
C GLY D 68 -7.88 19.97 -1.96
N TYR D 69 -6.63 19.82 -2.39
CA TYR D 69 -6.23 18.74 -3.31
C TYR D 69 -4.97 18.06 -2.78
N PRO D 70 -4.64 16.87 -3.32
CA PRO D 70 -3.45 16.17 -2.81
C PRO D 70 -2.20 17.05 -2.82
N GLY D 71 -1.55 17.12 -1.67
CA GLY D 71 -0.35 17.94 -1.52
C GLY D 71 -0.60 19.44 -1.47
N LYS D 72 -1.87 19.85 -1.46
CA LYS D 72 -2.28 21.24 -1.39
C LYS D 72 -3.57 21.31 -0.59
N ARG D 73 -3.51 20.80 0.63
CA ARG D 73 -4.66 20.79 1.54
C ARG D 73 -4.64 21.96 2.48
N TYR D 74 -5.83 22.34 2.97
CA TYR D 74 -5.94 23.39 3.98
C TYR D 74 -5.41 22.90 5.33
N TYR D 75 -5.71 21.65 5.68
CA TYR D 75 -5.34 21.07 6.99
C TYR D 75 -4.23 20.03 6.87
N GLY D 76 -3.56 19.79 7.98
CA GLY D 76 -2.55 18.74 8.07
C GLY D 76 -3.17 17.36 8.21
N GLY D 77 -2.29 16.37 8.29
CA GLY D 77 -2.70 14.99 8.49
C GLY D 77 -3.34 14.31 7.30
N CYS D 78 -3.11 14.83 6.08
CA CYS D 78 -3.76 14.30 4.90
C CYS D 78 -2.89 13.32 4.12
N GLU D 79 -1.79 12.83 4.70
CA GLU D 79 -0.88 11.95 3.95
C GLU D 79 -1.60 10.74 3.30
N TYR D 80 -2.49 10.11 4.05
CA TYR D 80 -3.09 8.87 3.60
C TYR D 80 -4.31 9.11 2.71
N VAL D 81 -5.10 10.14 3.02
CA VAL D 81 -6.18 10.48 2.09
C VAL D 81 -5.62 11.01 0.77
N ASP D 82 -4.43 11.60 0.78
CA ASP D 82 -3.77 12.05 -0.45
C ASP D 82 -3.43 10.84 -1.31
N VAL D 83 -2.96 9.76 -0.68
CA VAL D 83 -2.69 8.52 -1.43
C VAL D 83 -3.99 8.01 -2.10
N VAL D 84 -5.08 7.97 -1.32
CA VAL D 84 -6.37 7.53 -1.81
C VAL D 84 -6.85 8.36 -2.99
N GLU D 85 -6.86 9.68 -2.82
CA GLU D 85 -7.38 10.55 -3.89
C GLU D 85 -6.51 10.44 -5.13
N GLN D 86 -5.20 10.43 -4.97
CA GLN D 86 -4.31 10.36 -6.11
C GLN D 86 -4.43 9.01 -6.85
N LEU D 87 -4.67 7.92 -6.12
CA LEU D 87 -4.93 6.64 -6.77
C LEU D 87 -6.24 6.73 -7.60
N ALA D 88 -7.28 7.32 -7.03
CA ALA D 88 -8.54 7.54 -7.77
C ALA D 88 -8.30 8.38 -9.06
N ILE D 89 -7.57 9.48 -8.93
CA ILE D 89 -7.29 10.33 -10.06
C ILE D 89 -6.51 9.55 -11.13
N ASP D 90 -5.43 8.92 -10.68
CA ASP D 90 -4.54 8.23 -11.64
C ASP D 90 -5.28 7.11 -12.38
N ARG D 91 -6.10 6.37 -11.64
CA ARG D 91 -6.81 5.25 -12.23
C ARG D 91 -7.90 5.71 -13.19
N VAL D 92 -8.58 6.79 -12.87
CA VAL D 92 -9.65 7.25 -13.78
C VAL D 92 -9.08 7.89 -15.03
N LYS D 93 -7.93 8.58 -14.89
CA LYS D 93 -7.20 9.05 -16.06
C LYS D 93 -6.80 7.88 -16.96
N GLN D 94 -6.31 6.80 -16.36
CA GLN D 94 -5.91 5.61 -17.11
C GLN D 94 -7.10 4.96 -17.81
N LEU D 95 -8.22 4.84 -17.11
CA LEU D 95 -9.42 4.23 -17.66
C LEU D 95 -9.88 4.90 -18.92
N PHE D 96 -9.84 6.22 -18.96
CA PHE D 96 -10.44 6.97 -20.05
C PHE D 96 -9.45 7.72 -20.94
N GLY D 97 -8.17 7.66 -20.60
CA GLY D 97 -7.15 8.39 -21.34
C GLY D 97 -7.21 9.90 -21.19
N ALA D 98 -7.65 10.35 -20.02
CA ALA D 98 -7.90 11.77 -19.79
C ALA D 98 -6.58 12.46 -19.40
N GLU D 99 -6.45 13.72 -19.77
CA GLU D 99 -5.29 14.53 -19.42
C GLU D 99 -5.29 14.92 -17.95
N ALA D 100 -6.47 15.10 -17.36
CA ALA D 100 -6.63 15.49 -15.97
C ALA D 100 -7.99 15.03 -15.45
N ALA D 101 -8.12 14.93 -14.14
CA ALA D 101 -9.38 14.53 -13.52
C ALA D 101 -9.56 15.15 -12.15
N ASN D 102 -10.83 15.29 -11.77
CA ASN D 102 -11.25 15.69 -10.45
C ASN D 102 -12.25 14.66 -9.96
N VAL D 103 -11.90 14.00 -8.86
CA VAL D 103 -12.66 12.89 -8.35
C VAL D 103 -13.50 13.30 -7.13
N GLN D 104 -13.56 14.60 -6.82
CA GLN D 104 -14.32 15.10 -5.69
C GLN D 104 -15.84 15.30 -5.86
N PRO D 105 -16.36 15.40 -7.11
CA PRO D 105 -17.80 15.75 -7.15
C PRO D 105 -18.68 14.80 -6.37
N ASN D 106 -19.62 15.38 -5.61
CA ASN D 106 -20.50 14.62 -4.76
C ASN D 106 -21.50 13.78 -5.51
N SER D 107 -21.72 14.09 -6.80
CA SER D 107 -22.73 13.46 -7.60
C SER D 107 -22.46 13.79 -9.05
N GLY D 108 -23.20 13.17 -9.96
CA GLY D 108 -23.17 13.58 -11.36
C GLY D 108 -23.62 15.03 -11.56
N SER D 109 -24.64 15.42 -10.79
CA SER D 109 -25.15 16.77 -10.82
C SER D 109 -24.06 17.78 -10.45
N GLN D 110 -23.32 17.53 -9.37
CA GLN D 110 -22.24 18.41 -8.96
C GLN D 110 -21.08 18.40 -9.97
N ALA D 111 -20.83 17.28 -10.63
CA ALA D 111 -19.80 17.24 -11.68
C ALA D 111 -20.18 18.23 -12.79
N ASN D 112 -21.42 18.17 -13.25
CA ASN D 112 -21.90 19.07 -14.29
C ASN D 112 -21.88 20.53 -13.82
N GLN D 113 -22.30 20.76 -12.58
CA GLN D 113 -22.31 22.10 -12.04
C GLN D 113 -20.91 22.67 -11.91
N GLY D 114 -19.94 21.79 -11.64
CA GLY D 114 -18.53 22.23 -11.54
C GLY D 114 -18.03 22.79 -12.86
N VAL D 115 -18.35 22.11 -13.96
CA VAL D 115 -18.00 22.62 -15.29
C VAL D 115 -18.69 23.97 -15.56
N PHE D 116 -19.99 24.06 -15.27
CA PHE D 116 -20.74 25.29 -15.51
C PHE D 116 -20.17 26.46 -14.70
N PHE D 117 -19.87 26.20 -13.42
CA PHE D 117 -19.34 27.24 -12.53
C PHE D 117 -17.98 27.72 -13.00
N ALA D 118 -17.18 26.79 -13.50
CA ALA D 118 -15.83 27.10 -14.01
C ALA D 118 -15.86 27.94 -15.27
N MET D 119 -16.76 27.60 -16.19
CA MET D 119 -16.65 28.07 -17.57
C MET D 119 -17.70 29.10 -17.99
N LEU D 120 -18.79 29.21 -17.24
CA LEU D 120 -19.93 30.05 -17.62
C LEU D 120 -20.28 31.09 -16.57
N LYS D 121 -21.15 32.03 -16.96
CA LYS D 121 -21.76 32.94 -16.02
C LYS D 121 -23.27 32.86 -16.23
N PRO D 122 -24.06 33.12 -15.17
CA PRO D 122 -25.51 33.17 -15.35
C PRO D 122 -25.98 33.99 -16.56
N GLY D 123 -26.93 33.41 -17.29
CA GLY D 123 -27.46 34.03 -18.48
C GLY D 123 -26.79 33.60 -19.77
N ASP D 124 -25.64 32.93 -19.69
CA ASP D 124 -24.98 32.46 -20.90
C ASP D 124 -25.86 31.43 -21.62
N THR D 125 -25.66 31.31 -22.92
CA THR D 125 -26.40 30.37 -23.75
C THR D 125 -25.66 29.04 -23.84
N ILE D 126 -26.41 27.96 -23.64
CA ILE D 126 -25.85 26.60 -23.78
C ILE D 126 -26.77 25.83 -24.71
N MET D 127 -26.24 24.76 -25.30
CA MET D 127 -27.04 23.82 -26.06
C MET D 127 -26.96 22.47 -25.38
N GLY D 128 -28.06 21.72 -25.39
CA GLY D 128 -28.05 20.37 -24.87
C GLY D 128 -29.05 19.53 -25.63
N MET D 129 -28.99 18.22 -25.45
CA MET D 129 -29.95 17.34 -26.10
C MET D 129 -31.31 17.52 -25.45
N SER D 130 -32.35 17.60 -26.29
CA SER D 130 -33.72 17.74 -25.84
C SER D 130 -34.07 16.68 -24.81
N LEU D 131 -34.68 17.10 -23.70
CA LEU D 131 -35.16 16.15 -22.69
C LEU D 131 -36.25 15.21 -23.28
N ALA D 132 -37.10 15.75 -24.13
CA ALA D 132 -38.14 14.97 -24.81
C ALA D 132 -37.55 13.87 -25.71
N HIS D 133 -36.29 14.04 -26.13
CA HIS D 133 -35.64 13.10 -27.04
C HIS D 133 -34.50 12.29 -26.42
N GLY D 134 -34.31 12.38 -25.11
CA GLY D 134 -33.38 11.50 -24.42
C GLY D 134 -32.30 12.19 -23.59
N GLY D 135 -32.28 13.51 -23.63
CA GLY D 135 -31.40 14.30 -22.77
C GLY D 135 -31.80 14.19 -21.31
N HIS D 136 -30.86 14.52 -20.42
CA HIS D 136 -31.05 14.47 -18.99
C HIS D 136 -31.51 15.84 -18.44
N LEU D 137 -32.16 15.80 -17.29
CA LEU D 137 -32.54 16.97 -16.50
C LEU D 137 -31.44 18.02 -16.37
N THR D 138 -30.21 17.54 -16.17
CA THR D 138 -29.06 18.39 -15.96
C THR D 138 -28.50 18.96 -17.25
N HIS D 139 -29.17 18.73 -18.37
CA HIS D 139 -28.74 19.25 -19.68
C HIS D 139 -29.60 20.43 -20.14
N GLY D 140 -30.24 21.10 -19.20
CA GLY D 140 -30.98 22.33 -19.48
C GLY D 140 -32.43 22.43 -19.04
N SER D 141 -32.92 21.54 -18.19
CA SER D 141 -34.31 21.63 -17.71
C SER D 141 -34.52 22.99 -17.00
N PRO D 142 -35.66 23.67 -17.28
CA PRO D 142 -35.89 24.98 -16.65
C PRO D 142 -36.10 24.95 -15.12
N VAL D 143 -36.30 23.76 -14.54
CA VAL D 143 -36.45 23.63 -13.08
C VAL D 143 -35.18 23.08 -12.44
N ASN D 144 -34.15 22.88 -13.26
CA ASN D 144 -32.84 22.45 -12.81
C ASN D 144 -31.94 23.67 -12.94
N MET D 145 -30.84 23.65 -12.22
CA MET D 145 -29.89 24.73 -12.27
C MET D 145 -29.51 25.04 -13.73
N SER D 146 -29.24 23.96 -14.48
CA SER D 146 -28.77 24.02 -15.87
C SER D 146 -29.64 24.90 -16.76
N GLY D 147 -30.94 24.93 -16.51
CA GLY D 147 -31.87 25.67 -17.35
C GLY D 147 -32.45 26.89 -16.67
N LYS D 148 -32.47 26.94 -15.34
CA LYS D 148 -33.10 28.06 -14.68
C LYS D 148 -32.24 29.30 -14.78
N TRP D 149 -30.93 29.13 -14.64
CA TRP D 149 -30.02 30.25 -14.59
C TRP D 149 -29.26 30.49 -15.91
N PHE D 150 -29.51 29.66 -16.92
CA PHE D 150 -28.86 29.79 -18.23
C PHE D 150 -29.90 29.79 -19.34
N ASN D 151 -29.51 30.28 -20.50
CA ASN D 151 -30.36 30.29 -21.68
C ASN D 151 -30.12 29.02 -22.49
N VAL D 152 -31.12 28.15 -22.56
CA VAL D 152 -30.95 26.82 -23.12
C VAL D 152 -31.61 26.68 -24.51
N VAL D 153 -30.82 26.18 -25.44
CA VAL D 153 -31.30 25.78 -26.74
C VAL D 153 -31.08 24.28 -26.87
N SER D 154 -32.10 23.54 -27.28
CA SER D 154 -31.98 22.09 -27.38
CA SER D 154 -31.95 22.10 -27.39
C SER D 154 -31.95 21.59 -28.81
N TYR D 155 -31.25 20.48 -29.02
CA TYR D 155 -31.23 19.76 -30.27
C TYR D 155 -31.78 18.35 -30.03
N GLY D 156 -32.37 17.76 -31.07
CA GLY D 156 -32.96 16.44 -30.92
C GLY D 156 -32.64 15.46 -32.04
N LEU D 157 -33.58 14.55 -32.28
CA LEU D 157 -33.45 13.46 -33.24
C LEU D 157 -34.02 13.78 -34.60
N ASN D 158 -33.53 13.08 -35.60
CA ASN D 158 -34.05 13.17 -36.96
C ASN D 158 -35.13 12.09 -37.23
N GLU D 159 -35.56 11.96 -38.50
CA GLU D 159 -36.60 10.99 -38.92
C GLU D 159 -36.26 9.56 -38.58
N ASN D 160 -34.97 9.25 -38.48
CA ASN D 160 -34.49 7.92 -38.18
C ASN D 160 -34.30 7.68 -36.70
N GLU D 161 -34.64 8.68 -35.89
CA GLU D 161 -34.47 8.61 -34.45
C GLU D 161 -32.98 8.47 -34.05
N ASP D 162 -32.11 9.08 -34.86
CA ASP D 162 -30.70 9.28 -34.51
C ASP D 162 -30.53 10.77 -34.28
N ILE D 163 -29.41 11.17 -33.69
CA ILE D 163 -29.20 12.60 -33.44
C ILE D 163 -29.12 13.37 -34.74
N ASP D 164 -29.83 14.49 -34.80
CA ASP D 164 -29.82 15.31 -35.99
C ASP D 164 -28.66 16.28 -35.90
N TYR D 165 -27.50 15.82 -36.36
CA TYR D 165 -26.26 16.60 -36.27
C TYR D 165 -26.34 17.85 -37.15
N ASP D 166 -26.97 17.72 -38.30
CA ASP D 166 -27.16 18.87 -39.17
C ASP D 166 -27.96 19.96 -38.48
N ALA D 167 -29.05 19.57 -37.82
CA ALA D 167 -29.89 20.53 -37.10
C ALA D 167 -29.13 21.14 -35.92
N ALA D 168 -28.33 20.34 -35.25
CA ALA D 168 -27.52 20.83 -34.13
C ALA D 168 -26.54 21.88 -34.63
N GLU D 169 -25.94 21.62 -35.78
CA GLU D 169 -24.99 22.58 -36.37
C GLU D 169 -25.67 23.91 -36.70
N LYS D 170 -26.86 23.84 -37.31
CA LYS D 170 -27.61 25.05 -37.63
C LYS D 170 -27.96 25.84 -36.37
N LEU D 171 -28.40 25.14 -35.33
CA LEU D 171 -28.74 25.81 -34.06
C LEU D 171 -27.51 26.47 -33.43
N ALA D 172 -26.38 25.78 -33.49
CA ALA D 172 -25.14 26.32 -32.93
C ALA D 172 -24.74 27.61 -33.65
N ASN D 173 -24.87 27.62 -34.96
CA ASN D 173 -24.53 28.82 -35.73
C ASN D 173 -25.50 29.95 -35.45
N GLU D 174 -26.78 29.62 -35.24
CA GLU D 174 -27.80 30.64 -34.98
C GLU D 174 -27.63 31.28 -33.61
N HIS D 175 -27.43 30.43 -32.60
CA HIS D 175 -27.49 30.87 -31.20
C HIS D 175 -26.15 31.10 -30.54
N LYS D 176 -25.06 30.68 -31.18
CA LYS D 176 -23.71 30.90 -30.65
C LYS D 176 -23.58 30.52 -29.18
N PRO D 177 -23.87 29.27 -28.85
CA PRO D 177 -23.74 28.86 -27.45
C PRO D 177 -22.29 28.94 -26.98
N LYS D 178 -22.11 29.27 -25.69
CA LYS D 178 -20.79 29.23 -25.07
C LYS D 178 -20.31 27.80 -24.85
N LEU D 179 -21.25 26.89 -24.64
CA LEU D 179 -20.94 25.52 -24.31
C LEU D 179 -22.04 24.63 -24.88
N ILE D 180 -21.63 23.51 -25.47
CA ILE D 180 -22.55 22.52 -26.00
C ILE D 180 -22.41 21.27 -25.12
N VAL D 181 -23.55 20.77 -24.63
CA VAL D 181 -23.60 19.52 -23.88
C VAL D 181 -24.05 18.41 -24.82
N ALA D 182 -23.36 17.29 -24.75
CA ALA D 182 -23.77 16.07 -25.40
C ALA D 182 -23.82 14.94 -24.38
N GLY D 183 -24.49 13.86 -24.76
CA GLY D 183 -24.75 12.78 -23.83
C GLY D 183 -26.25 12.72 -23.57
N ALA D 184 -26.68 11.65 -22.93
CA ALA D 184 -28.10 11.35 -22.86
C ALA D 184 -28.35 10.34 -21.77
N SER D 185 -29.59 10.28 -21.30
CA SER D 185 -30.00 9.29 -20.34
C SER D 185 -30.96 8.24 -20.93
N ALA D 186 -31.49 8.49 -22.13
CA ALA D 186 -32.36 7.52 -22.77
C ALA D 186 -32.13 7.56 -24.26
N PHE D 187 -30.94 7.20 -24.70
CA PHE D 187 -30.61 7.15 -26.11
C PHE D 187 -29.71 5.92 -26.35
N ALA D 188 -30.11 5.07 -27.29
CA ALA D 188 -29.53 3.74 -27.42
C ALA D 188 -28.29 3.67 -28.32
N LEU D 189 -28.10 4.67 -29.17
CA LEU D 189 -27.08 4.56 -30.21
C LEU D 189 -25.76 5.17 -29.76
N LYS D 190 -24.71 4.84 -30.52
CA LYS D 190 -23.42 5.52 -30.42
C LYS D 190 -23.59 6.97 -30.83
N ILE D 191 -23.14 7.90 -29.99
CA ILE D 191 -23.13 9.32 -30.29
C ILE D 191 -21.82 9.68 -30.98
N ASP D 192 -21.90 10.53 -31.99
CA ASP D 192 -20.72 10.94 -32.78
C ASP D 192 -20.05 12.14 -32.11
N PHE D 193 -19.20 11.84 -31.13
CA PHE D 193 -18.56 12.90 -30.35
C PHE D 193 -17.60 13.73 -31.20
N GLU D 194 -16.92 13.09 -32.13
CA GLU D 194 -16.01 13.80 -33.04
C GLU D 194 -16.76 14.87 -33.83
N ARG D 195 -17.94 14.51 -34.33
CA ARG D 195 -18.74 15.44 -35.11
CA ARG D 195 -18.74 15.46 -35.11
C ARG D 195 -19.22 16.61 -34.24
N LEU D 196 -19.65 16.29 -33.03
CA LEU D 196 -20.10 17.33 -32.11
C LEU D 196 -18.95 18.26 -31.73
N ALA D 197 -17.75 17.71 -31.60
CA ALA D 197 -16.58 18.54 -31.35
C ALA D 197 -16.31 19.50 -32.50
N LYS D 198 -16.48 19.04 -33.74
CA LYS D 198 -16.29 19.88 -34.93
C LYS D 198 -17.30 21.03 -34.95
N ILE D 199 -18.54 20.72 -34.62
CA ILE D 199 -19.58 21.72 -34.54
C ILE D 199 -19.22 22.77 -33.46
N ALA D 200 -18.81 22.31 -32.29
CA ALA D 200 -18.49 23.23 -31.20
C ALA D 200 -17.31 24.15 -31.59
N LYS D 201 -16.26 23.55 -32.13
CA LYS D 201 -15.09 24.28 -32.57
C LYS D 201 -15.46 25.34 -33.61
N SER D 202 -16.36 24.99 -34.52
CA SER D 202 -16.76 25.91 -35.60
C SER D 202 -17.46 27.16 -35.09
N VAL D 203 -18.06 27.12 -33.90
CA VAL D 203 -18.68 28.31 -33.31
C VAL D 203 -17.98 28.83 -32.06
N GLY D 204 -16.81 28.28 -31.74
CA GLY D 204 -16.05 28.69 -30.56
C GLY D 204 -16.67 28.29 -29.23
N ALA D 205 -17.44 27.21 -29.20
CA ALA D 205 -18.05 26.73 -27.98
C ALA D 205 -17.19 25.63 -27.36
N TYR D 206 -17.27 25.49 -26.04
CA TYR D 206 -16.73 24.31 -25.36
C TYR D 206 -17.64 23.14 -25.68
N LEU D 207 -17.08 21.94 -25.69
CA LEU D 207 -17.88 20.74 -25.70
C LEU D 207 -17.71 20.01 -24.38
N MET D 208 -18.84 19.80 -23.71
CA MET D 208 -18.93 18.99 -22.51
C MET D 208 -19.75 17.75 -22.84
N VAL D 209 -19.18 16.58 -22.59
CA VAL D 209 -19.90 15.34 -22.78
C VAL D 209 -20.19 14.73 -21.41
N ASP D 210 -21.47 14.51 -21.13
CA ASP D 210 -21.91 13.86 -19.91
C ASP D 210 -22.13 12.40 -20.25
N MET D 211 -21.16 11.57 -19.88
CA MET D 211 -21.15 10.14 -20.25
C MET D 211 -21.69 9.19 -19.15
N ALA D 212 -22.40 9.73 -18.16
CA ALA D 212 -22.83 8.96 -17.02
C ALA D 212 -23.42 7.58 -17.39
N HIS D 213 -24.32 7.57 -18.37
CA HIS D 213 -24.98 6.30 -18.70
C HIS D 213 -24.06 5.30 -19.32
N TYR D 214 -23.09 5.78 -20.08
CA TYR D 214 -22.27 4.96 -20.92
C TYR D 214 -20.85 4.69 -20.36
N ALA D 215 -20.50 5.30 -19.21
CA ALA D 215 -19.09 5.35 -18.80
C ALA D 215 -18.45 3.96 -18.65
N GLY D 216 -19.20 3.01 -18.12
CA GLY D 216 -18.67 1.66 -17.96
C GLY D 216 -18.40 0.99 -19.29
N LEU D 217 -19.31 1.18 -20.24
CA LEU D 217 -19.12 0.65 -21.57
C LEU D 217 -17.88 1.28 -22.22
N ILE D 218 -17.72 2.57 -22.04
CA ILE D 218 -16.58 3.31 -22.62
C ILE D 218 -15.28 2.79 -22.03
N ALA D 219 -15.24 2.59 -20.72
CA ALA D 219 -14.05 2.09 -20.04
C ALA D 219 -13.62 0.73 -20.57
N ALA D 220 -14.59 -0.08 -20.98
CA ALA D 220 -14.33 -1.40 -21.50
C ALA D 220 -14.06 -1.42 -23.02
N GLY D 221 -14.18 -0.26 -23.67
CA GLY D 221 -13.94 -0.13 -25.09
C GLY D 221 -15.09 -0.62 -25.97
N VAL D 222 -16.28 -0.71 -25.44
CA VAL D 222 -17.45 -1.19 -26.19
C VAL D 222 -18.46 -0.09 -26.58
N TYR D 223 -18.11 1.15 -26.31
CA TYR D 223 -18.91 2.33 -26.69
C TYR D 223 -17.87 3.45 -26.93
N PRO D 224 -18.08 4.35 -27.90
CA PRO D 224 -17.03 5.33 -28.24
C PRO D 224 -16.65 6.27 -27.10
N ASN D 225 -15.35 6.60 -27.03
CA ASN D 225 -14.83 7.42 -25.94
C ASN D 225 -14.86 8.89 -26.33
N PRO D 226 -15.55 9.74 -25.53
CA PRO D 226 -15.60 11.16 -25.87
C PRO D 226 -14.34 11.94 -25.49
N VAL D 227 -13.48 11.34 -24.66
CA VAL D 227 -12.35 12.06 -24.06
C VAL D 227 -11.38 12.69 -25.08
N PRO D 228 -11.01 11.98 -26.16
CA PRO D 228 -10.17 12.62 -27.17
C PRO D 228 -10.78 13.87 -27.84
N HIS D 229 -12.11 14.02 -27.77
CA HIS D 229 -12.82 15.04 -28.53
C HIS D 229 -13.37 16.20 -27.71
N ALA D 230 -13.61 15.99 -26.42
CA ALA D 230 -14.31 16.97 -25.58
C ALA D 230 -13.32 17.75 -24.74
N ASP D 231 -13.69 19.01 -24.47
CA ASP D 231 -12.98 19.81 -23.49
C ASP D 231 -13.17 19.24 -22.06
N PHE D 232 -14.38 18.81 -21.77
CA PHE D 232 -14.78 18.26 -20.47
C PHE D 232 -15.64 17.04 -20.66
N VAL D 233 -15.46 16.04 -19.82
CA VAL D 233 -16.32 14.87 -19.79
C VAL D 233 -16.70 14.64 -18.33
N THR D 234 -17.99 14.64 -18.07
CA THR D 234 -18.49 14.40 -16.73
C THR D 234 -19.13 13.02 -16.67
N THR D 235 -19.19 12.48 -15.47
CA THR D 235 -19.82 11.20 -15.27
C THR D 235 -20.23 11.03 -13.82
N THR D 236 -21.18 10.15 -13.61
CA THR D 236 -21.41 9.49 -12.35
C THR D 236 -20.39 8.34 -12.19
N THR D 237 -20.05 7.98 -10.96
CA THR D 237 -19.27 6.80 -10.69
C THR D 237 -20.11 5.53 -10.52
N HIS D 238 -21.38 5.73 -10.21
CA HIS D 238 -22.40 4.68 -10.24
C HIS D 238 -22.96 4.59 -11.67
N LYS D 239 -24.05 3.84 -11.85
CA LYS D 239 -24.64 3.49 -13.16
C LYS D 239 -23.73 2.45 -13.84
N SER D 240 -23.46 2.54 -15.14
CA SER D 240 -22.77 1.45 -15.83
C SER D 240 -21.31 1.27 -15.36
N LEU D 241 -20.68 2.30 -14.83
CA LEU D 241 -19.33 2.15 -14.25
C LEU D 241 -19.30 1.30 -12.99
N ARG D 242 -20.48 1.12 -12.36
CA ARG D 242 -20.68 0.16 -11.28
C ARG D 242 -19.95 0.50 -9.99
N GLY D 243 -19.71 1.78 -9.77
CA GLY D 243 -19.08 2.27 -8.57
C GLY D 243 -20.02 2.82 -7.52
N PRO D 244 -19.47 3.56 -6.53
CA PRO D 244 -20.27 4.17 -5.51
C PRO D 244 -21.00 5.34 -6.11
N ARG D 245 -21.94 5.89 -5.38
CA ARG D 245 -22.71 7.04 -5.86
CA ARG D 245 -22.66 7.07 -5.87
C ARG D 245 -21.83 8.29 -5.69
N GLY D 246 -21.60 8.99 -6.80
CA GLY D 246 -20.77 10.19 -6.81
C GLY D 246 -20.50 10.59 -8.23
N GLY D 247 -19.62 11.58 -8.39
CA GLY D 247 -19.29 12.10 -9.70
C GLY D 247 -17.80 12.25 -9.93
N VAL D 248 -17.46 12.53 -11.20
CA VAL D 248 -16.09 12.77 -11.68
C VAL D 248 -16.15 13.79 -12.81
N ILE D 249 -15.17 14.69 -12.86
CA ILE D 249 -14.90 15.51 -14.05
C ILE D 249 -13.57 15.09 -14.65
N LEU D 250 -13.58 14.82 -15.95
CA LEU D 250 -12.36 14.66 -16.74
C LEU D 250 -12.19 15.92 -17.60
N MET D 251 -10.96 16.42 -17.75
CA MET D 251 -10.77 17.65 -18.51
C MET D 251 -9.43 17.69 -19.18
N LYS D 252 -9.36 18.43 -20.28
CA LYS D 252 -8.08 18.73 -20.91
CA LYS D 252 -8.07 18.74 -20.90
C LYS D 252 -7.23 19.48 -19.89
N ALA D 253 -5.92 19.31 -19.99
CA ALA D 253 -5.02 19.90 -19.02
C ALA D 253 -5.12 21.44 -18.95
N GLU D 254 -5.44 22.10 -20.06
CA GLU D 254 -5.56 23.56 -20.05
C GLU D 254 -6.71 24.05 -19.15
N TYR D 255 -7.65 23.17 -18.82
CA TYR D 255 -8.78 23.52 -17.94
C TYR D 255 -8.67 22.95 -16.52
N GLU D 256 -7.53 22.35 -16.18
CA GLU D 256 -7.33 21.77 -14.87
C GLU D 256 -7.54 22.80 -13.74
N LYS D 257 -6.92 23.98 -13.88
CA LYS D 257 -7.01 25.02 -12.85
C LYS D 257 -8.47 25.51 -12.63
N PRO D 258 -9.14 25.96 -13.70
CA PRO D 258 -10.52 26.41 -13.45
C PRO D 258 -11.44 25.32 -12.91
N ILE D 259 -11.30 24.08 -13.38
CA ILE D 259 -12.16 23.00 -12.92
C ILE D 259 -11.90 22.69 -11.46
N ASN D 260 -10.62 22.55 -11.08
CA ASN D 260 -10.33 22.25 -9.69
C ASN D 260 -10.82 23.37 -8.77
N SER D 261 -10.64 24.62 -9.18
CA SER D 261 -11.09 25.77 -8.39
C SER D 261 -12.60 25.84 -8.28
N ALA D 262 -13.29 25.42 -9.33
CA ALA D 262 -14.75 25.44 -9.33
C ALA D 262 -15.32 24.42 -8.37
N ILE D 263 -14.69 23.25 -8.29
CA ILE D 263 -15.18 22.24 -7.34
C ILE D 263 -14.88 22.65 -5.89
N PHE D 264 -13.66 23.12 -5.64
CA PHE D 264 -13.32 23.64 -4.31
C PHE D 264 -12.30 24.76 -4.47
N PRO D 265 -12.59 25.94 -3.92
CA PRO D 265 -13.70 26.36 -3.05
C PRO D 265 -15.02 26.80 -3.74
N GLY D 266 -15.21 26.50 -5.01
CA GLY D 266 -16.38 27.01 -5.73
C GLY D 266 -17.72 26.47 -5.27
N ILE D 267 -17.96 25.18 -5.43
CA ILE D 267 -19.30 24.63 -5.18
C ILE D 267 -19.37 23.52 -4.14
N GLN D 268 -18.22 23.07 -3.64
CA GLN D 268 -18.16 22.07 -2.57
C GLN D 268 -17.21 22.52 -1.45
N GLY D 269 -17.25 21.76 -0.36
CA GLY D 269 -16.36 21.94 0.76
C GLY D 269 -15.48 20.71 0.91
N GLY D 270 -15.58 20.01 2.04
CA GLY D 270 -14.78 18.81 2.27
C GLY D 270 -15.23 17.69 1.37
N PRO D 271 -14.28 17.04 0.68
CA PRO D 271 -14.69 15.92 -0.15
C PRO D 271 -15.05 14.73 0.75
N LEU D 272 -15.83 13.80 0.20
CA LEU D 272 -16.21 12.61 0.92
C LEU D 272 -15.09 11.58 0.69
N MET D 273 -14.09 11.56 1.56
CA MET D 273 -12.90 10.72 1.30
C MET D 273 -13.17 9.23 1.30
N HIS D 274 -14.13 8.81 2.11
CA HIS D 274 -14.60 7.42 2.10
C HIS D 274 -15.23 7.05 0.76
N VAL D 275 -16.00 7.97 0.19
CA VAL D 275 -16.57 7.71 -1.12
C VAL D 275 -15.46 7.73 -2.19
N ILE D 276 -14.49 8.61 -2.03
CA ILE D 276 -13.36 8.67 -2.98
C ILE D 276 -12.55 7.35 -2.95
N ALA D 277 -12.35 6.82 -1.74
CA ALA D 277 -11.74 5.48 -1.62
C ALA D 277 -12.55 4.44 -2.39
N ALA D 278 -13.88 4.51 -2.25
CA ALA D 278 -14.76 3.61 -2.96
C ALA D 278 -14.68 3.80 -4.49
N LYS D 279 -14.50 5.05 -4.93
CA LYS D 279 -14.30 5.31 -6.36
C LYS D 279 -13.01 4.66 -6.83
N ALA D 280 -11.95 4.78 -6.03
CA ALA D 280 -10.67 4.17 -6.38
C ALA D 280 -10.83 2.65 -6.53
N VAL D 281 -11.55 2.01 -5.61
CA VAL D 281 -11.79 0.58 -5.71
C VAL D 281 -12.55 0.24 -6.99
N ALA D 282 -13.60 0.99 -7.29
CA ALA D 282 -14.39 0.75 -8.47
C ALA D 282 -13.55 0.94 -9.74
N PHE D 283 -12.65 1.91 -9.72
CA PHE D 283 -11.78 2.13 -10.87
C PHE D 283 -10.81 0.97 -11.07
N LYS D 284 -10.25 0.45 -9.99
CA LYS D 284 -9.40 -0.73 -10.08
CA LYS D 284 -9.39 -0.73 -10.15
C LYS D 284 -10.19 -1.89 -10.70
N GLU D 285 -11.41 -2.08 -10.22
CA GLU D 285 -12.28 -3.11 -10.78
C GLU D 285 -12.49 -2.88 -12.26
N ALA D 286 -12.70 -1.63 -12.66
CA ALA D 286 -13.02 -1.32 -14.03
C ALA D 286 -11.82 -1.50 -14.98
N LEU D 287 -10.60 -1.47 -14.43
CA LEU D 287 -9.38 -1.66 -15.21
C LEU D 287 -9.16 -3.14 -15.52
N SER D 288 -9.89 -4.02 -14.84
CA SER D 288 -9.65 -5.45 -14.94
C SER D 288 -10.23 -6.08 -16.20
N PRO D 289 -9.62 -7.20 -16.65
CA PRO D 289 -10.22 -7.94 -17.77
C PRO D 289 -11.62 -8.43 -17.48
N GLU D 290 -11.94 -8.72 -16.22
CA GLU D 290 -13.26 -9.22 -15.88
C GLU D 290 -14.32 -8.13 -16.16
N PHE D 291 -13.94 -6.85 -15.99
CA PHE D 291 -14.89 -5.76 -16.24
C PHE D 291 -15.19 -5.60 -17.74
N LYS D 292 -14.16 -5.82 -18.58
CA LYS D 292 -14.37 -5.79 -20.01
C LYS D 292 -15.34 -6.91 -20.39
N GLU D 293 -15.13 -8.11 -19.86
CA GLU D 293 -16.06 -9.24 -20.12
C GLU D 293 -17.48 -8.88 -19.69
N TYR D 294 -17.59 -8.26 -18.51
CA TYR D 294 -18.90 -7.84 -18.00
C TYR D 294 -19.61 -6.89 -18.98
N GLN D 295 -18.89 -5.88 -19.44
CA GLN D 295 -19.51 -4.91 -20.36
C GLN D 295 -19.84 -5.52 -21.74
N GLN D 296 -19.04 -6.48 -22.20
CA GLN D 296 -19.37 -7.22 -23.42
C GLN D 296 -20.71 -7.95 -23.23
N LYS D 297 -20.90 -8.52 -22.04
CA LYS D 297 -22.18 -9.17 -21.70
C LYS D 297 -23.35 -8.18 -21.56
N VAL D 298 -23.08 -7.00 -21.04
CA VAL D 298 -24.08 -5.95 -20.93
C VAL D 298 -24.59 -5.62 -22.31
N VAL D 299 -23.68 -5.43 -23.27
CA VAL D 299 -24.07 -5.08 -24.64
C VAL D 299 -24.84 -6.24 -25.31
N GLU D 300 -24.35 -7.46 -25.14
CA GLU D 300 -25.01 -8.63 -25.71
C GLU D 300 -26.41 -8.79 -25.11
N ASN D 301 -26.53 -8.66 -23.80
CA ASN D 301 -27.82 -8.86 -23.14
C ASN D 301 -28.83 -7.79 -23.56
N ALA D 302 -28.40 -6.55 -23.71
CA ALA D 302 -29.30 -5.48 -24.19
C ALA D 302 -29.77 -5.76 -25.61
N ARG D 303 -28.86 -6.22 -26.47
CA ARG D 303 -29.23 -6.57 -27.84
CA ARG D 303 -29.25 -6.54 -27.82
C ARG D 303 -30.26 -7.71 -27.85
N VAL D 304 -30.00 -8.76 -27.07
CA VAL D 304 -30.91 -9.91 -27.03
C VAL D 304 -32.28 -9.52 -26.48
N LEU D 305 -32.29 -8.70 -25.44
CA LEU D 305 -33.54 -8.22 -24.86
C LEU D 305 -34.34 -7.45 -25.91
N ALA D 306 -33.67 -6.52 -26.58
CA ALA D 306 -34.31 -5.76 -27.68
C ALA D 306 -34.84 -6.66 -28.80
N GLU D 307 -34.02 -7.59 -29.27
CA GLU D 307 -34.41 -8.53 -30.34
C GLU D 307 -35.65 -9.33 -29.93
N THR D 308 -35.69 -9.76 -28.68
CA THR D 308 -36.79 -10.57 -28.20
C THR D 308 -38.09 -9.77 -28.18
N LEU D 309 -38.00 -8.51 -27.74
CA LEU D 309 -39.20 -7.68 -27.67
C LEU D 309 -39.71 -7.38 -29.09
N VAL D 310 -38.79 -7.22 -30.05
CA VAL D 310 -39.18 -7.02 -31.44
C VAL D 310 -39.87 -8.29 -31.99
N LYS D 311 -39.35 -9.47 -31.66
CA LYS D 311 -40.02 -10.70 -32.06
C LYS D 311 -41.46 -10.77 -31.53
N ARG D 312 -41.69 -10.22 -30.34
CA ARG D 312 -43.00 -10.23 -29.71
C ARG D 312 -43.88 -9.05 -30.15
N GLY D 313 -43.42 -8.28 -31.14
CA GLY D 313 -44.26 -7.26 -31.76
C GLY D 313 -44.09 -5.85 -31.24
N LEU D 314 -43.09 -5.59 -30.41
CA LEU D 314 -42.78 -4.23 -29.92
C LEU D 314 -41.78 -3.57 -30.88
N ARG D 315 -41.52 -2.28 -30.64
CA ARG D 315 -40.61 -1.50 -31.47
C ARG D 315 -39.61 -0.81 -30.57
N ILE D 316 -38.37 -0.78 -31.03
CA ILE D 316 -37.28 -0.09 -30.34
C ILE D 316 -37.05 1.27 -31.01
N VAL D 317 -37.10 2.34 -30.22
CA VAL D 317 -36.74 3.66 -30.71
C VAL D 317 -35.30 3.60 -31.26
N SER D 318 -35.11 4.24 -32.42
CA SER D 318 -33.84 4.23 -33.16
C SER D 318 -33.62 2.94 -33.94
N GLY D 319 -34.50 1.96 -33.76
CA GLY D 319 -34.50 0.75 -34.58
C GLY D 319 -33.54 -0.34 -34.10
N ARG D 320 -32.72 -0.03 -33.10
CA ARG D 320 -31.71 -0.95 -32.57
C ARG D 320 -31.11 -0.34 -31.32
N THR D 321 -30.36 -1.15 -30.56
CA THR D 321 -29.48 -0.62 -29.55
C THR D 321 -28.02 -0.91 -29.90
N GLU D 322 -27.16 0.02 -29.54
CA GLU D 322 -25.68 -0.13 -29.62
C GLU D 322 -25.07 0.08 -28.26
N SER D 323 -25.83 -0.16 -27.20
CA SER D 323 -25.38 0.19 -25.87
C SER D 323 -26.06 -0.74 -24.83
N HIS D 324 -26.25 -0.24 -23.62
CA HIS D 324 -26.83 -0.97 -22.51
C HIS D 324 -28.34 -0.74 -22.43
N VAL D 325 -28.83 0.22 -23.22
CA VAL D 325 -30.18 0.81 -22.98
C VAL D 325 -31.04 0.72 -24.24
N MET D 326 -32.36 0.74 -24.03
CA MET D 326 -33.33 0.85 -25.11
C MET D 326 -34.57 1.58 -24.60
N LEU D 327 -35.24 2.25 -25.53
CA LEU D 327 -36.55 2.82 -25.29
C LEU D 327 -37.54 2.02 -26.15
N VAL D 328 -38.51 1.42 -25.47
CA VAL D 328 -39.50 0.55 -26.11
C VAL D 328 -40.77 1.34 -26.37
N ASP D 329 -41.14 1.46 -27.64
CA ASP D 329 -42.43 2.02 -28.09
C ASP D 329 -43.52 0.95 -27.94
N LEU D 330 -44.47 1.21 -27.03
CA LEU D 330 -45.45 0.21 -26.60
C LEU D 330 -46.74 0.18 -27.40
N ARG D 331 -46.82 1.05 -28.40
CA ARG D 331 -48.12 1.30 -29.03
C ARG D 331 -48.80 0.08 -29.63
N ALA D 332 -48.01 -0.85 -30.16
CA ALA D 332 -48.60 -2.05 -30.77
C ALA D 332 -49.34 -2.91 -29.76
N LYS D 333 -49.02 -2.76 -28.47
CA LYS D 333 -49.75 -3.48 -27.42
C LYS D 333 -50.82 -2.65 -26.68
N HIS D 334 -51.08 -1.43 -27.15
CA HIS D 334 -52.19 -0.63 -26.63
C HIS D 334 -52.13 -0.49 -25.14
N ILE D 335 -50.94 -0.16 -24.66
CA ILE D 335 -50.68 0.01 -23.25
C ILE D 335 -49.78 1.26 -23.11
N THR D 336 -50.05 2.08 -22.10
CA THR D 336 -49.22 3.26 -21.87
C THR D 336 -47.97 2.90 -21.08
N GLY D 337 -46.99 3.80 -21.10
CA GLY D 337 -45.78 3.59 -20.30
C GLY D 337 -46.08 3.49 -18.82
N LYS D 338 -46.98 4.35 -18.35
CA LYS D 338 -47.41 4.35 -16.95
C LYS D 338 -48.05 3.02 -16.55
N ALA D 339 -48.97 2.54 -17.39
CA ALA D 339 -49.64 1.27 -17.12
C ALA D 339 -48.69 0.08 -17.20
N ALA D 340 -47.77 0.11 -18.17
CA ALA D 340 -46.77 -0.95 -18.29
C ALA D 340 -45.87 -1.00 -17.06
N GLU D 341 -45.38 0.15 -16.63
CA GLU D 341 -44.50 0.22 -15.45
C GLU D 341 -45.21 -0.41 -14.26
N ALA D 342 -46.48 -0.08 -14.08
CA ALA D 342 -47.24 -0.59 -12.92
C ALA D 342 -47.43 -2.11 -12.97
N ALA D 343 -47.81 -2.61 -14.14
CA ALA D 343 -48.11 -4.04 -14.29
C ALA D 343 -46.81 -4.84 -14.16
N LEU D 344 -45.73 -4.36 -14.78
CA LEU D 344 -44.44 -5.04 -14.70
C LEU D 344 -43.98 -5.07 -13.26
N GLY D 345 -44.18 -3.95 -12.55
CA GLY D 345 -43.83 -3.90 -11.12
C GLY D 345 -44.60 -4.92 -10.27
N ALA D 346 -45.87 -5.14 -10.58
CA ALA D 346 -46.68 -6.14 -9.89
C ALA D 346 -46.10 -7.54 -10.12
N ALA D 347 -45.50 -7.75 -11.29
CA ALA D 347 -44.82 -9.01 -11.64
C ALA D 347 -43.34 -9.07 -11.24
N HIS D 348 -42.89 -8.08 -10.45
CA HIS D 348 -41.50 -8.02 -9.90
C HIS D 348 -40.41 -7.70 -10.94
N ILE D 349 -40.80 -6.98 -12.00
CA ILE D 349 -39.88 -6.48 -13.00
C ILE D 349 -39.91 -4.96 -12.95
N THR D 350 -38.78 -4.35 -12.59
CA THR D 350 -38.70 -2.95 -12.37
C THR D 350 -38.21 -2.23 -13.64
N VAL D 351 -39.05 -1.34 -14.15
CA VAL D 351 -38.74 -0.53 -15.31
C VAL D 351 -39.15 0.90 -15.04
N ASN D 352 -38.91 1.80 -15.97
CA ASN D 352 -39.54 3.11 -15.87
C ASN D 352 -40.14 3.60 -17.16
N LYS D 353 -41.28 4.28 -17.04
CA LYS D 353 -41.93 4.89 -18.20
C LYS D 353 -41.03 5.97 -18.77
N ASN D 354 -41.21 6.24 -20.05
CA ASN D 354 -40.44 7.27 -20.73
C ASN D 354 -41.14 7.65 -22.02
N ALA D 355 -41.22 8.95 -22.29
CA ALA D 355 -41.79 9.44 -23.53
C ALA D 355 -40.98 8.98 -24.72
N ILE D 356 -41.67 8.73 -25.83
CA ILE D 356 -40.98 8.41 -27.10
C ILE D 356 -41.04 9.66 -27.98
N PRO D 357 -40.26 9.71 -29.08
CA PRO D 357 -40.36 10.84 -29.99
C PRO D 357 -41.79 10.97 -30.53
N ASN D 358 -42.31 12.21 -30.56
CA ASN D 358 -43.67 12.48 -31.00
C ASN D 358 -44.69 11.62 -30.26
N ASP D 359 -44.55 11.55 -28.95
CA ASP D 359 -45.42 10.74 -28.11
C ASP D 359 -46.87 11.29 -28.16
N PRO D 360 -47.86 10.42 -28.46
CA PRO D 360 -49.24 10.89 -28.45
C PRO D 360 -49.86 11.06 -27.07
N GLU D 361 -49.20 10.54 -26.03
CA GLU D 361 -49.74 10.60 -24.66
C GLU D 361 -49.21 11.81 -23.90
N LYS D 362 -49.89 12.14 -22.81
CA LYS D 362 -49.44 13.22 -21.92
C LYS D 362 -48.11 12.83 -21.24
N PRO D 363 -47.33 13.83 -20.78
CA PRO D 363 -45.98 13.57 -20.28
C PRO D 363 -45.85 12.59 -19.10
N PHE D 364 -46.86 12.51 -18.23
CA PHE D 364 -46.76 11.59 -17.10
C PHE D 364 -47.39 10.24 -17.42
N VAL D 365 -47.89 10.09 -18.65
CA VAL D 365 -48.49 8.84 -19.10
C VAL D 365 -47.50 8.09 -20.00
N THR D 366 -47.16 8.73 -21.13
CA THR D 366 -46.17 8.25 -22.10
C THR D 366 -46.60 6.99 -22.85
N SER D 367 -45.87 6.72 -23.91
CA SER D 367 -46.05 5.54 -24.76
C SER D 367 -44.85 4.58 -24.72
N GLY D 368 -43.95 4.76 -23.75
CA GLY D 368 -42.74 3.95 -23.73
C GLY D 368 -42.28 3.52 -22.36
N ILE D 369 -41.40 2.54 -22.36
CA ILE D 369 -40.60 2.25 -21.18
C ILE D 369 -39.14 2.17 -21.57
N ARG D 370 -38.29 2.61 -20.66
CA ARG D 370 -36.85 2.49 -20.83
C ARG D 370 -36.39 1.23 -20.09
N LEU D 371 -35.54 0.44 -20.75
CA LEU D 371 -34.94 -0.78 -20.19
C LEU D 371 -33.44 -0.78 -20.35
N GLY D 372 -32.73 -1.31 -19.37
CA GLY D 372 -31.29 -1.48 -19.50
C GLY D 372 -30.83 -2.80 -18.91
N SER D 373 -29.72 -3.29 -19.45
CA SER D 373 -29.12 -4.54 -18.98
C SER D 373 -28.04 -4.51 -17.86
N PRO D 374 -27.50 -3.35 -17.44
CA PRO D 374 -26.37 -3.47 -16.48
C PRO D 374 -26.64 -4.28 -15.22
N ALA D 375 -27.77 -4.05 -14.57
CA ALA D 375 -28.01 -4.68 -13.30
C ALA D 375 -28.23 -6.17 -13.45
N MET D 376 -29.04 -6.58 -14.42
CA MET D 376 -29.34 -8.00 -14.57
C MET D 376 -28.08 -8.76 -15.01
N THR D 377 -27.21 -8.06 -15.73
CA THR D 377 -25.93 -8.64 -16.15
C THR D 377 -24.98 -8.83 -14.95
N THR D 378 -24.97 -7.85 -14.05
CA THR D 378 -24.17 -7.94 -12.86
C THR D 378 -24.51 -9.17 -12.02
N ARG D 379 -25.78 -9.49 -11.89
CA ARG D 379 -26.17 -10.63 -11.09
C ARG D 379 -26.04 -11.97 -11.84
N GLY D 380 -25.60 -11.93 -13.08
CA GLY D 380 -25.17 -13.14 -13.79
C GLY D 380 -26.01 -13.61 -14.95
N PHE D 381 -27.05 -12.85 -15.32
CA PHE D 381 -27.89 -13.23 -16.44
C PHE D 381 -27.04 -13.21 -17.71
N GLY D 382 -27.31 -14.20 -18.59
CA GLY D 382 -26.70 -14.29 -19.89
C GLY D 382 -27.79 -14.21 -20.95
N PRO D 383 -27.44 -14.53 -22.20
CA PRO D 383 -28.39 -14.32 -23.27
C PRO D 383 -29.68 -15.13 -23.12
N ALA D 384 -29.60 -16.33 -22.57
CA ALA D 384 -30.83 -17.14 -22.38
C ALA D 384 -31.78 -16.44 -21.41
N GLU D 385 -31.24 -15.86 -20.35
CA GLU D 385 -32.05 -15.15 -19.38
C GLU D 385 -32.55 -13.82 -19.92
N ALA D 386 -31.74 -13.12 -20.73
CA ALA D 386 -32.20 -11.87 -21.36
C ALA D 386 -33.41 -12.14 -22.25
N GLU D 387 -33.35 -13.22 -23.02
CA GLU D 387 -34.48 -13.67 -23.85
C GLU D 387 -35.70 -14.02 -23.00
N GLN D 388 -35.50 -14.79 -21.93
CA GLN D 388 -36.60 -15.12 -21.02
CA GLN D 388 -36.63 -15.10 -21.03
C GLN D 388 -37.28 -13.82 -20.51
N VAL D 389 -36.45 -12.88 -20.07
CA VAL D 389 -36.93 -11.62 -19.53
C VAL D 389 -37.73 -10.86 -20.59
N GLY D 390 -37.24 -10.85 -21.82
CA GLY D 390 -37.97 -10.23 -22.91
C GLY D 390 -39.37 -10.83 -23.09
N ASN D 391 -39.45 -12.15 -23.04
CA ASN D 391 -40.72 -12.84 -23.19
C ASN D 391 -41.67 -12.62 -22.00
N LEU D 392 -41.12 -12.54 -20.80
CA LEU D 392 -41.93 -12.25 -19.61
C LEU D 392 -42.52 -10.86 -19.67
N ILE D 393 -41.71 -9.91 -20.12
CA ILE D 393 -42.18 -8.54 -20.28
C ILE D 393 -43.33 -8.52 -21.28
N ALA D 394 -43.13 -9.14 -22.45
CA ALA D 394 -44.20 -9.14 -23.47
C ALA D 394 -45.49 -9.82 -22.93
N ASP D 395 -45.34 -10.89 -22.15
CA ASP D 395 -46.48 -11.58 -21.56
C ASP D 395 -47.32 -10.62 -20.72
N VAL D 396 -46.62 -9.81 -19.90
CA VAL D 396 -47.33 -8.84 -19.07
C VAL D 396 -47.99 -7.75 -19.93
N LEU D 397 -47.25 -7.24 -20.90
CA LEU D 397 -47.76 -6.15 -21.74
C LEU D 397 -49.03 -6.57 -22.45
N GLU D 398 -49.12 -7.86 -22.80
CA GLU D 398 -50.24 -8.37 -23.57
C GLU D 398 -51.49 -8.64 -22.73
N ASN D 399 -51.35 -8.73 -21.41
CA ASN D 399 -52.48 -8.96 -20.52
C ASN D 399 -52.18 -8.37 -19.14
N PRO D 400 -52.05 -7.03 -19.09
CA PRO D 400 -51.49 -6.39 -17.91
C PRO D 400 -52.36 -6.44 -16.65
N GLU D 401 -53.66 -6.64 -16.80
CA GLU D 401 -54.58 -6.69 -15.66
C GLU D 401 -55.09 -8.10 -15.33
N ASP D 402 -54.52 -9.11 -15.96
CA ASP D 402 -54.95 -10.49 -15.74
C ASP D 402 -54.19 -11.10 -14.56
N ALA D 403 -54.91 -11.41 -13.48
CA ALA D 403 -54.22 -11.88 -12.26
C ALA D 403 -53.37 -13.11 -12.53
N ALA D 404 -53.91 -14.04 -13.31
CA ALA D 404 -53.22 -15.29 -13.57
C ALA D 404 -51.93 -15.03 -14.33
N THR D 405 -51.94 -14.09 -15.26
CA THR D 405 -50.73 -13.78 -16.03
C THR D 405 -49.67 -13.18 -15.12
N ILE D 406 -50.08 -12.22 -14.31
CA ILE D 406 -49.15 -11.55 -13.41
C ILE D 406 -48.54 -12.57 -12.45
N GLU D 407 -49.37 -13.46 -11.90
CA GLU D 407 -48.91 -14.47 -10.97
C GLU D 407 -47.91 -15.45 -11.64
N ARG D 408 -48.20 -15.85 -12.88
CA ARG D 408 -47.30 -16.75 -13.61
C ARG D 408 -45.96 -16.12 -13.85
N VAL D 409 -45.96 -14.86 -14.27
CA VAL D 409 -44.70 -14.16 -14.50
C VAL D 409 -43.95 -13.98 -13.19
N ARG D 410 -44.66 -13.58 -12.14
CA ARG D 410 -44.02 -13.39 -10.83
CA ARG D 410 -44.06 -13.40 -10.81
C ARG D 410 -43.31 -14.70 -10.40
N ALA D 411 -43.95 -15.84 -10.63
CA ALA D 411 -43.36 -17.12 -10.27
C ALA D 411 -42.09 -17.41 -11.09
N GLN D 412 -42.13 -17.09 -12.38
CA GLN D 412 -40.92 -17.24 -13.21
C GLN D 412 -39.80 -16.27 -12.81
N VAL D 413 -40.16 -15.05 -12.44
CA VAL D 413 -39.20 -14.11 -11.92
C VAL D 413 -38.55 -14.63 -10.66
N ALA D 414 -39.33 -15.20 -9.75
CA ALA D 414 -38.80 -15.75 -8.52
C ALA D 414 -37.80 -16.87 -8.79
N GLU D 415 -38.04 -17.72 -9.78
CA GLU D 415 -37.06 -18.72 -10.16
C GLU D 415 -35.74 -18.09 -10.56
N LEU D 416 -35.82 -17.05 -11.38
CA LEU D 416 -34.62 -16.40 -11.88
C LEU D 416 -33.86 -15.66 -10.79
N THR D 417 -34.59 -14.93 -9.94
CA THR D 417 -33.90 -14.15 -8.91
C THR D 417 -33.25 -15.04 -7.86
N LYS D 418 -33.86 -16.18 -7.53
CA LYS D 418 -33.25 -17.06 -6.55
C LYS D 418 -32.02 -17.74 -7.17
N ARG D 419 -32.09 -18.09 -8.45
CA ARG D 419 -30.99 -18.78 -9.10
C ARG D 419 -29.79 -17.88 -9.29
N PHE D 420 -30.06 -16.58 -9.41
CA PHE D 420 -29.02 -15.58 -9.68
C PHE D 420 -29.03 -14.52 -8.57
N PRO D 421 -28.54 -14.90 -7.38
CA PRO D 421 -28.51 -13.93 -6.29
C PRO D 421 -27.55 -12.79 -6.59
N VAL D 422 -27.86 -11.60 -6.08
CA VAL D 422 -26.99 -10.47 -6.28
C VAL D 422 -25.74 -10.54 -5.43
N TYR D 423 -25.92 -10.77 -4.14
CA TYR D 423 -24.81 -10.88 -3.19
C TYR D 423 -24.85 -12.27 -2.54
N ARG D 424 -23.69 -12.87 -2.44
CA ARG D 424 -23.51 -14.12 -1.67
C ARG D 424 -22.64 -13.87 -0.43
N1 PLP E . 29.99 -7.44 12.60
C2 PLP E . 29.66 -7.47 13.90
C2A PLP E . 30.14 -6.38 14.79
C3 PLP E . 28.84 -8.58 14.40
O3 PLP E . 28.50 -8.69 15.70
C4 PLP E . 28.39 -9.60 13.44
C4A PLP E . 27.54 -10.72 13.92
C5 PLP E . 28.84 -9.47 12.04
C6 PLP E . 29.61 -8.38 11.70
C5A PLP E . 28.54 -10.49 10.97
O4P PLP E . 27.17 -10.64 10.64
P PLP E . 26.77 -11.98 9.82
O1P PLP E . 25.35 -11.64 9.41
O2P PLP E . 27.68 -12.15 8.64
O3P PLP E . 26.87 -13.12 10.80
S SO4 F . 29.20 -12.23 17.77
O1 SO4 F . 30.47 -12.12 18.56
O2 SO4 F . 28.28 -13.17 18.49
O3 SO4 F . 28.53 -10.97 17.58
O4 SO4 F . 29.54 -12.78 16.43
N1 PLP G . -21.20 25.86 6.65
C2 PLP G . -20.48 25.87 7.80
C2A PLP G . -20.78 26.85 8.92
C3 PLP G . -19.39 24.88 8.01
O3 PLP G . -18.64 24.86 9.14
C4 PLP G . -19.10 23.90 6.94
C4A PLP G . -17.99 22.92 7.18
C5 PLP G . -19.94 24.01 5.70
C6 PLP G . -20.95 24.98 5.63
C5A PLP G . -19.73 23.14 4.46
O4P PLP G . -19.96 21.78 4.68
P PLP G . -19.37 20.70 3.64
O1P PLP G . -20.20 19.48 4.05
O2P PLP G . -19.86 21.19 2.30
O3P PLP G . -17.88 20.77 3.85
S SO4 H . -14.43 24.74 8.92
O1 SO4 H . -14.01 26.15 9.16
O2 SO4 H . -15.62 24.33 9.67
O3 SO4 H . -14.74 24.55 7.48
O4 SO4 H . -13.28 23.90 9.31
N1 PLP I . 26.44 -17.79 -11.44
C2 PLP I . 25.57 -18.05 -12.44
C2A PLP I . 25.94 -18.86 -13.66
C3 PLP I . 24.20 -17.54 -12.40
O3 PLP I . 23.36 -17.80 -13.42
C4 PLP I . 23.79 -16.73 -11.27
C4A PLP I . 22.38 -16.23 -11.26
C5 PLP I . 24.85 -16.50 -10.23
C6 PLP I . 26.12 -17.07 -10.36
C5A PLP I . 24.67 -15.64 -8.99
O4P PLP I . 23.68 -16.08 -8.10
P PLP I . 23.14 -15.00 -7.02
O1P PLP I . 22.43 -15.93 -6.03
O2P PLP I . 24.31 -14.30 -6.34
O3P PLP I . 22.24 -14.13 -7.88
S SO4 J . 21.10 -14.58 -15.07
O1 SO4 J . 21.76 -13.82 -13.98
O2 SO4 J . 19.68 -14.22 -15.25
O3 SO4 J . 21.81 -14.23 -16.33
O4 SO4 J . 21.19 -16.00 -14.75
N1 PLP K . -26.16 13.19 -15.99
C2 PLP K . -26.62 12.06 -16.56
C2A PLP K . -26.54 11.84 -18.04
C3 PLP K . -27.28 11.05 -15.74
O3 PLP K . -27.76 9.93 -16.29
C4 PLP K . -27.38 11.20 -14.30
C4A PLP K . -28.00 10.14 -13.47
C5 PLP K . -26.83 12.50 -13.79
C6 PLP K . -26.25 13.40 -14.66
C5A PLP K . -26.94 12.92 -12.35
O4P PLP K . -26.29 12.13 -11.43
P PLP K . -26.65 12.27 -9.87
O1P PLP K . -27.97 11.54 -9.64
O2P PLP K . -25.48 11.54 -9.23
O3P PLP K . -26.65 13.71 -9.46
S SO4 L . -31.64 8.61 -15.36
O1 SO4 L . -31.72 9.69 -14.35
O2 SO4 L . -32.06 7.35 -14.75
O3 SO4 L . -32.60 9.03 -16.44
O4 SO4 L . -30.29 8.55 -15.87
#